data_8TOA
#
_entry.id   8TOA
#
loop_
_entity.id
_entity.type
_entity.pdbx_description
1 polymer 'H7.HK2  Neutralizing Antibody Heavy Chain'
2 polymer 'H7.HK2 Neutralizing Antibody Light Chain'
3 polymer Hemagglutinin
4 non-polymer 2-acetamido-2-deoxy-beta-D-glucopyranose
#
loop_
_entity_poly.entity_id
_entity_poly.type
_entity_poly.pdbx_seq_one_letter_code
_entity_poly.pdbx_strand_id
1 'polypeptide(L)'
;QVQLQGSGPGLLRPSETLSLTCSVSGVSINSYYWSWVRQPPGKALEWIGYIYYSGNTNYNPSLESRVTISVDRSKNQFSL
KMTSVTAADTARYFCARQGIFGDYGSDYWGPGTLVTVSS
;
H,D,A
2 'polypeptide(L)'
;DIVMTQSPLSLPVTPGEPASISCRSNQSLQHSNGYVHLDWYRQKPGQSPHLLIYLGFNRASGVPDRFSGGGSGTDFTLKI
SRVEAEDVGVYYCMQGLQTPFTFGPGTTVDLK
;
L,E,B
3 'polypeptide(L)'
;MNTQILVFALIAIIPTNADKICLGHHAVSNGTKVNTLCERGVEVVNATETVERTNIPRICSKGKRTVDLGQCGLLGTITG
PPQCDQFLEFSADLIIERREGSDVCYPGKFVNEEALRQILRESGGIDKEAMGFTYSGIRTNGATSSCRRSGSSFYAEMKW
LLSNTDNAAFPQMTKSYKNTRKNPALIVWGIHHSGSTAEQTKLYGSGNKLVTVGSSNYQQSFVPSPGARTQVNGQSGRID
FHWLMLNPNDTVTFSFNGAFIAPDRASFLRGKSMGIQSGVQVDADCEGDCYYSGGTIISNLPFQNIDSRAVGKCPRYVKQ
RSLLLATGMKNVPEIPKGRRRRRRGLFGAIAGFIENGWEGLIDGWYGFRHQNAQGEGTAADYKSTQSAIDCITGKLNRLI
EKTNQQFELIDNEFTEVEKQIGNVINWTRDSITEVWSYNAELLVAMENQHTIDLADSEMDKLYERVKRQLRENAEEDGTG
CFEIFHKCDDDCMASIRNNTYDHSKYREEAMQNRIQIDGVSGRLVPRGSPGSGYIPEAPRDGQAYVRKDGEWVLLSTFLG
HHHHHH
;
C,I,K
#
# COMPACT_ATOMS: atom_id res chain seq x y z
N GLN A 1 -7.63 -16.23 43.42
CA GLN A 1 -7.16 -16.17 44.83
C GLN A 1 -6.42 -17.47 45.18
N VAL A 2 -5.09 -17.41 45.25
CA VAL A 2 -4.27 -18.61 45.58
C VAL A 2 -4.14 -18.73 47.10
N GLN A 3 -3.80 -19.93 47.60
CA GLN A 3 -3.62 -20.14 49.06
C GLN A 3 -2.23 -20.73 49.32
N LEU A 4 -1.40 -20.04 50.11
CA LEU A 4 -0.01 -20.52 50.33
C LEU A 4 0.11 -21.21 51.69
N GLN A 5 0.97 -22.24 51.78
CA GLN A 5 1.13 -23.05 53.02
C GLN A 5 2.56 -23.57 53.07
N GLY A 6 3.25 -23.41 54.21
CA GLY A 6 4.67 -23.81 54.32
C GLY A 6 4.89 -24.88 55.38
N SER A 7 5.98 -25.65 55.25
CA SER A 7 6.30 -26.72 56.24
C SER A 7 7.81 -27.04 56.21
N GLY A 8 8.35 -27.56 57.31
CA GLY A 8 9.78 -27.95 57.34
C GLY A 8 10.31 -28.21 58.74
N PRO A 9 11.55 -28.75 58.89
CA PRO A 9 12.16 -28.98 60.20
C PRO A 9 12.36 -27.70 61.03
N GLY A 10 12.17 -27.79 62.36
CA GLY A 10 12.32 -26.61 63.24
C GLY A 10 13.62 -26.64 64.03
N LEU A 11 13.82 -27.67 64.85
CA LEU A 11 15.08 -27.82 65.62
C LEU A 11 16.17 -28.35 64.68
N LEU A 12 17.05 -27.47 64.22
CA LEU A 12 18.15 -27.98 63.36
C LEU A 12 19.50 -27.58 63.91
N ARG A 13 20.47 -28.51 63.81
CA ARG A 13 21.85 -28.21 64.25
C ARG A 13 22.55 -27.39 63.15
N PRO A 14 23.61 -26.62 63.47
CA PRO A 14 24.26 -25.76 62.48
C PRO A 14 25.16 -26.49 61.46
N SER A 15 25.48 -25.82 60.33
CA SER A 15 26.44 -26.35 59.30
C SER A 15 25.82 -27.32 58.29
N GLU A 16 24.80 -28.12 58.64
CA GLU A 16 24.36 -29.09 57.65
C GLU A 16 23.28 -28.47 56.74
N THR A 17 22.89 -29.24 55.74
CA THR A 17 21.96 -28.75 54.72
C THR A 17 20.54 -28.71 55.27
N LEU A 18 19.89 -27.57 55.12
CA LEU A 18 18.53 -27.35 55.61
C LEU A 18 17.51 -27.76 54.56
N SER A 19 16.37 -28.27 55.03
CA SER A 19 15.26 -28.65 54.18
C SER A 19 14.04 -27.79 54.49
N LEU A 20 13.25 -27.53 53.45
CA LEU A 20 12.04 -26.73 53.59
C LEU A 20 11.12 -27.08 52.41
N THR A 21 9.82 -26.90 52.61
CA THR A 21 8.85 -27.12 51.56
C THR A 21 7.69 -26.15 51.73
N CYS A 22 6.89 -25.99 50.68
CA CYS A 22 5.84 -24.98 50.69
C CYS A 22 4.79 -25.31 49.62
N SER A 23 3.55 -25.54 50.06
CA SER A 23 2.47 -25.96 49.18
C SER A 23 1.54 -24.81 48.84
N VAL A 24 1.12 -24.74 47.58
CA VAL A 24 0.27 -23.66 47.09
C VAL A 24 -0.93 -24.31 46.36
N SER A 25 -1.99 -23.53 46.19
CA SER A 25 -3.15 -23.97 45.44
C SER A 25 -3.47 -22.96 44.34
N GLY A 26 -4.47 -23.24 43.53
CA GLY A 26 -4.90 -22.28 42.48
C GLY A 26 -3.92 -22.18 41.32
N VAL A 27 -2.97 -21.22 41.38
CA VAL A 27 -2.05 -21.00 40.23
C VAL A 27 -1.25 -22.27 39.90
N SER A 28 -0.90 -23.11 40.89
CA SER A 28 -0.26 -24.41 40.56
C SER A 28 1.12 -24.22 39.89
N ILE A 29 1.87 -23.18 40.26
CA ILE A 29 3.25 -22.98 39.71
C ILE A 29 3.21 -23.19 38.19
N ASN A 30 2.18 -22.65 37.54
CA ASN A 30 2.04 -22.88 36.08
C ASN A 30 2.02 -21.54 35.37
N SER A 31 1.82 -20.46 36.11
CA SER A 31 1.66 -19.14 35.42
C SER A 31 2.63 -18.10 35.99
N TYR A 32 2.47 -17.72 37.26
CA TYR A 32 3.29 -16.64 37.84
C TYR A 32 4.55 -17.22 38.50
N TYR A 33 5.60 -16.40 38.63
CA TYR A 33 6.88 -16.86 39.24
C TYR A 33 6.98 -16.35 40.68
N TRP A 34 7.12 -17.29 41.63
CA TRP A 34 7.15 -16.92 43.07
C TRP A 34 8.56 -16.52 43.52
N SER A 35 8.66 -15.94 44.73
CA SER A 35 9.99 -15.55 45.26
C SER A 35 10.14 -16.03 46.71
N TRP A 36 11.22 -15.61 47.38
CA TRP A 36 11.45 -16.02 48.80
C TRP A 36 11.96 -14.84 49.64
N VAL A 37 11.67 -14.83 50.94
CA VAL A 37 12.14 -13.81 51.85
C VAL A 37 12.68 -14.49 53.10
N ARG A 38 13.18 -13.69 54.05
CA ARG A 38 13.70 -14.22 55.29
C ARG A 38 13.61 -13.18 56.40
N GLN A 39 13.10 -13.61 57.55
CA GLN A 39 12.80 -12.73 58.69
C GLN A 39 13.79 -12.91 59.83
N PRO A 40 14.71 -11.97 60.05
CA PRO A 40 15.50 -11.99 61.27
C PRO A 40 14.61 -11.73 62.48
N PRO A 41 14.95 -12.30 63.64
CA PRO A 41 14.06 -12.14 64.81
C PRO A 41 14.10 -10.74 65.40
N GLY A 42 13.04 -9.96 65.13
CA GLY A 42 12.89 -8.56 65.54
C GLY A 42 14.06 -7.69 65.07
N LYS A 43 14.52 -7.94 63.85
CA LYS A 43 15.45 -7.02 63.19
C LYS A 43 14.90 -6.63 61.82
N ALA A 44 15.73 -6.00 60.99
CA ALA A 44 15.28 -5.55 59.68
C ALA A 44 15.09 -6.75 58.75
N LEU A 45 13.99 -6.72 58.00
CA LEU A 45 13.64 -7.76 57.07
C LEU A 45 14.37 -7.58 55.74
N GLU A 46 14.63 -8.70 55.05
CA GLU A 46 15.30 -8.65 53.76
C GLU A 46 14.79 -9.76 52.85
N TRP A 47 15.30 -9.76 51.62
CA TRP A 47 14.72 -10.56 50.54
C TRP A 47 15.74 -11.58 50.05
N ILE A 48 15.25 -12.77 49.69
CA ILE A 48 16.15 -13.83 49.26
C ILE A 48 16.35 -13.80 47.75
N GLY A 49 15.29 -14.08 47.00
CA GLY A 49 15.43 -14.15 45.53
C GLY A 49 14.23 -14.77 44.85
N TYR A 50 14.04 -14.49 43.56
CA TYR A 50 12.85 -14.99 42.84
C TYR A 50 13.23 -16.15 41.93
N ILE A 51 12.27 -17.05 41.69
CA ILE A 51 12.52 -18.18 40.75
C ILE A 51 11.39 -18.17 39.70
N TYR A 52 11.76 -18.08 38.42
CA TYR A 52 10.73 -18.15 37.36
C TYR A 52 10.10 -19.54 37.39
N TYR A 53 8.79 -19.61 37.13
CA TYR A 53 8.10 -20.92 37.18
C TYR A 53 8.84 -21.89 36.23
N SER A 54 9.35 -21.37 35.11
CA SER A 54 10.15 -22.22 34.19
C SER A 54 11.40 -22.74 34.91
N GLY A 55 12.13 -21.87 35.62
CA GLY A 55 13.29 -22.32 36.40
C GLY A 55 14.43 -21.32 36.48
N ASN A 56 14.38 -20.24 35.69
CA ASN A 56 15.43 -19.19 35.75
C ASN A 56 15.43 -18.60 37.16
N THR A 57 16.60 -18.43 37.78
CA THR A 57 16.66 -17.96 39.19
C THR A 57 17.44 -16.65 39.31
N ASN A 58 17.08 -15.82 40.30
CA ASN A 58 17.82 -14.55 40.57
C ASN A 58 17.81 -14.32 42.08
N TYR A 59 18.89 -13.79 42.66
CA TYR A 59 18.94 -13.68 44.13
C TYR A 59 19.58 -12.38 44.64
N ASN A 60 19.83 -12.31 45.96
CA ASN A 60 20.42 -11.17 46.63
C ASN A 60 21.94 -11.31 46.65
N PRO A 61 22.68 -10.26 46.30
CA PRO A 61 24.15 -10.29 46.47
C PRO A 61 24.62 -10.38 47.93
N SER A 62 23.73 -10.27 48.91
CA SER A 62 24.10 -10.56 50.29
C SER A 62 24.47 -12.03 50.47
N LEU A 63 23.73 -12.93 49.84
CA LEU A 63 23.92 -14.37 49.98
C LEU A 63 23.45 -15.06 48.69
N GLU A 64 24.37 -15.73 47.99
CA GLU A 64 24.00 -16.43 46.77
C GLU A 64 24.19 -17.94 46.90
N SER A 65 25.36 -18.34 47.37
CA SER A 65 25.81 -19.72 47.19
C SER A 65 25.09 -20.68 48.12
N ARG A 66 24.68 -20.21 49.30
CA ARG A 66 24.13 -21.13 50.28
C ARG A 66 22.67 -21.48 49.98
N VAL A 67 21.99 -20.67 49.17
CA VAL A 67 20.56 -20.87 48.94
C VAL A 67 20.34 -21.57 47.60
N THR A 68 19.43 -22.53 47.59
CA THR A 68 19.00 -23.25 46.38
C THR A 68 17.48 -23.37 46.44
N ILE A 69 16.79 -22.67 45.56
CA ILE A 69 15.33 -22.73 45.50
C ILE A 69 14.91 -23.82 44.53
N SER A 70 14.04 -24.72 44.99
CA SER A 70 13.55 -25.80 44.15
C SER A 70 12.55 -25.29 43.13
N VAL A 71 12.47 -25.99 41.99
CA VAL A 71 11.52 -25.62 40.94
C VAL A 71 10.24 -26.41 41.14
N ASP A 72 10.33 -27.74 41.02
CA ASP A 72 9.25 -28.70 41.30
C ASP A 72 8.01 -28.41 40.45
N ARG A 73 8.15 -28.62 39.15
CA ARG A 73 7.07 -28.33 38.19
C ARG A 73 5.87 -29.24 38.40
N SER A 74 6.10 -30.55 38.48
CA SER A 74 5.00 -31.51 38.44
C SER A 74 4.20 -31.51 39.74
N LYS A 75 4.88 -31.65 40.87
CA LYS A 75 4.19 -31.57 42.16
C LYS A 75 3.80 -30.13 42.46
N ASN A 76 2.68 -29.97 43.17
CA ASN A 76 2.10 -28.65 43.36
C ASN A 76 2.64 -28.08 44.67
N GLN A 77 3.96 -28.07 44.83
CA GLN A 77 4.63 -27.45 45.97
C GLN A 77 6.07 -27.09 45.59
N PHE A 78 6.45 -25.83 45.79
CA PHE A 78 7.84 -25.45 45.55
C PHE A 78 8.57 -25.27 46.87
N SER A 79 9.87 -25.58 46.86
CA SER A 79 10.61 -25.84 48.09
C SER A 79 11.89 -25.01 48.12
N LEU A 80 12.51 -25.01 49.30
CA LEU A 80 13.78 -24.26 49.49
C LEU A 80 14.76 -25.09 50.31
N LYS A 81 16.04 -25.03 49.96
CA LYS A 81 17.11 -25.73 50.66
C LYS A 81 18.27 -24.75 50.89
N MET A 82 18.81 -24.75 52.11
CA MET A 82 19.97 -23.95 52.46
C MET A 82 21.08 -24.83 53.00
N THR A 83 22.30 -24.58 52.54
CA THR A 83 23.49 -25.25 53.04
C THR A 83 24.31 -24.29 53.90
N SER A 84 25.13 -24.87 54.77
CA SER A 84 26.01 -24.14 55.69
C SER A 84 25.23 -23.16 56.57
N VAL A 85 24.30 -23.71 57.35
CA VAL A 85 23.41 -22.89 58.16
C VAL A 85 24.16 -22.34 59.36
N THR A 86 23.68 -21.24 59.90
CA THR A 86 24.35 -20.49 60.95
C THR A 86 23.32 -20.13 62.02
N ALA A 87 23.76 -20.06 63.28
CA ALA A 87 22.91 -19.59 64.36
C ALA A 87 22.48 -18.14 64.18
N ALA A 88 23.27 -17.34 63.44
CA ALA A 88 22.81 -16.02 63.04
C ALA A 88 21.64 -16.10 62.06
N ASP A 89 21.57 -17.17 61.27
CA ASP A 89 20.45 -17.40 60.37
C ASP A 89 19.35 -18.23 61.04
N THR A 90 18.97 -17.81 62.25
CA THR A 90 17.83 -18.38 62.96
C THR A 90 16.64 -17.48 62.70
N ALA A 91 15.74 -17.93 61.80
CA ALA A 91 14.84 -16.99 61.15
C ALA A 91 13.42 -17.55 61.13
N ARG A 92 12.54 -16.74 60.52
CA ARG A 92 11.09 -17.07 60.37
C ARG A 92 10.75 -16.97 58.89
N TYR A 93 11.22 -17.92 58.08
CA TYR A 93 11.02 -18.01 56.64
C TYR A 93 9.56 -17.87 56.22
N PHE A 94 9.30 -16.93 55.30
CA PHE A 94 7.98 -16.69 54.74
C PHE A 94 7.99 -17.04 53.26
N CYS A 95 6.88 -17.58 52.79
CA CYS A 95 6.74 -18.16 51.46
C CYS A 95 5.65 -17.42 50.70
N ALA A 96 6.00 -16.75 49.60
CA ALA A 96 5.05 -15.76 49.07
C ALA A 96 5.33 -15.39 47.63
N ARG A 97 4.45 -14.51 47.14
CA ARG A 97 4.55 -13.81 45.86
C ARG A 97 4.39 -12.32 46.15
N GLN A 98 4.88 -11.47 45.24
CA GLN A 98 4.96 -10.04 45.53
C GLN A 98 4.43 -9.19 44.39
N GLY A 99 3.97 -7.98 44.74
CA GLY A 99 3.59 -6.98 43.75
C GLY A 99 4.83 -6.25 43.26
N ILE A 100 4.91 -6.06 41.95
CA ILE A 100 6.06 -5.49 41.29
C ILE A 100 6.69 -6.41 40.27
N PHE A 101 6.47 -7.71 40.41
CA PHE A 101 6.91 -8.65 39.40
C PHE A 101 5.96 -8.69 38.22
N GLY A 102 4.75 -8.18 38.40
CA GLY A 102 3.73 -8.19 37.35
C GLY A 102 2.32 -8.49 37.82
N ASP A 103 2.16 -9.30 38.87
CA ASP A 103 0.86 -9.48 39.48
C ASP A 103 0.65 -8.40 40.52
N TYR A 104 -0.57 -7.87 40.57
CA TYR A 104 -0.89 -6.76 41.46
C TYR A 104 -1.90 -7.18 42.53
N GLY A 105 -1.84 -8.47 42.87
CA GLY A 105 -2.83 -9.02 43.82
C GLY A 105 -2.17 -9.39 45.13
N SER A 106 -1.86 -8.38 45.94
CA SER A 106 -1.30 -8.61 47.30
C SER A 106 -0.08 -9.54 47.27
N ASP A 107 0.02 -10.42 48.27
CA ASP A 107 1.21 -11.29 48.41
C ASP A 107 0.77 -12.72 48.68
N TYR A 108 -0.38 -12.89 49.31
CA TYR A 108 -0.80 -14.25 49.70
C TYR A 108 0.37 -14.88 50.45
N TRP A 109 0.99 -14.12 51.36
CA TRP A 109 2.17 -14.62 52.11
C TRP A 109 1.79 -15.89 52.88
N GLY A 110 2.63 -16.92 52.79
CA GLY A 110 2.36 -18.18 53.51
C GLY A 110 2.73 -18.08 54.98
N PRO A 111 2.41 -19.09 55.81
CA PRO A 111 2.67 -19.02 57.25
C PRO A 111 4.16 -19.03 57.61
N GLY A 112 4.47 -18.70 58.87
CA GLY A 112 5.87 -18.64 59.31
C GLY A 112 6.42 -19.99 59.70
N THR A 113 7.35 -20.53 58.90
CA THR A 113 8.01 -21.78 59.27
C THR A 113 9.16 -21.42 60.21
N LEU A 114 8.90 -21.46 61.50
CA LEU A 114 9.89 -21.07 62.49
C LEU A 114 10.97 -22.14 62.61
N VAL A 115 12.23 -21.71 62.59
CA VAL A 115 13.37 -22.61 62.68
C VAL A 115 14.29 -22.10 63.78
N THR A 116 14.94 -23.03 64.47
CA THR A 116 15.94 -22.72 65.49
C THR A 116 17.24 -23.43 65.13
N VAL A 117 18.34 -22.69 65.20
CA VAL A 117 19.66 -23.21 64.84
C VAL A 117 20.47 -23.29 66.12
N SER A 118 20.55 -24.48 66.70
CA SER A 118 21.30 -24.70 67.93
C SER A 118 21.77 -26.14 67.98
N SER A 119 22.78 -26.38 68.83
CA SER A 119 23.34 -27.71 68.99
C SER A 119 22.62 -28.48 70.09
N ASP B 1 22.12 -3.05 45.14
CA ASP B 1 21.58 -2.90 46.48
C ASP B 1 21.14 -1.46 46.69
N ILE B 2 19.85 -1.27 46.96
CA ILE B 2 19.27 0.05 47.14
C ILE B 2 18.82 0.14 48.60
N VAL B 3 19.60 0.83 49.42
CA VAL B 3 19.34 0.92 50.85
C VAL B 3 18.15 1.84 51.05
N MET B 4 17.18 1.39 51.84
CA MET B 4 15.87 2.02 51.89
C MET B 4 15.80 2.81 53.19
N THR B 5 15.36 4.06 53.11
CA THR B 5 15.40 4.97 54.26
C THR B 5 14.00 5.32 54.72
N GLN B 6 13.56 4.67 55.80
CA GLN B 6 12.24 4.93 56.37
C GLN B 6 12.26 6.14 57.29
N SER B 7 11.10 6.80 57.39
CA SER B 7 10.90 7.92 58.29
C SER B 7 9.41 8.12 58.55
N PRO B 8 8.99 8.35 59.80
CA PRO B 8 9.79 8.34 61.02
C PRO B 8 9.91 6.95 61.64
N LEU B 9 10.26 6.88 62.93
CA LEU B 9 10.50 5.60 63.58
C LEU B 9 9.22 4.99 64.15
N SER B 10 8.56 5.68 65.06
CA SER B 10 7.38 5.12 65.72
C SER B 10 6.31 6.19 65.85
N LEU B 11 5.05 5.75 65.87
CA LEU B 11 3.91 6.66 65.94
C LEU B 11 3.01 6.27 67.11
N PRO B 12 3.19 6.86 68.28
CA PRO B 12 2.21 6.68 69.36
C PRO B 12 0.94 7.48 69.09
N VAL B 13 0.09 6.97 68.20
CA VAL B 13 -1.03 7.76 67.69
C VAL B 13 -2.18 7.73 68.70
N THR B 14 -2.95 8.81 68.70
CA THR B 14 -4.23 8.82 69.40
C THR B 14 -5.32 8.23 68.49
N PRO B 15 -6.37 7.65 69.07
CA PRO B 15 -7.48 7.16 68.24
C PRO B 15 -8.22 8.30 67.57
N GLY B 16 -8.42 8.19 66.26
CA GLY B 16 -9.16 9.18 65.52
C GLY B 16 -8.37 10.43 65.16
N GLU B 17 -7.33 10.29 64.34
CA GLU B 17 -6.57 11.44 63.85
C GLU B 17 -5.88 11.09 62.54
N PRO B 18 -5.66 12.07 61.66
CA PRO B 18 -4.91 11.79 60.42
C PRO B 18 -3.43 11.61 60.68
N ALA B 19 -2.92 10.41 60.35
CA ALA B 19 -1.53 10.05 60.54
C ALA B 19 -0.86 9.80 59.19
N SER B 20 0.46 9.84 59.18
CA SER B 20 1.22 9.71 57.94
C SER B 20 2.64 9.22 58.23
N ILE B 21 3.15 8.37 57.33
CA ILE B 21 4.52 7.85 57.40
C ILE B 21 5.15 7.99 56.03
N SER B 22 6.35 8.56 55.97
CA SER B 22 7.05 8.82 54.72
C SER B 22 7.98 7.66 54.36
N CYS B 23 8.55 7.76 53.17
CA CYS B 23 9.33 6.66 52.59
C CYS B 23 10.16 7.23 51.44
N ARG B 24 11.47 6.98 51.46
CA ARG B 24 12.39 7.58 50.50
C ARG B 24 13.66 6.74 50.45
N SER B 25 14.37 6.81 49.33
CA SER B 25 15.65 6.11 49.20
C SER B 25 16.66 7.01 48.49
N ASN B 26 17.87 6.50 48.33
CA ASN B 26 18.94 7.28 47.68
C ASN B 26 18.95 7.06 46.17
N GLN B 27 17.77 7.21 45.54
CA GLN B 27 17.60 7.06 44.11
C GLN B 27 16.27 7.68 43.74
N SER B 28 16.14 8.10 42.48
CA SER B 28 14.83 8.36 41.92
C SER B 28 14.20 7.04 41.48
N LEU B 29 12.97 6.81 41.91
CA LEU B 29 12.28 5.54 41.65
C LEU B 29 11.19 5.77 40.61
N GLN B 30 11.41 5.23 39.41
CA GLN B 30 10.46 5.37 38.31
C GLN B 30 10.69 4.23 37.33
N HIS B 31 9.61 3.56 36.93
CA HIS B 31 9.70 2.52 35.93
C HIS B 31 9.65 3.12 34.53
N SER B 32 9.89 2.27 33.53
CA SER B 32 9.89 2.71 32.14
C SER B 32 8.49 3.05 31.66
N ASN B 33 7.47 2.40 32.22
CA ASN B 33 6.09 2.66 31.81
C ASN B 33 5.61 4.05 32.21
N GLY B 34 6.07 4.55 33.36
CA GLY B 34 5.55 5.76 33.95
C GLY B 34 4.80 5.51 35.25
N TYR B 35 4.68 4.26 35.66
CA TYR B 35 4.04 3.92 36.93
C TYR B 35 5.11 3.52 37.94
N VAL B 36 5.14 4.23 39.07
CA VAL B 36 6.17 4.01 40.07
C VAL B 36 5.91 2.71 40.82
N HIS B 37 6.97 1.97 41.10
CA HIS B 37 6.88 0.70 41.82
C HIS B 37 7.22 0.93 43.29
N LEU B 38 6.14 1.23 44.02
CA LEU B 38 6.26 1.41 45.48
C LEU B 38 5.10 0.69 46.13
N ASP B 39 5.38 -0.01 47.19
CA ASP B 39 4.39 -0.81 47.89
C ASP B 39 4.30 -0.35 49.34
N TRP B 40 3.17 -0.65 49.97
CA TRP B 40 2.96 -0.43 51.39
C TRP B 40 2.43 -1.68 52.05
N TYR B 41 3.11 -2.10 53.11
CA TYR B 41 2.84 -3.35 53.80
C TYR B 41 2.37 -3.07 55.22
N ARG B 42 1.88 -4.12 55.88
CA ARG B 42 1.34 -4.02 57.24
C ARG B 42 1.41 -5.41 57.86
N GLN B 43 2.33 -5.61 58.79
CA GLN B 43 2.52 -6.92 59.43
C GLN B 43 2.03 -6.84 60.86
N LYS B 44 0.97 -7.59 61.16
CA LYS B 44 0.61 -7.85 62.55
C LYS B 44 1.68 -8.75 63.14
N PRO B 45 2.21 -8.43 64.32
CA PRO B 45 3.27 -9.28 64.91
C PRO B 45 2.76 -10.67 65.25
N GLY B 46 3.60 -11.67 64.95
CA GLY B 46 3.18 -13.04 65.10
C GLY B 46 2.27 -13.55 64.00
N GLN B 47 2.17 -12.84 62.89
CA GLN B 47 1.26 -13.19 61.82
C GLN B 47 1.81 -12.61 60.51
N SER B 48 1.36 -13.16 59.38
CA SER B 48 1.80 -12.78 58.06
C SER B 48 1.36 -11.35 57.73
N PRO B 49 2.13 -10.62 56.91
CA PRO B 49 1.77 -9.23 56.60
C PRO B 49 0.57 -9.13 55.66
N HIS B 50 0.20 -7.90 55.36
CA HIS B 50 -0.82 -7.59 54.36
C HIS B 50 -0.42 -6.34 53.60
N LEU B 51 -0.83 -6.29 52.33
CA LEU B 51 -0.63 -5.10 51.53
C LEU B 51 -1.86 -4.21 51.58
N LEU B 52 -1.63 -2.90 51.68
CA LEU B 52 -2.70 -1.91 51.72
C LEU B 52 -2.66 -0.93 50.55
N ILE B 53 -1.45 -0.57 50.08
CA ILE B 53 -1.26 0.32 48.94
C ILE B 53 -0.22 -0.32 48.01
N TYR B 54 -0.52 -0.38 46.71
CA TYR B 54 0.45 -0.86 45.74
C TYR B 54 0.67 0.18 44.66
N LEU B 55 1.76 0.01 43.90
CA LEU B 55 2.06 0.91 42.77
C LEU B 55 2.09 2.38 43.19
N GLY B 56 2.54 2.68 44.42
CA GLY B 56 2.66 4.08 44.75
C GLY B 56 1.35 4.74 45.11
N PHE B 57 0.68 5.31 44.11
CA PHE B 57 -0.46 6.19 44.31
C PHE B 57 -1.79 5.43 44.42
N ASN B 58 -1.79 4.13 44.21
CA ASN B 58 -2.99 3.42 43.80
C ASN B 58 -3.63 2.70 44.98
N ARG B 59 -4.96 2.76 45.02
CA ARG B 59 -5.76 1.95 45.95
C ARG B 59 -5.60 0.48 45.63
N ALA B 60 -5.43 -0.34 46.66
CA ALA B 60 -5.25 -1.76 46.48
C ALA B 60 -6.56 -2.52 46.61
N SER B 61 -6.54 -3.76 46.13
CA SER B 61 -7.71 -4.61 46.17
C SER B 61 -7.99 -5.09 47.59
N GLY B 62 -9.27 -5.11 47.95
CA GLY B 62 -9.68 -5.50 49.30
C GLY B 62 -9.29 -4.50 50.36
N VAL B 63 -9.13 -3.23 49.99
CA VAL B 63 -8.63 -2.22 50.92
C VAL B 63 -9.63 -1.08 50.99
N PRO B 64 -10.16 -0.75 52.17
CA PRO B 64 -11.10 0.36 52.27
C PRO B 64 -10.41 1.71 52.25
N ASP B 65 -11.18 2.72 52.65
CA ASP B 65 -11.00 4.08 52.15
C ASP B 65 -9.90 4.89 52.83
N ARG B 66 -9.46 4.48 54.03
CA ARG B 66 -8.53 5.32 54.85
C ARG B 66 -7.08 5.34 54.33
N PHE B 67 -6.70 4.42 53.46
CA PHE B 67 -5.35 4.40 52.91
C PHE B 67 -5.41 4.78 51.43
N SER B 68 -4.96 5.99 51.09
CA SER B 68 -4.70 6.36 49.71
C SER B 68 -3.46 7.27 49.62
N GLY B 69 -2.40 6.91 50.34
CA GLY B 69 -1.25 7.79 50.42
C GLY B 69 -0.45 7.81 49.13
N GLY B 70 0.06 8.99 48.79
CA GLY B 70 0.85 9.24 47.60
C GLY B 70 2.12 10.01 47.92
N GLY B 71 2.39 11.01 47.08
CA GLY B 71 3.56 11.87 47.23
C GLY B 71 4.00 12.42 45.89
N SER B 72 5.31 12.64 45.74
CA SER B 72 5.89 13.09 44.49
C SER B 72 7.36 12.67 44.44
N GLY B 73 7.81 12.34 43.23
CA GLY B 73 9.20 11.99 43.00
C GLY B 73 9.65 10.70 43.65
N THR B 74 10.62 10.81 44.57
CA THR B 74 11.17 9.66 45.27
C THR B 74 10.78 9.59 46.73
N ASP B 75 10.15 10.62 47.27
CA ASP B 75 9.64 10.62 48.64
C ASP B 75 8.12 10.54 48.58
N PHE B 76 7.58 9.38 48.95
CA PHE B 76 6.14 9.22 49.06
C PHE B 76 5.75 9.03 50.52
N THR B 77 4.46 9.17 50.81
CA THR B 77 3.99 9.07 52.21
C THR B 77 2.62 8.39 52.25
N LEU B 78 2.48 7.33 53.05
CA LEU B 78 1.16 6.69 53.21
C LEU B 78 0.32 7.54 54.17
N LYS B 79 -0.92 7.84 53.78
CA LYS B 79 -1.82 8.62 54.68
C LYS B 79 -2.85 7.69 55.33
N ILE B 80 -3.14 7.92 56.61
CA ILE B 80 -4.19 7.13 57.31
C ILE B 80 -5.20 8.15 57.83
N SER B 81 -6.44 8.11 57.34
CA SER B 81 -7.43 9.15 57.72
C SER B 81 -7.91 8.96 59.17
N ARG B 82 -8.37 7.76 59.53
CA ARG B 82 -8.95 7.58 60.85
C ARG B 82 -8.14 6.54 61.58
N VAL B 83 -7.87 6.76 62.86
CA VAL B 83 -7.14 5.79 63.68
C VAL B 83 -8.14 5.05 64.55
N GLU B 84 -8.18 3.72 64.40
CA GLU B 84 -9.03 2.84 65.16
C GLU B 84 -8.19 1.85 65.95
N ALA B 85 -8.87 0.86 66.56
CA ALA B 85 -8.19 -0.04 67.49
C ALA B 85 -7.31 -1.05 66.77
N GLU B 86 -7.70 -1.44 65.55
CA GLU B 86 -7.01 -2.49 64.82
C GLU B 86 -5.84 -1.98 63.98
N ASP B 87 -5.44 -0.72 64.16
CA ASP B 87 -4.34 -0.17 63.37
C ASP B 87 -2.97 -0.48 63.95
N VAL B 88 -2.90 -1.25 65.04
CA VAL B 88 -1.61 -1.64 65.60
C VAL B 88 -0.93 -2.64 64.68
N GLY B 89 0.37 -2.48 64.48
CA GLY B 89 1.13 -3.34 63.59
C GLY B 89 2.30 -2.62 62.95
N VAL B 90 3.35 -3.34 62.61
CA VAL B 90 4.55 -2.73 62.05
C VAL B 90 4.35 -2.55 60.54
N TYR B 91 4.70 -1.37 60.05
CA TYR B 91 4.44 -0.99 58.66
C TYR B 91 5.73 -1.00 57.84
N TYR B 92 5.62 -1.42 56.58
CA TYR B 92 6.75 -1.49 55.67
C TYR B 92 6.38 -0.86 54.35
N CYS B 93 7.34 -0.14 53.76
CA CYS B 93 7.22 0.35 52.40
C CYS B 93 8.30 -0.28 51.54
N MET B 94 7.99 -0.47 50.25
CA MET B 94 8.82 -1.32 49.40
C MET B 94 8.84 -0.93 47.93
N GLN B 95 10.05 -0.83 47.39
CA GLN B 95 10.32 -0.62 45.97
C GLN B 95 10.15 -1.91 45.16
N GLY B 96 9.99 -1.73 43.86
CA GLY B 96 9.90 -2.85 42.95
C GLY B 96 10.59 -2.62 41.62
N LEU B 97 11.58 -1.72 41.61
CA LEU B 97 12.25 -1.35 40.37
C LEU B 97 13.21 -2.44 39.88
N GLN B 98 14.18 -2.82 40.70
CA GLN B 98 15.21 -3.77 40.30
C GLN B 98 15.62 -4.62 41.49
N THR B 99 16.23 -5.75 41.19
CA THR B 99 16.88 -6.54 42.23
C THR B 99 18.17 -5.83 42.66
N PRO B 100 18.58 -5.88 43.95
CA PRO B 100 17.87 -6.60 44.99
C PRO B 100 16.72 -5.83 45.64
N PHE B 101 15.95 -6.52 46.48
CA PHE B 101 14.82 -5.94 47.18
C PHE B 101 15.22 -5.70 48.63
N THR B 102 15.06 -4.47 49.09
CA THR B 102 15.33 -4.10 50.48
C THR B 102 14.07 -3.57 51.13
N PHE B 103 13.49 -4.37 52.03
CA PHE B 103 12.41 -3.96 52.91
C PHE B 103 12.90 -2.90 53.91
N GLY B 104 11.95 -2.24 54.56
CA GLY B 104 12.25 -1.14 55.44
C GLY B 104 12.51 -1.59 56.86
N PRO B 105 13.07 -0.68 57.68
CA PRO B 105 13.26 -0.99 59.10
C PRO B 105 11.98 -1.28 59.86
N GLY B 106 10.88 -0.66 59.49
CA GLY B 106 9.62 -0.91 60.16
C GLY B 106 9.12 0.31 60.91
N THR B 107 7.81 0.44 60.97
CA THR B 107 7.16 1.56 61.66
C THR B 107 6.18 0.98 62.67
N THR B 108 6.61 0.89 63.92
CA THR B 108 5.80 0.31 65.00
C THR B 108 4.81 1.35 65.49
N VAL B 109 3.65 1.41 64.85
CA VAL B 109 2.58 2.31 65.25
C VAL B 109 1.77 1.65 66.37
N ASP B 110 1.40 2.43 67.37
CA ASP B 110 0.68 1.92 68.53
C ASP B 110 -0.10 3.10 69.13
N LEU B 111 -0.96 2.78 70.10
CA LEU B 111 -1.74 3.80 70.78
C LEU B 111 -0.94 4.48 71.88
N GLN C 1 5.72 40.99 22.21
CA GLN C 1 5.27 42.41 22.25
C GLN C 1 6.38 43.31 21.69
N VAL C 2 6.20 43.79 20.46
CA VAL C 2 7.20 44.69 19.80
C VAL C 2 6.94 46.14 20.22
N GLN C 3 7.94 47.02 20.06
CA GLN C 3 7.77 48.45 20.40
C GLN C 3 8.15 49.30 19.19
N LEU C 4 7.22 50.12 18.68
CA LEU C 4 7.52 50.91 17.45
C LEU C 4 7.84 52.37 17.80
N GLN C 5 8.74 52.99 17.05
CA GLN C 5 9.20 54.38 17.32
C GLN C 5 9.56 55.04 15.99
N GLY C 6 9.07 56.26 15.74
CA GLY C 6 9.31 56.94 14.45
C GLY C 6 10.08 58.25 14.61
N SER C 7 10.75 58.70 13.55
CA SER C 7 11.51 59.98 13.59
C SER C 7 11.70 60.54 12.16
N GLY C 8 11.89 61.85 12.04
CA GLY C 8 12.13 62.45 10.71
C GLY C 8 11.99 63.97 10.69
N PRO C 9 12.37 64.65 9.59
CA PRO C 9 12.22 66.11 9.47
C PRO C 9 10.76 66.60 9.57
N GLY C 10 10.54 67.77 10.19
CA GLY C 10 9.18 68.31 10.35
C GLY C 10 8.89 69.46 9.41
N LEU C 11 9.66 70.56 9.53
CA LEU C 11 9.45 71.76 8.69
C LEU C 11 10.24 71.59 7.39
N LEU C 12 9.55 71.29 6.27
CA LEU C 12 10.24 71.06 4.98
C LEU C 12 9.59 71.89 3.87
N ARG C 13 10.34 72.16 2.81
CA ARG C 13 9.77 72.88 1.63
C ARG C 13 9.10 71.86 0.71
N PRO C 14 8.15 72.28 -0.16
CA PRO C 14 7.50 71.38 -1.12
C PRO C 14 8.37 70.95 -2.31
N SER C 15 7.99 69.86 -3.01
CA SER C 15 8.66 69.39 -4.25
C SER C 15 9.90 68.51 -4.02
N GLU C 16 10.67 68.70 -2.95
CA GLU C 16 11.89 67.90 -2.86
C GLU C 16 11.61 66.57 -2.18
N THR C 17 12.64 65.72 -2.16
CA THR C 17 12.49 64.37 -1.63
C THR C 17 12.43 64.38 -0.11
N LEU C 18 11.42 63.72 0.45
CA LEU C 18 11.21 63.66 1.89
C LEU C 18 11.95 62.47 2.49
N SER C 19 12.44 62.65 3.72
CA SER C 19 13.11 61.60 4.47
C SER C 19 12.30 61.25 5.72
N LEU C 20 12.36 59.99 6.11
CA LEU C 20 11.67 59.49 7.29
C LEU C 20 12.37 58.22 7.74
N THR C 21 12.26 57.92 9.03
CA THR C 21 12.83 56.69 9.58
C THR C 21 11.94 56.21 10.73
N CYS C 22 12.12 54.95 11.11
CA CYS C 22 11.22 54.34 12.10
C CYS C 22 11.90 53.12 12.71
N SER C 23 12.12 53.14 14.03
CA SER C 23 12.84 52.10 14.74
C SER C 23 11.88 51.19 15.50
N VAL C 24 12.17 49.89 15.45
CA VAL C 24 11.32 48.88 16.08
C VAL C 24 12.21 47.99 16.95
N SER C 25 11.60 47.27 17.89
CA SER C 25 12.31 46.32 18.72
C SER C 25 11.63 44.96 18.63
N GLY C 26 12.18 43.96 19.32
CA GLY C 26 11.55 42.63 19.36
C GLY C 26 11.75 41.82 18.09
N VAL C 27 10.76 41.85 17.18
CA VAL C 27 10.81 41.02 15.93
C VAL C 27 12.09 41.34 15.14
N SER C 28 12.45 42.62 15.04
CA SER C 28 13.69 43.06 14.32
C SER C 28 13.56 42.85 12.80
N ILE C 29 12.38 43.09 12.22
CA ILE C 29 12.21 43.01 10.74
C ILE C 29 12.78 41.68 10.26
N ASN C 30 12.51 40.60 10.98
CA ASN C 30 13.10 39.30 10.62
C ASN C 30 11.99 38.29 10.38
N SER C 31 10.77 38.61 10.83
CA SER C 31 9.68 37.60 10.73
C SER C 31 8.46 38.17 10.02
N TYR C 32 7.79 39.17 10.61
CA TYR C 32 6.53 39.70 10.02
C TYR C 32 6.82 40.86 9.08
N TYR C 33 5.91 41.11 8.14
CA TYR C 33 6.09 42.20 7.15
C TYR C 33 5.24 43.42 7.55
N TRP C 34 5.89 44.57 7.74
CA TRP C 34 5.20 45.79 8.21
C TRP C 34 4.57 46.57 7.05
N SER C 35 3.71 47.54 7.37
CA SER C 35 3.08 48.37 6.30
C SER C 35 3.18 49.86 6.66
N TRP C 36 2.53 50.72 5.88
CA TRP C 36 2.55 52.18 6.15
C TRP C 36 1.16 52.81 5.95
N VAL C 37 0.86 53.89 6.68
CA VAL C 37 -0.39 54.61 6.55
C VAL C 37 -0.09 56.10 6.47
N ARG C 38 -1.14 56.91 6.33
CA ARG C 38 -0.96 58.36 6.28
C ARG C 38 -2.24 59.05 6.74
N GLN C 39 -2.07 60.04 7.62
CA GLN C 39 -3.16 60.75 8.28
C GLN C 39 -3.35 62.16 7.75
N PRO C 40 -4.40 62.41 6.96
CA PRO C 40 -4.74 63.80 6.65
C PRO C 40 -5.22 64.51 7.89
N PRO C 41 -4.98 65.83 7.98
CA PRO C 41 -5.34 66.55 9.21
C PRO C 41 -6.84 66.74 9.37
N GLY C 42 -7.42 65.94 10.28
CA GLY C 42 -8.87 65.91 10.55
C GLY C 42 -9.70 65.63 9.30
N LYS C 43 -9.20 64.75 8.43
CA LYS C 43 -9.99 64.22 7.34
C LYS C 43 -10.00 62.69 7.39
N ALA C 44 -10.48 62.07 6.32
CA ALA C 44 -10.54 60.61 6.28
C ALA C 44 -9.15 60.01 6.14
N LEU C 45 -8.91 58.96 6.92
CA LEU C 45 -7.63 58.26 6.93
C LEU C 45 -7.55 57.26 5.78
N GLU C 46 -6.33 57.01 5.30
CA GLU C 46 -6.11 56.05 4.23
C GLU C 46 -4.78 55.35 4.39
N TRP C 47 -4.52 54.40 3.50
CA TRP C 47 -3.44 53.43 3.67
C TRP C 47 -2.41 53.59 2.55
N ILE C 48 -1.13 53.42 2.89
CA ILE C 48 -0.08 53.60 1.89
C ILE C 48 0.24 52.29 1.18
N GLY C 49 0.79 51.33 1.93
CA GLY C 49 1.20 50.07 1.28
C GLY C 49 2.06 49.21 2.19
N TYR C 50 2.12 47.91 1.90
CA TYR C 50 2.89 46.99 2.78
C TYR C 50 4.20 46.59 2.11
N ILE C 51 5.21 46.28 2.94
CA ILE C 51 6.51 45.80 2.39
C ILE C 51 6.85 44.48 3.06
N TYR C 52 7.05 43.41 2.29
CA TYR C 52 7.46 42.13 2.89
C TYR C 52 8.86 42.31 3.49
N TYR C 53 9.10 41.66 4.63
CA TYR C 53 10.42 41.80 5.31
C TYR C 53 11.51 41.44 4.29
N SER C 54 11.25 40.46 3.42
CA SER C 54 12.22 40.12 2.35
C SER C 54 12.44 41.33 1.43
N GLY C 55 11.35 41.98 0.98
CA GLY C 55 11.50 43.21 0.17
C GLY C 55 10.42 43.39 -0.88
N ASN C 56 9.58 42.38 -1.11
CA ASN C 56 8.45 42.51 -2.07
C ASN C 56 7.53 43.64 -1.59
N THR C 57 7.12 44.55 -2.48
CA THR C 57 6.32 45.72 -2.05
C THR C 57 4.95 45.74 -2.73
N ASN C 58 3.94 46.32 -2.06
CA ASN C 58 2.59 46.47 -2.68
C ASN C 58 2.00 47.78 -2.14
N TYR C 59 1.25 48.52 -2.96
CA TYR C 59 0.78 49.85 -2.50
C TYR C 59 -0.65 50.19 -2.91
N ASN C 60 -1.06 51.44 -2.70
CA ASN C 60 -2.38 51.95 -3.03
C ASN C 60 -2.38 52.53 -4.44
N PRO C 61 -3.37 52.17 -5.27
CA PRO C 61 -3.52 52.84 -6.58
C PRO C 61 -3.82 54.33 -6.53
N SER C 62 -4.10 54.89 -5.35
CA SER C 62 -4.19 56.35 -5.22
C SER C 62 -2.84 57.01 -5.50
N LEU C 63 -1.76 56.41 -5.02
CA LEU C 63 -0.42 56.99 -5.15
C LEU C 63 0.60 55.84 -5.15
N GLU C 64 1.34 55.70 -6.25
CA GLU C 64 2.35 54.64 -6.32
C GLU C 64 3.75 55.21 -6.46
N SER C 65 3.94 56.14 -7.39
CA SER C 65 5.27 56.48 -7.88
C SER C 65 6.04 57.32 -6.87
N ARG C 66 5.33 58.14 -6.08
CA ARG C 66 6.02 59.08 -5.21
C ARG C 66 6.56 58.42 -3.95
N VAL C 67 6.03 57.25 -3.60
CA VAL C 67 6.41 56.61 -2.33
C VAL C 67 7.43 55.50 -2.59
N THR C 68 8.45 55.43 -1.73
CA THR C 68 9.47 54.39 -1.75
C THR C 68 9.70 53.97 -0.30
N ILE C 69 9.30 52.75 0.04
CA ILE C 69 9.50 52.23 1.39
C ILE C 69 10.83 51.49 1.45
N SER C 70 11.65 51.85 2.43
CA SER C 70 12.95 51.21 2.60
C SER C 70 12.80 49.81 3.19
N VAL C 71 13.75 48.95 2.88
CA VAL C 71 13.73 47.58 3.40
C VAL C 71 14.56 47.53 4.68
N ASP C 72 15.87 47.79 4.55
CA ASP C 72 16.81 47.94 5.67
C ASP C 72 16.86 46.69 6.54
N ARG C 73 17.37 45.59 5.96
CA ARG C 73 17.41 44.30 6.64
C ARG C 73 18.35 44.32 7.85
N SER C 74 19.57 44.81 7.66
CA SER C 74 20.59 44.66 8.68
C SER C 74 20.35 45.57 9.88
N LYS C 75 20.14 46.85 9.64
CA LYS C 75 19.82 47.77 10.71
C LYS C 75 18.39 47.55 11.19
N ASN C 76 18.17 47.77 12.48
CA ASN C 76 16.89 47.40 13.08
C ASN C 76 15.98 48.63 13.04
N GLN C 77 15.81 49.21 11.85
CA GLN C 77 14.87 50.31 11.61
C GLN C 77 14.48 50.35 10.13
N PHE C 78 13.20 50.32 9.84
CA PHE C 78 12.76 50.48 8.45
C PHE C 78 12.20 51.87 8.22
N SER C 79 12.39 52.37 7.00
CA SER C 79 12.28 53.80 6.72
C SER C 79 11.37 54.05 5.53
N LEU C 80 11.02 55.33 5.36
CA LEU C 80 10.13 55.72 4.23
C LEU C 80 10.65 57.01 3.59
N LYS C 81 10.57 57.11 2.27
CA LYS C 81 10.98 58.28 1.50
C LYS C 81 9.89 58.62 0.50
N MET C 82 9.54 59.91 0.42
CA MET C 82 8.56 60.40 -0.55
C MET C 82 9.20 61.49 -1.41
N THR C 83 8.96 61.41 -2.72
CA THR C 83 9.38 62.44 -3.66
C THR C 83 8.17 63.24 -4.13
N SER C 84 8.44 64.46 -4.60
CA SER C 84 7.44 65.41 -5.11
C SER C 84 6.35 65.68 -4.08
N VAL C 85 6.77 66.21 -2.93
CA VAL C 85 5.85 66.44 -1.81
C VAL C 85 4.97 67.64 -2.12
N THR C 86 3.81 67.68 -1.47
CA THR C 86 2.77 68.67 -1.74
C THR C 86 2.26 69.19 -0.41
N ALA C 87 1.84 70.47 -0.40
CA ALA C 87 1.20 71.04 0.78
C ALA C 87 -0.11 70.35 1.11
N ALA C 88 -0.78 69.74 0.12
CA ALA C 88 -1.92 68.88 0.41
C ALA C 88 -1.50 67.62 1.16
N ASP C 89 -0.27 67.16 0.95
CA ASP C 89 0.27 66.03 1.71
C ASP C 89 1.00 66.49 2.97
N THR C 90 0.34 67.35 3.74
CA THR C 90 0.81 67.76 5.06
C THR C 90 0.12 66.89 6.09
N ALA C 91 0.83 65.90 6.62
CA ALA C 91 0.18 64.76 7.24
C ALA C 91 0.84 64.41 8.56
N ARG C 92 0.28 63.35 9.18
CA ARG C 92 0.77 62.83 10.49
C ARG C 92 1.06 61.34 10.29
N TYR C 93 2.13 61.01 9.59
CA TYR C 93 2.60 59.65 9.27
C TYR C 93 2.68 58.75 10.49
N PHE C 94 2.02 57.60 10.42
CA PHE C 94 2.05 56.58 11.46
C PHE C 94 2.74 55.32 10.94
N CYS C 95 3.48 54.67 11.82
CA CYS C 95 4.37 53.57 11.50
C CYS C 95 3.95 52.33 12.26
N ALA C 96 3.53 51.27 11.55
CA ALA C 96 2.79 50.23 12.25
C ALA C 96 2.76 48.91 11.49
N ARG C 97 2.10 47.94 12.13
CA ARG C 97 1.73 46.65 11.61
C ARG C 97 0.24 46.46 11.85
N GLN C 98 -0.41 45.59 11.08
CA GLN C 98 -1.87 45.50 11.10
C GLN C 98 -2.35 44.07 11.20
N GLY C 99 -3.57 43.92 11.75
CA GLY C 99 -4.27 42.64 11.76
C GLY C 99 -4.96 42.42 10.42
N ILE C 100 -4.83 41.20 9.89
CA ILE C 100 -5.32 40.84 8.58
C ILE C 100 -4.24 40.38 7.66
N PHE C 101 -3.00 40.77 7.90
CA PHE C 101 -1.88 40.25 7.14
C PHE C 101 -1.47 38.86 7.63
N GLY C 102 -1.89 38.48 8.84
CA GLY C 102 -1.54 37.20 9.43
C GLY C 102 -1.25 37.23 10.91
N ASP C 103 -0.70 38.34 11.43
CA ASP C 103 -0.57 38.51 12.86
C ASP C 103 -1.84 39.10 13.41
N TYR C 104 -2.27 38.60 14.57
CA TYR C 104 -3.52 39.01 15.18
C TYR C 104 -3.30 39.76 16.49
N GLY C 105 -2.13 40.41 16.57
CA GLY C 105 -1.75 41.09 17.81
C GLY C 105 -1.78 42.59 17.65
N SER C 106 -2.98 43.17 17.63
CA SER C 106 -3.13 44.64 17.58
C SER C 106 -2.33 45.27 16.43
N ASP C 107 -1.73 46.43 16.68
CA ASP C 107 -1.04 47.18 15.62
C ASP C 107 0.32 47.64 16.12
N TYR C 108 0.42 47.88 17.43
CA TYR C 108 1.69 48.45 17.96
C TYR C 108 2.01 49.69 17.12
N TRP C 109 1.00 50.52 16.85
CA TRP C 109 1.18 51.72 16.00
C TRP C 109 2.27 52.61 16.62
N GLY C 110 3.21 53.09 15.81
CA GLY C 110 4.28 53.98 16.31
C GLY C 110 3.78 55.40 16.48
N PRO C 111 4.59 56.31 17.07
CA PRO C 111 4.14 57.69 17.32
C PRO C 111 3.94 58.52 16.05
N GLY C 112 3.28 59.67 16.20
CA GLY C 112 2.99 60.52 15.03
C GLY C 112 4.15 61.40 14.65
N THR C 113 4.79 61.14 13.50
CA THR C 113 5.85 62.02 13.01
C THR C 113 5.17 63.15 12.25
N LEU C 114 4.91 64.25 12.95
CA LEU C 114 4.22 65.38 12.36
C LEU C 114 5.13 66.12 11.38
N VAL C 115 4.60 66.41 10.20
CA VAL C 115 5.35 67.10 9.16
C VAL C 115 4.51 68.28 8.67
N THR C 116 5.19 69.37 8.30
CA THR C 116 4.56 70.54 7.72
C THR C 116 5.22 70.85 6.39
N VAL C 117 4.39 71.07 5.36
CA VAL C 117 4.86 71.32 4.00
C VAL C 117 4.55 72.78 3.69
N SER C 118 5.57 73.64 3.81
CA SER C 118 5.40 75.06 3.53
C SER C 118 6.74 75.64 3.12
N SER C 119 6.68 76.80 2.46
CA SER C 119 7.89 77.49 2.00
C SER C 119 8.41 78.45 3.06
N ASP D 1 -10.01 49.06 -5.16
CA ASP D 1 -10.43 50.07 -4.20
C ASP D 1 -11.84 49.74 -3.71
N ILE D 2 -11.98 49.49 -2.42
CA ILE D 2 -13.24 49.13 -1.81
C ILE D 2 -13.65 50.28 -0.88
N VAL D 3 -14.58 51.10 -1.34
CA VAL D 3 -15.00 52.27 -0.59
C VAL D 3 -15.84 51.83 0.59
N MET D 4 -15.50 52.34 1.77
CA MET D 4 -16.01 51.79 3.02
C MET D 4 -17.09 52.73 3.53
N THR D 5 -18.25 52.19 3.91
CA THR D 5 -19.41 53.01 4.27
C THR D 5 -19.73 52.86 5.74
N GLN D 6 -19.33 53.86 6.53
CA GLN D 6 -19.60 53.88 7.96
C GLN D 6 -21.00 54.39 8.25
N SER D 7 -21.56 53.93 9.37
CA SER D 7 -22.85 54.39 9.87
C SER D 7 -22.98 54.08 11.36
N PRO D 8 -23.46 55.01 12.19
CA PRO D 8 -23.83 56.40 11.85
C PRO D 8 -22.64 57.35 11.96
N LEU D 9 -22.91 58.64 12.08
CA LEU D 9 -21.86 59.65 12.09
C LEU D 9 -21.29 59.90 13.48
N SER D 10 -22.13 60.33 14.42
CA SER D 10 -21.65 60.68 15.75
C SER D 10 -22.62 60.15 16.79
N LEU D 11 -22.10 59.87 17.98
CA LEU D 11 -22.89 59.31 19.08
C LEU D 11 -22.72 60.17 20.33
N PRO D 12 -23.60 61.15 20.55
CA PRO D 12 -23.61 61.84 21.85
C PRO D 12 -24.19 60.97 22.94
N VAL D 13 -23.41 60.00 23.44
CA VAL D 13 -23.95 58.97 24.32
C VAL D 13 -24.07 59.50 25.74
N THR D 14 -25.04 58.97 26.47
CA THR D 14 -25.12 59.17 27.91
C THR D 14 -24.24 58.14 28.61
N PRO D 15 -23.72 58.47 29.80
CA PRO D 15 -22.95 57.46 30.55
C PRO D 15 -23.83 56.31 31.03
N GLY D 16 -23.38 55.09 30.76
CA GLY D 16 -24.09 53.90 31.19
C GLY D 16 -25.27 53.52 30.33
N GLU D 17 -25.03 53.17 29.07
CA GLU D 17 -26.09 52.69 28.18
C GLU D 17 -25.49 51.81 27.08
N PRO D 18 -26.24 50.83 26.56
CA PRO D 18 -25.74 50.03 25.44
C PRO D 18 -25.75 50.82 24.14
N ALA D 19 -24.56 50.99 23.55
CA ALA D 19 -24.39 51.73 22.31
C ALA D 19 -23.86 50.79 21.22
N SER D 20 -24.02 51.21 19.97
CA SER D 20 -23.65 50.38 18.84
C SER D 20 -23.36 51.23 17.61
N ILE D 21 -22.38 50.81 16.81
CA ILE D 21 -22.01 51.47 15.56
C ILE D 21 -21.86 50.40 14.48
N SER D 22 -22.50 50.60 13.34
CA SER D 22 -22.50 49.64 12.25
C SER D 22 -21.37 49.92 11.27
N CYS D 23 -21.23 49.01 10.31
CA CYS D 23 -20.10 49.02 9.38
C CYS D 23 -20.43 48.11 8.20
N ARG D 24 -20.32 48.63 6.98
CA ARG D 24 -20.74 47.92 5.79
C ARG D 24 -20.01 48.51 4.58
N SER D 25 -19.88 47.71 3.52
CA SER D 25 -19.29 48.20 2.28
C SER D 25 -20.07 47.67 1.09
N ASN D 26 -19.65 48.06 -0.10
CA ASN D 26 -20.33 47.62 -1.33
C ASN D 26 -19.75 46.32 -1.86
N GLN D 27 -19.64 45.32 -0.97
CA GLN D 27 -19.12 44.00 -1.31
C GLN D 27 -19.52 43.06 -0.18
N SER D 28 -19.61 41.77 -0.50
CA SER D 28 -19.60 40.76 0.54
C SER D 28 -18.18 40.49 0.98
N LEU D 29 -17.94 40.52 2.28
CA LEU D 29 -16.60 40.39 2.84
C LEU D 29 -16.47 39.02 3.51
N GLN D 30 -15.68 38.15 2.89
CA GLN D 30 -15.46 36.80 3.39
C GLN D 30 -14.14 36.27 2.85
N HIS D 31 -13.31 35.73 3.73
CA HIS D 31 -12.06 35.13 3.30
C HIS D 31 -12.29 33.68 2.86
N SER D 32 -11.24 33.09 2.29
CA SER D 32 -11.33 31.71 1.81
C SER D 32 -11.43 30.72 2.96
N ASN D 33 -10.84 31.05 4.12
CA ASN D 33 -10.87 30.16 5.27
C ASN D 33 -12.27 30.00 5.84
N GLY D 34 -13.08 31.06 5.81
CA GLY D 34 -14.34 31.10 6.50
C GLY D 34 -14.36 32.09 7.65
N TYR D 35 -13.24 32.76 7.92
CA TYR D 35 -13.17 33.78 8.95
C TYR D 35 -13.12 35.15 8.30
N VAL D 36 -14.08 36.01 8.66
CA VAL D 36 -14.21 37.31 8.04
C VAL D 36 -13.11 38.24 8.54
N HIS D 37 -12.55 39.04 7.64
CA HIS D 37 -11.50 40.00 7.99
C HIS D 37 -12.10 41.39 8.16
N LEU D 38 -12.48 41.61 9.43
CA LEU D 38 -13.02 42.93 9.81
C LEU D 38 -12.39 43.31 11.14
N ASP D 39 -11.99 44.55 11.25
CA ASP D 39 -11.30 45.05 12.42
C ASP D 39 -12.10 46.22 13.00
N TRP D 40 -11.87 46.49 14.28
CA TRP D 40 -12.41 47.65 14.97
C TRP D 40 -11.31 48.40 15.70
N TYR D 41 -11.22 49.70 15.43
CA TYR D 41 -10.16 50.55 15.92
C TYR D 41 -10.74 51.62 16.85
N ARG D 42 -9.84 52.32 17.54
CA ARG D 42 -10.22 53.34 18.52
C ARG D 42 -9.04 54.28 18.68
N GLN D 43 -9.16 55.49 18.12
CA GLN D 43 -8.07 56.47 18.17
C GLN D 43 -8.45 57.59 19.13
N LYS D 44 -7.71 57.70 20.22
CA LYS D 44 -7.76 58.90 21.05
C LYS D 44 -7.13 60.03 20.26
N PRO D 45 -7.77 61.20 20.16
CA PRO D 45 -7.19 62.29 19.37
C PRO D 45 -5.88 62.81 19.97
N GLY D 46 -4.92 63.07 19.09
CA GLY D 46 -3.59 63.42 19.53
C GLY D 46 -2.76 62.26 20.01
N GLN D 47 -3.17 61.02 19.71
CA GLN D 47 -2.48 59.84 20.21
C GLN D 47 -2.77 58.69 19.23
N SER D 48 -1.92 57.66 19.27
CA SER D 48 -2.01 56.51 18.39
C SER D 48 -3.27 55.69 18.68
N PRO D 49 -3.84 55.01 17.68
CA PRO D 49 -5.08 54.26 17.91
C PRO D 49 -4.84 52.99 18.72
N HIS D 50 -5.93 52.27 18.95
CA HIS D 50 -5.89 50.95 19.56
C HIS D 50 -6.93 50.06 18.91
N LEU D 51 -6.64 48.76 18.87
CA LEU D 51 -7.62 47.79 18.40
C LEU D 51 -8.39 47.20 19.57
N LEU D 52 -9.69 47.01 19.38
CA LEU D 52 -10.56 46.44 20.39
C LEU D 52 -11.23 45.14 19.94
N ILE D 53 -11.57 45.02 18.67
CA ILE D 53 -12.16 43.82 18.09
C ILE D 53 -11.40 43.49 16.79
N TYR D 54 -11.01 42.23 16.62
CA TYR D 54 -10.39 41.80 15.38
C TYR D 54 -11.16 40.63 14.80
N LEU D 55 -10.90 40.35 13.51
CA LEU D 55 -11.51 39.18 12.83
C LEU D 55 -13.04 39.21 12.95
N GLY D 56 -13.66 40.38 12.95
CA GLY D 56 -15.11 40.37 12.95
C GLY D 56 -15.72 40.09 14.30
N PHE D 57 -15.97 38.81 14.58
CA PHE D 57 -16.77 38.39 15.72
C PHE D 57 -15.96 38.23 17.00
N ASN D 58 -14.64 38.38 16.94
CA ASN D 58 -13.75 37.79 17.92
C ASN D 58 -13.28 38.83 18.94
N ARG D 59 -13.24 38.40 20.20
CA ARG D 59 -12.63 39.18 21.27
C ARG D 59 -11.13 39.33 21.02
N ALA D 60 -10.61 40.54 21.21
CA ALA D 60 -9.19 40.81 20.98
C ALA D 60 -8.39 40.69 22.26
N SER D 61 -7.08 40.58 22.09
CA SER D 61 -6.15 40.44 23.20
C SER D 61 -6.03 41.76 23.95
N GLY D 62 -5.99 41.67 25.28
CA GLY D 62 -5.90 42.85 26.13
C GLY D 62 -7.16 43.68 26.13
N VAL D 63 -8.30 43.07 25.83
CA VAL D 63 -9.55 43.82 25.69
C VAL D 63 -10.58 43.25 26.65
N PRO D 64 -11.15 44.06 27.55
CA PRO D 64 -12.16 43.55 28.47
C PRO D 64 -13.52 43.40 27.81
N ASP D 65 -14.53 43.25 28.66
CA ASP D 65 -15.73 42.51 28.32
C ASP D 65 -16.78 43.28 27.52
N ARG D 66 -16.71 44.62 27.52
CA ARG D 66 -17.80 45.45 26.93
C ARG D 66 -17.83 45.46 25.40
N PHE D 67 -16.75 45.04 24.74
CA PHE D 67 -16.71 45.00 23.28
C PHE D 67 -16.72 43.54 22.82
N SER D 68 -17.84 43.07 22.28
CA SER D 68 -17.89 41.81 21.55
C SER D 68 -18.85 41.91 20.37
N GLY D 69 -18.76 43.00 19.61
CA GLY D 69 -19.73 43.24 18.56
C GLY D 69 -19.51 42.33 17.36
N GLY D 70 -20.62 41.88 16.77
CA GLY D 70 -20.63 41.00 15.62
C GLY D 70 -21.56 41.51 14.53
N GLY D 71 -22.36 40.58 13.98
CA GLY D 71 -23.31 40.89 12.93
C GLY D 71 -23.56 39.68 12.05
N SER D 72 -23.85 39.93 10.78
CA SER D 72 -24.03 38.87 9.80
C SER D 72 -23.74 39.42 8.41
N GLY D 73 -23.16 38.57 7.56
CA GLY D 73 -22.89 38.91 6.18
C GLY D 73 -21.85 39.99 5.98
N THR D 74 -22.26 41.12 5.40
CA THR D 74 -21.37 42.23 5.12
C THR D 74 -21.61 43.44 5.99
N ASP D 75 -22.70 43.45 6.77
CA ASP D 75 -23.00 44.52 7.71
C ASP D 75 -22.76 43.99 9.12
N PHE D 76 -21.68 44.44 9.77
CA PHE D 76 -21.43 44.10 11.15
C PHE D 76 -21.58 45.34 12.02
N THR D 77 -21.67 45.13 13.34
CA THR D 77 -21.88 46.27 14.26
C THR D 77 -21.11 46.03 15.56
N LEU D 78 -20.27 46.98 15.97
CA LEU D 78 -19.56 46.86 17.27
C LEU D 78 -20.55 47.22 18.38
N LYS D 79 -20.64 46.38 19.41
CA LYS D 79 -21.54 46.69 20.56
C LYS D 79 -20.71 47.17 21.76
N ILE D 80 -21.21 48.18 22.47
CA ILE D 80 -20.52 48.67 23.71
C ILE D 80 -21.56 48.54 24.83
N SER D 81 -21.29 47.69 25.83
CA SER D 81 -22.30 47.43 26.88
C SER D 81 -22.43 48.62 27.83
N ARG D 82 -21.32 49.12 28.40
CA ARG D 82 -21.42 50.17 29.40
C ARG D 82 -20.66 51.38 28.88
N VAL D 83 -21.21 52.57 29.07
CA VAL D 83 -20.54 53.80 28.66
C VAL D 83 -19.95 54.45 29.91
N GLU D 84 -18.63 54.64 29.90
CA GLU D 84 -17.88 55.27 30.97
C GLU D 84 -17.19 56.53 30.45
N ALA D 85 -16.34 57.12 31.30
CA ALA D 85 -15.75 58.42 31.00
C ALA D 85 -14.67 58.32 29.93
N GLU D 86 -13.97 57.18 29.86
CA GLU D 86 -12.83 57.03 28.97
C GLU D 86 -13.23 56.52 27.58
N ASP D 87 -14.52 56.49 27.26
CA ASP D 87 -14.95 56.00 25.96
C ASP D 87 -14.91 57.07 24.87
N VAL D 88 -14.44 58.27 25.18
CA VAL D 88 -14.32 59.31 24.17
C VAL D 88 -13.17 58.97 23.22
N GLY D 89 -13.39 59.18 21.92
CA GLY D 89 -12.41 58.84 20.91
C GLY D 89 -13.05 58.48 19.60
N VAL D 90 -12.37 58.70 18.48
CA VAL D 90 -12.92 58.44 17.16
C VAL D 90 -12.71 56.96 16.83
N TYR D 91 -13.76 56.31 16.32
CA TYR D 91 -13.76 54.87 16.09
C TYR D 91 -13.68 54.56 14.60
N TYR D 92 -12.95 53.50 14.28
CA TYR D 92 -12.76 53.08 12.89
C TYR D 92 -13.01 51.58 12.78
N CYS D 93 -13.64 51.19 11.68
CA CYS D 93 -13.77 49.78 11.32
C CYS D 93 -13.04 49.53 10.01
N MET D 94 -12.53 48.31 9.86
CA MET D 94 -11.57 48.04 8.79
C MET D 94 -11.58 46.62 8.26
N GLN D 95 -11.65 46.50 6.94
CA GLN D 95 -11.53 45.25 6.19
C GLN D 95 -10.08 44.79 6.08
N GLY D 96 -9.93 43.51 5.78
CA GLY D 96 -8.60 42.95 5.55
C GLY D 96 -8.57 41.92 4.44
N LEU D 97 -9.51 42.00 3.51
CA LEU D 97 -9.62 41.00 2.44
C LEU D 97 -8.53 41.17 1.39
N GLN D 98 -8.46 42.33 0.76
CA GLN D 98 -7.53 42.56 -0.34
C GLN D 98 -7.04 43.99 -0.31
N THR D 99 -5.91 44.22 -0.99
CA THR D 99 -5.48 45.59 -1.24
C THR D 99 -6.37 46.22 -2.31
N PRO D 100 -6.68 47.53 -2.25
CA PRO D 100 -6.17 48.43 -1.22
C PRO D 100 -6.98 48.44 0.09
N PHE D 101 -6.45 49.12 1.09
CA PHE D 101 -7.08 49.23 2.40
C PHE D 101 -7.70 50.62 2.53
N THR D 102 -9.00 50.66 2.84
CA THR D 102 -9.71 51.91 3.05
C THR D 102 -10.28 51.94 4.47
N PHE D 103 -9.67 52.77 5.31
CA PHE D 103 -10.19 53.11 6.63
C PHE D 103 -11.50 53.89 6.52
N GLY D 104 -12.21 54.00 7.63
CA GLY D 104 -13.52 54.61 7.65
C GLY D 104 -13.45 56.10 7.89
N PRO D 105 -14.57 56.79 7.66
CA PRO D 105 -14.63 58.23 7.95
C PRO D 105 -14.43 58.56 9.43
N GLY D 106 -14.85 57.70 10.33
CA GLY D 106 -14.66 57.95 11.75
C GLY D 106 -15.98 58.14 12.46
N THR D 107 -16.01 57.72 13.73
CA THR D 107 -17.20 57.84 14.57
C THR D 107 -16.80 58.58 15.85
N THR D 108 -17.07 59.89 15.87
CA THR D 108 -16.69 60.75 16.99
C THR D 108 -17.73 60.59 18.10
N VAL D 109 -17.53 59.60 18.96
CA VAL D 109 -18.41 59.38 20.10
C VAL D 109 -17.97 60.29 21.24
N ASP D 110 -18.94 60.86 21.94
CA ASP D 110 -18.67 61.81 23.02
C ASP D 110 -19.88 61.79 23.96
N LEU D 111 -19.74 62.47 25.09
CA LEU D 111 -20.82 62.55 26.06
C LEU D 111 -21.81 63.64 25.68
N GLN E 1 -45.61 11.42 2.18
CA GLN E 1 -46.95 10.95 2.62
C GLN E 1 -47.79 10.57 1.40
N VAL E 2 -47.93 9.26 1.15
CA VAL E 2 -48.73 8.77 -0.02
C VAL E 2 -50.21 8.68 0.38
N GLN E 3 -51.10 8.65 -0.61
CA GLN E 3 -52.56 8.52 -0.34
C GLN E 3 -53.12 7.33 -1.11
N LEU E 4 -53.70 6.35 -0.40
CA LEU E 4 -54.19 5.13 -1.11
C LEU E 4 -55.71 5.18 -1.29
N GLN E 5 -56.22 4.62 -2.39
CA GLN E 5 -57.67 4.68 -2.73
C GLN E 5 -58.01 3.41 -3.52
N GLY E 6 -59.08 2.70 -3.14
CA GLY E 6 -59.46 1.44 -3.80
C GLY E 6 -60.82 1.49 -4.47
N SER E 7 -61.06 0.63 -5.46
CA SER E 7 -62.39 0.59 -6.16
C SER E 7 -62.59 -0.78 -6.82
N GLY E 8 -63.85 -1.18 -7.04
CA GLY E 8 -64.13 -2.46 -7.73
C GLY E 8 -65.57 -2.91 -7.59
N PRO E 9 -66.01 -3.96 -8.33
CA PRO E 9 -67.37 -4.50 -8.22
C PRO E 9 -67.74 -5.02 -6.82
N GLY E 10 -68.99 -4.83 -6.39
CA GLY E 10 -69.42 -5.27 -5.06
C GLY E 10 -70.28 -6.52 -5.11
N LEU E 11 -71.43 -6.46 -5.80
CA LEU E 11 -72.30 -7.65 -5.97
C LEU E 11 -71.69 -8.56 -7.04
N LEU E 12 -71.10 -9.68 -6.64
CA LEU E 12 -70.45 -10.56 -7.65
C LEU E 12 -70.86 -12.01 -7.45
N ARG E 13 -71.33 -12.66 -8.52
CA ARG E 13 -71.74 -14.09 -8.46
C ARG E 13 -70.49 -14.96 -8.25
N PRO E 14 -70.62 -16.19 -7.69
CA PRO E 14 -69.46 -17.03 -7.42
C PRO E 14 -68.82 -17.71 -8.64
N SER E 15 -67.58 -18.19 -8.53
CA SER E 15 -66.87 -18.97 -9.59
C SER E 15 -66.20 -18.13 -10.68
N GLU E 16 -66.71 -16.95 -11.03
CA GLU E 16 -66.07 -16.26 -12.15
C GLU E 16 -64.93 -15.38 -11.65
N THR E 17 -64.20 -14.81 -12.61
CA THR E 17 -63.01 -14.02 -12.30
C THR E 17 -63.39 -12.67 -11.72
N LEU E 18 -62.79 -12.32 -10.58
CA LEU E 18 -63.06 -11.07 -9.89
C LEU E 18 -62.13 -9.97 -10.39
N SER E 19 -62.66 -8.75 -10.42
CA SER E 19 -61.89 -7.57 -10.78
C SER E 19 -61.78 -6.62 -9.60
N LEU E 20 -60.65 -5.91 -9.53
CA LEU E 20 -60.40 -4.94 -8.48
C LEU E 20 -59.34 -3.97 -8.98
N THR E 21 -59.35 -2.76 -8.44
CA THR E 21 -58.36 -1.74 -8.78
C THR E 21 -58.08 -0.89 -7.56
N CYS E 22 -56.98 -0.15 -7.60
CA CYS E 22 -56.55 0.61 -6.42
C CYS E 22 -55.58 1.71 -6.84
N SER E 23 -55.95 2.97 -6.59
CA SER E 23 -55.17 4.13 -7.03
C SER E 23 -54.39 4.74 -5.87
N VAL E 24 -53.14 5.12 -6.16
CA VAL E 24 -52.25 5.67 -5.15
C VAL E 24 -51.69 6.99 -5.70
N SER E 25 -51.16 7.82 -4.81
CA SER E 25 -50.50 9.06 -5.18
C SER E 25 -49.11 9.10 -4.58
N GLY E 26 -48.35 10.16 -4.88
CA GLY E 26 -47.01 10.33 -4.29
C GLY E 26 -45.98 9.35 -4.84
N VAL E 27 -45.79 8.20 -4.18
CA VAL E 27 -44.72 7.25 -4.59
C VAL E 27 -44.91 6.80 -6.05
N SER E 28 -46.15 6.69 -6.54
CA SER E 28 -46.35 6.38 -7.98
C SER E 28 -45.76 5.02 -8.38
N ILE E 29 -45.83 4.02 -7.49
CA ILE E 29 -45.37 2.64 -7.84
C ILE E 29 -44.02 2.74 -8.55
N ASN E 30 -43.13 3.59 -8.04
CA ASN E 30 -41.83 3.80 -8.73
C ASN E 30 -40.70 3.48 -7.76
N SER E 31 -41.01 3.39 -6.47
CA SER E 31 -39.91 3.21 -5.48
C SER E 31 -40.18 2.01 -4.57
N TYR E 32 -41.22 2.06 -3.75
CA TYR E 32 -41.47 0.98 -2.76
C TYR E 32 -42.39 -0.09 -3.36
N TYR E 33 -42.32 -1.32 -2.82
CA TYR E 33 -43.16 -2.43 -3.34
C TYR E 33 -44.35 -2.66 -2.40
N TRP E 34 -45.56 -2.59 -2.95
CA TRP E 34 -46.79 -2.71 -2.14
C TRP E 34 -47.26 -4.16 -2.05
N SER E 35 -48.47 -4.36 -1.53
CA SER E 35 -49.03 -5.72 -1.36
C SER E 35 -50.56 -5.65 -1.23
N TRP E 36 -51.21 -6.80 -1.09
CA TRP E 36 -52.69 -6.82 -0.87
C TRP E 36 -52.99 -7.64 0.38
N VAL E 37 -54.11 -7.37 1.05
CA VAL E 37 -54.53 -8.18 2.24
C VAL E 37 -56.03 -8.50 2.10
N ARG E 38 -56.52 -9.47 2.88
CA ARG E 38 -57.95 -9.85 2.81
C ARG E 38 -58.55 -9.96 4.21
N GLN E 39 -59.70 -9.33 4.44
CA GLN E 39 -60.37 -9.43 5.76
C GLN E 39 -61.74 -10.08 5.55
N PRO E 40 -61.92 -11.38 5.83
CA PRO E 40 -63.23 -12.03 5.74
C PRO E 40 -64.20 -11.35 6.73
N PRO E 41 -65.53 -11.36 6.49
CA PRO E 41 -66.48 -10.64 7.33
C PRO E 41 -66.18 -10.79 8.83
N GLY E 42 -65.66 -9.74 9.46
CA GLY E 42 -65.37 -9.76 10.92
C GLY E 42 -64.66 -11.06 11.31
N LYS E 43 -63.62 -11.44 10.56
CA LYS E 43 -62.86 -12.68 10.86
C LYS E 43 -61.41 -12.32 11.16
N ALA E 44 -60.47 -13.18 10.74
CA ALA E 44 -59.04 -12.94 11.00
C ALA E 44 -58.40 -12.28 9.77
N LEU E 45 -57.71 -11.15 9.98
CA LEU E 45 -57.04 -10.44 8.86
C LEU E 45 -56.00 -11.38 8.23
N GLU E 46 -55.94 -11.42 6.90
CA GLU E 46 -54.98 -12.31 6.18
C GLU E 46 -54.10 -11.47 5.25
N TRP E 47 -52.96 -12.00 4.84
CA TRP E 47 -52.02 -11.25 3.96
C TRP E 47 -51.98 -11.93 2.59
N ILE E 48 -52.60 -11.32 1.57
CA ILE E 48 -52.68 -11.96 0.22
C ILE E 48 -51.26 -12.20 -0.31
N GLY E 49 -50.41 -11.18 -0.26
CA GLY E 49 -49.05 -11.32 -0.80
C GLY E 49 -48.49 -9.99 -1.30
N TYR E 50 -47.16 -9.89 -1.44
CA TYR E 50 -46.55 -8.59 -1.83
C TYR E 50 -46.16 -8.60 -3.31
N ILE E 51 -46.09 -7.42 -3.91
CA ILE E 51 -45.65 -7.32 -5.33
C ILE E 51 -44.57 -6.24 -5.43
N TYR E 52 -43.41 -6.59 -5.99
CA TYR E 52 -42.32 -5.60 -6.15
C TYR E 52 -42.70 -4.59 -7.23
N TYR E 53 -42.27 -3.35 -7.08
CA TYR E 53 -42.54 -2.35 -8.14
C TYR E 53 -41.93 -2.87 -9.45
N SER E 54 -40.78 -3.54 -9.37
CA SER E 54 -40.20 -4.16 -10.59
C SER E 54 -41.21 -5.17 -11.17
N GLY E 55 -41.78 -6.03 -10.31
CA GLY E 55 -42.81 -6.98 -10.79
C GLY E 55 -42.79 -8.32 -10.05
N ASN E 56 -41.69 -8.66 -9.40
CA ASN E 56 -41.58 -9.98 -8.72
C ASN E 56 -42.70 -10.10 -7.68
N THR E 57 -43.44 -11.21 -7.70
CA THR E 57 -44.61 -11.37 -6.79
C THR E 57 -44.34 -12.45 -5.73
N ASN E 58 -45.01 -12.35 -4.57
CA ASN E 58 -44.87 -13.39 -3.52
C ASN E 58 -46.17 -13.44 -2.72
N TYR E 59 -47.08 -14.34 -3.09
CA TYR E 59 -48.39 -14.45 -2.40
C TYR E 59 -48.29 -15.38 -1.18
N ASN E 60 -49.29 -15.35 -0.30
CA ASN E 60 -49.30 -16.23 0.90
C ASN E 60 -49.49 -17.68 0.46
N PRO E 61 -48.66 -18.64 0.92
CA PRO E 61 -48.84 -20.06 0.59
C PRO E 61 -50.29 -20.53 0.75
N SER E 62 -50.98 -20.05 1.79
CA SER E 62 -52.38 -20.49 2.07
C SER E 62 -53.19 -20.47 0.77
N LEU E 63 -53.24 -19.31 0.10
CA LEU E 63 -53.96 -19.21 -1.19
C LEU E 63 -53.01 -18.59 -2.23
N GLU E 64 -52.66 -19.35 -3.27
CA GLU E 64 -51.68 -18.84 -4.26
C GLU E 64 -52.22 -19.02 -5.67
N SER E 65 -52.83 -20.17 -5.96
CA SER E 65 -53.31 -20.48 -7.34
C SER E 65 -54.49 -19.58 -7.73
N ARG E 66 -55.29 -19.14 -6.77
CA ARG E 66 -56.51 -18.37 -7.12
C ARG E 66 -56.27 -16.85 -7.04
N VAL E 67 -55.03 -16.41 -6.80
CA VAL E 67 -54.81 -14.94 -6.62
C VAL E 67 -53.69 -14.43 -7.52
N THR E 68 -53.90 -13.27 -8.17
CA THR E 68 -52.85 -12.64 -9.02
C THR E 68 -52.93 -11.12 -8.84
N ILE E 69 -51.79 -10.46 -8.65
CA ILE E 69 -51.77 -8.99 -8.41
C ILE E 69 -51.22 -8.29 -9.66
N SER E 70 -51.83 -7.16 -10.04
CA SER E 70 -51.40 -6.40 -11.24
C SER E 70 -50.33 -5.37 -10.86
N VAL E 71 -49.21 -5.35 -11.60
CA VAL E 71 -48.14 -4.34 -11.34
C VAL E 71 -48.66 -2.97 -11.77
N ASP E 72 -49.03 -2.82 -13.05
CA ASP E 72 -49.57 -1.53 -13.58
C ASP E 72 -48.62 -0.39 -13.21
N ARG E 73 -47.37 -0.44 -13.70
CA ARG E 73 -46.35 0.58 -13.36
C ARG E 73 -46.67 1.93 -14.01
N SER E 74 -46.98 1.95 -15.30
CA SER E 74 -47.20 3.23 -16.03
C SER E 74 -48.30 4.05 -15.36
N LYS E 75 -49.46 3.43 -15.11
CA LYS E 75 -50.57 4.12 -14.42
C LYS E 75 -50.24 4.20 -12.92
N ASN E 76 -50.79 5.19 -12.22
CA ASN E 76 -50.48 5.38 -10.78
C ASN E 76 -51.46 4.55 -9.94
N GLN E 77 -51.68 3.29 -10.33
CA GLN E 77 -52.63 2.42 -9.60
C GLN E 77 -52.21 0.94 -9.73
N PHE E 78 -52.47 0.13 -8.70
CA PHE E 78 -52.19 -1.33 -8.81
C PHE E 78 -53.50 -2.10 -8.60
N SER E 79 -53.77 -3.09 -9.44
CA SER E 79 -55.09 -3.80 -9.38
C SER E 79 -54.95 -5.22 -8.83
N LEU E 80 -56.07 -5.86 -8.48
CA LEU E 80 -56.06 -7.25 -7.97
C LEU E 80 -57.07 -8.10 -8.76
N LYS E 81 -56.66 -9.31 -9.16
CA LYS E 81 -57.57 -10.23 -9.89
C LYS E 81 -57.64 -11.56 -9.15
N MET E 82 -58.82 -11.91 -8.63
CA MET E 82 -58.97 -13.19 -7.87
C MET E 82 -59.85 -14.16 -8.69
N THR E 83 -59.36 -15.37 -8.94
CA THR E 83 -60.14 -16.39 -9.69
C THR E 83 -60.80 -17.35 -8.69
N SER E 84 -61.76 -18.16 -9.17
CA SER E 84 -62.45 -19.14 -8.30
C SER E 84 -62.99 -18.46 -7.05
N VAL E 85 -63.75 -17.38 -7.21
CA VAL E 85 -64.33 -16.66 -6.04
C VAL E 85 -65.38 -17.54 -5.36
N THR E 86 -65.45 -17.51 -4.03
CA THR E 86 -66.38 -18.39 -3.28
C THR E 86 -67.05 -17.58 -2.17
N ALA E 87 -68.06 -18.16 -1.50
CA ALA E 87 -68.69 -17.47 -0.36
C ALA E 87 -67.62 -17.24 0.72
N ALA E 88 -66.59 -18.10 0.74
CA ALA E 88 -65.47 -17.91 1.69
C ALA E 88 -64.67 -16.66 1.28
N ASP E 89 -64.60 -16.38 -0.03
CA ASP E 89 -63.85 -15.20 -0.54
C ASP E 89 -64.63 -13.90 -0.22
N THR E 90 -65.89 -14.00 0.20
CA THR E 90 -66.62 -12.79 0.66
C THR E 90 -65.70 -12.10 1.65
N ALA E 91 -65.42 -10.80 1.49
CA ALA E 91 -64.41 -10.17 2.32
C ALA E 91 -64.46 -8.65 2.14
N ARG E 92 -63.54 -8.00 2.87
CA ARG E 92 -63.40 -6.52 2.87
C ARG E 92 -61.93 -6.21 2.53
N TYR E 93 -61.54 -6.41 1.27
CA TYR E 93 -60.20 -6.19 0.73
C TYR E 93 -59.64 -4.81 1.07
N PHE E 94 -58.44 -4.81 1.65
CA PHE E 94 -57.71 -3.59 2.00
C PHE E 94 -56.44 -3.51 1.16
N CYS E 95 -56.10 -2.29 0.77
CA CYS E 95 -55.03 -2.01 -0.19
C CYS E 95 -53.98 -1.13 0.47
N ALA E 96 -52.75 -1.64 0.62
CA ALA E 96 -51.85 -0.97 1.54
C ALA E 96 -50.39 -1.33 1.31
N ARG E 97 -49.54 -0.71 2.14
CA ARG E 97 -48.12 -0.98 2.31
C ARG E 97 -47.88 -1.20 3.79
N GLN E 98 -46.78 -1.89 4.13
CA GLN E 98 -46.57 -2.33 5.51
C GLN E 98 -45.17 -2.03 6.00
N GLY E 99 -45.05 -1.90 7.33
CA GLY E 99 -43.75 -1.80 7.98
C GLY E 99 -43.14 -3.18 8.17
N ILE E 100 -41.86 -3.29 7.86
CA ILE E 100 -41.15 -4.56 7.88
C ILE E 100 -40.57 -4.92 6.54
N PHE E 101 -41.12 -4.38 5.46
CA PHE E 101 -40.53 -4.56 4.15
C PHE E 101 -39.35 -3.62 3.92
N GLY E 102 -39.24 -2.58 4.74
CA GLY E 102 -38.17 -1.59 4.61
C GLY E 102 -38.60 -0.15 4.84
N ASP E 103 -39.83 0.20 4.51
CA ASP E 103 -40.36 1.52 4.87
C ASP E 103 -40.95 1.43 6.27
N TYR E 104 -40.71 2.47 7.07
CA TYR E 104 -41.13 2.50 8.46
C TYR E 104 -42.20 3.57 8.69
N GLY E 105 -42.95 3.85 7.62
CA GLY E 105 -43.95 4.93 7.70
C GLY E 105 -45.36 4.41 7.69
N SER E 106 -45.95 4.25 8.88
CA SER E 106 -47.37 3.84 8.99
C SER E 106 -47.70 2.68 8.05
N ASP E 107 -48.70 2.85 7.19
CA ASP E 107 -49.18 1.74 6.36
C ASP E 107 -50.06 2.32 5.24
N TYR E 108 -50.77 3.41 5.56
CA TYR E 108 -51.66 4.04 4.57
C TYR E 108 -52.66 2.99 4.05
N TRP E 109 -53.35 2.29 4.94
CA TRP E 109 -54.40 1.34 4.49
C TRP E 109 -55.36 2.09 3.57
N GLY E 110 -55.66 1.51 2.39
CA GLY E 110 -56.65 2.12 1.49
C GLY E 110 -58.06 1.75 1.90
N PRO E 111 -59.10 2.46 1.42
CA PRO E 111 -60.49 2.18 1.82
C PRO E 111 -60.91 0.74 1.53
N GLY E 112 -61.80 0.19 2.36
CA GLY E 112 -62.23 -1.21 2.21
C GLY E 112 -63.11 -1.41 0.99
N THR E 113 -62.72 -2.33 0.11
CA THR E 113 -63.57 -2.67 -1.06
C THR E 113 -64.44 -3.87 -0.69
N LEU E 114 -65.49 -3.64 0.09
CA LEU E 114 -66.39 -4.74 0.55
C LEU E 114 -66.90 -5.51 -0.67
N VAL E 115 -66.84 -6.85 -0.63
CA VAL E 115 -67.32 -7.69 -1.75
C VAL E 115 -68.36 -8.69 -1.24
N THR E 116 -69.24 -9.17 -2.11
CA THR E 116 -70.28 -10.16 -1.73
C THR E 116 -70.40 -11.24 -2.82
N VAL E 117 -70.96 -12.41 -2.48
CA VAL E 117 -71.18 -13.47 -3.50
C VAL E 117 -72.65 -13.52 -3.91
N SER E 118 -73.55 -12.91 -3.12
CA SER E 118 -74.99 -12.85 -3.46
C SER E 118 -75.50 -14.23 -3.91
N SER E 119 -76.11 -14.30 -5.10
CA SER E 119 -76.65 -15.59 -5.61
C SER E 119 -75.55 -16.33 -6.37
N ASP F 1 -45.32 -20.71 7.58
CA ASP F 1 -46.48 -20.24 8.31
C ASP F 1 -46.15 -20.17 9.80
N ILE F 2 -46.22 -18.98 10.36
CA ILE F 2 -45.90 -18.76 11.77
C ILE F 2 -47.19 -18.35 12.46
N VAL F 3 -47.73 -19.26 13.29
CA VAL F 3 -48.95 -18.92 14.08
C VAL F 3 -48.56 -17.89 15.14
N MET F 4 -49.22 -16.73 15.13
CA MET F 4 -48.94 -15.66 16.12
C MET F 4 -50.01 -15.72 17.20
N THR F 5 -49.62 -15.81 18.48
CA THR F 5 -50.61 -15.95 19.57
C THR F 5 -50.79 -14.62 20.30
N GLN F 6 -52.04 -14.13 20.40
CA GLN F 6 -52.31 -12.82 21.05
C GLN F 6 -52.82 -13.04 22.48
N SER F 7 -52.32 -12.26 23.44
CA SER F 7 -52.76 -12.39 24.84
C SER F 7 -53.09 -11.00 25.42
N PRO F 8 -54.22 -10.82 26.15
CA PRO F 8 -55.27 -11.83 26.23
C PRO F 8 -56.27 -11.72 25.08
N LEU F 9 -57.57 -11.73 25.41
CA LEU F 9 -58.61 -11.67 24.35
C LEU F 9 -59.28 -10.29 24.36
N SER F 10 -59.84 -9.88 25.51
CA SER F 10 -60.58 -8.59 25.56
C SER F 10 -60.18 -7.82 26.82
N LEU F 11 -60.23 -6.48 26.75
CA LEU F 11 -59.90 -5.65 27.93
C LEU F 11 -61.05 -4.66 28.19
N PRO F 12 -62.00 -4.96 29.10
CA PRO F 12 -63.04 -3.99 29.47
C PRO F 12 -62.36 -3.00 30.42
N VAL F 13 -61.45 -2.18 29.90
CA VAL F 13 -60.64 -1.26 30.76
C VAL F 13 -61.47 -0.09 31.28
N THR F 14 -61.12 0.43 32.45
CA THR F 14 -61.80 1.63 33.00
C THR F 14 -61.00 2.86 32.58
N PRO F 15 -61.59 4.07 32.43
CA PRO F 15 -60.85 5.22 31.92
C PRO F 15 -59.61 5.58 32.77
N GLY F 16 -58.56 6.08 32.12
CA GLY F 16 -57.34 6.51 32.84
C GLY F 16 -56.69 5.37 33.61
N GLU F 17 -56.23 4.33 32.90
CA GLU F 17 -55.49 3.22 33.57
C GLU F 17 -54.46 2.62 32.60
N PRO F 18 -53.33 2.07 33.08
CA PRO F 18 -52.35 1.43 32.20
C PRO F 18 -52.87 0.09 31.65
N ALA F 19 -52.92 -0.03 30.31
CA ALA F 19 -53.44 -1.27 29.69
C ALA F 19 -52.35 -1.92 28.84
N SER F 20 -52.03 -3.19 29.09
CA SER F 20 -50.93 -3.86 28.35
C SER F 20 -51.45 -5.10 27.64
N ILE F 21 -51.21 -5.20 26.32
CA ILE F 21 -51.62 -6.40 25.54
C ILE F 21 -50.37 -7.07 24.99
N SER F 22 -50.24 -8.38 25.14
CA SER F 22 -49.01 -9.09 24.70
C SER F 22 -49.30 -9.93 23.46
N CYS F 23 -48.24 -10.35 22.77
CA CYS F 23 -48.42 -11.25 21.60
C CYS F 23 -47.17 -12.12 21.50
N ARG F 24 -47.33 -13.43 21.65
CA ARG F 24 -46.17 -14.35 21.62
C ARG F 24 -46.13 -15.07 20.26
N SER F 25 -44.95 -15.48 19.82
CA SER F 25 -44.84 -16.25 18.56
C SER F 25 -44.25 -17.62 18.88
N ASN F 26 -44.49 -18.62 18.04
CA ASN F 26 -43.82 -19.93 18.30
C ASN F 26 -42.43 -19.88 17.64
N GLN F 27 -42.05 -18.74 17.06
CA GLN F 27 -40.67 -18.57 16.52
C GLN F 27 -40.12 -17.23 17.02
N SER F 28 -38.92 -17.23 17.61
CA SER F 28 -38.33 -15.97 18.13
C SER F 28 -38.19 -14.97 16.99
N LEU F 29 -38.69 -13.74 17.20
CA LEU F 29 -38.65 -12.72 16.13
C LEU F 29 -37.41 -11.84 16.31
N GLN F 30 -36.42 -11.97 15.42
CA GLN F 30 -35.19 -11.15 15.51
C GLN F 30 -34.56 -11.05 14.13
N HIS F 31 -34.62 -9.87 13.52
CA HIS F 31 -34.06 -9.69 12.15
C HIS F 31 -32.53 -9.65 12.23
N SER F 32 -31.84 -9.93 11.12
CA SER F 32 -30.37 -9.98 11.12
C SER F 32 -29.78 -8.69 11.70
N ASN F 33 -30.40 -7.54 11.39
CA ASN F 33 -29.89 -6.22 11.86
C ASN F 33 -29.87 -6.16 13.38
N GLY F 34 -30.76 -6.90 14.05
CA GLY F 34 -30.88 -6.81 15.52
C GLY F 34 -32.13 -6.05 15.88
N TYR F 35 -32.78 -5.43 14.89
CA TYR F 35 -34.07 -4.75 15.14
C TYR F 35 -35.20 -5.75 14.88
N VAL F 36 -35.85 -6.25 15.93
CA VAL F 36 -36.90 -7.30 15.79
C VAL F 36 -37.99 -6.81 14.82
N HIS F 37 -38.38 -7.66 13.87
CA HIS F 37 -39.47 -7.29 12.92
C HIS F 37 -40.82 -7.63 13.54
N LEU F 38 -41.44 -6.68 14.24
CA LEU F 38 -42.78 -6.89 14.84
C LEU F 38 -43.50 -5.55 14.95
N ASP F 39 -44.81 -5.53 14.70
CA ASP F 39 -45.58 -4.26 14.72
C ASP F 39 -46.82 -4.39 15.59
N TRP F 40 -47.47 -3.26 15.90
CA TRP F 40 -48.71 -3.28 16.71
C TRP F 40 -49.77 -2.38 16.06
N TYR F 41 -50.39 -2.86 14.97
CA TYR F 41 -51.46 -2.08 14.30
C TYR F 41 -52.73 -2.09 15.15
N ARG F 42 -53.62 -1.11 14.94
CA ARG F 42 -54.92 -1.11 15.66
C ARG F 42 -56.03 -0.76 14.66
N GLN F 43 -56.98 -1.68 14.45
CA GLN F 43 -58.07 -1.43 13.47
C GLN F 43 -59.25 -0.75 14.15
N LYS F 44 -59.63 0.44 13.68
CA LYS F 44 -60.86 1.08 14.23
C LYS F 44 -62.04 0.28 13.67
N PRO F 45 -62.99 -0.21 14.50
CA PRO F 45 -64.08 -1.06 14.02
C PRO F 45 -64.75 -0.52 12.74
N GLY F 46 -64.90 -1.39 11.73
CA GLY F 46 -65.56 -0.98 10.48
C GLY F 46 -64.80 0.11 9.74
N GLN F 47 -63.47 0.03 9.70
CA GLN F 47 -62.67 1.11 9.09
C GLN F 47 -61.23 0.62 8.80
N SER F 48 -60.38 1.52 8.30
CA SER F 48 -58.97 1.17 8.01
C SER F 48 -58.13 1.26 9.30
N PRO F 49 -57.32 0.23 9.64
CA PRO F 49 -56.47 0.26 10.84
C PRO F 49 -55.38 1.34 10.85
N HIS F 50 -54.54 1.36 11.89
CA HIS F 50 -53.41 2.34 11.99
C HIS F 50 -52.29 1.67 12.79
N LEU F 51 -51.05 1.74 12.29
CA LEU F 51 -49.91 1.19 13.07
C LEU F 51 -49.66 2.05 14.31
N LEU F 52 -49.45 1.42 15.47
CA LEU F 52 -49.23 2.18 16.74
C LEU F 52 -47.78 1.98 17.22
N ILE F 53 -47.20 0.80 17.01
CA ILE F 53 -45.79 0.53 17.41
C ILE F 53 -45.08 -0.20 16.26
N TYR F 54 -43.82 0.14 15.99
CA TYR F 54 -43.13 -0.47 14.81
C TYR F 54 -41.76 -1.01 15.20
N LEU F 55 -41.18 -1.85 14.35
CA LEU F 55 -39.82 -2.41 14.58
C LEU F 55 -39.67 -2.90 16.02
N GLY F 56 -40.50 -3.87 16.43
CA GLY F 56 -40.41 -4.44 17.78
C GLY F 56 -40.91 -3.47 18.84
N PHE F 57 -40.02 -2.68 19.44
CA PHE F 57 -40.41 -1.76 20.54
C PHE F 57 -39.91 -0.35 20.23
N ASN F 58 -40.56 0.33 19.29
CA ASN F 58 -40.14 1.71 18.92
C ASN F 58 -41.38 2.59 18.76
N ARG F 59 -41.37 3.78 19.37
CA ARG F 59 -42.50 4.73 19.23
C ARG F 59 -42.71 5.02 17.75
N ALA F 60 -43.92 4.80 17.24
CA ALA F 60 -44.19 5.00 15.79
C ALA F 60 -44.31 6.49 15.48
N SER F 61 -44.04 6.87 14.22
CA SER F 61 -44.17 8.29 13.81
C SER F 61 -45.63 8.73 13.90
N GLY F 62 -45.88 9.92 14.46
CA GLY F 62 -47.26 10.42 14.60
C GLY F 62 -48.11 9.52 15.49
N VAL F 63 -47.53 9.01 16.58
CA VAL F 63 -48.26 8.10 17.51
C VAL F 63 -48.17 8.64 18.93
N PRO F 64 -49.28 8.70 19.70
CA PRO F 64 -49.28 9.26 21.06
C PRO F 64 -48.26 8.59 21.99
N ASP F 65 -47.71 9.35 22.94
CA ASP F 65 -46.64 8.81 23.84
C ASP F 65 -47.15 7.62 24.66
N ARG F 66 -48.44 7.60 25.01
CA ARG F 66 -48.98 6.53 25.90
C ARG F 66 -48.57 5.16 25.37
N PHE F 67 -48.70 4.94 24.05
CA PHE F 67 -48.37 3.62 23.45
C PHE F 67 -46.86 3.44 23.41
N SER F 68 -46.35 2.39 24.06
CA SER F 68 -44.89 2.12 24.09
C SER F 68 -44.66 0.61 24.28
N GLY F 69 -45.32 -0.21 23.49
CA GLY F 69 -45.21 -1.67 23.63
C GLY F 69 -43.77 -2.15 23.56
N GLY F 70 -43.35 -2.95 24.53
CA GLY F 70 -41.95 -3.47 24.56
C GLY F 70 -41.89 -4.94 24.17
N GLY F 71 -41.40 -5.79 25.08
CA GLY F 71 -41.28 -7.24 24.79
C GLY F 71 -39.85 -7.63 24.48
N SER F 72 -39.60 -8.94 24.32
CA SER F 72 -38.24 -9.44 23.98
C SER F 72 -38.33 -10.88 23.46
N GLY F 73 -37.25 -11.37 22.82
CA GLY F 73 -37.24 -12.77 22.35
C GLY F 73 -38.38 -13.10 21.40
N THR F 74 -39.40 -13.80 21.90
CA THR F 74 -40.55 -14.20 21.04
C THR F 74 -41.85 -13.60 21.61
N ASP F 75 -41.80 -13.07 22.83
CA ASP F 75 -43.03 -12.52 23.47
C ASP F 75 -42.88 -11.00 23.63
N PHE F 76 -43.70 -10.23 22.92
CA PHE F 76 -43.62 -8.75 22.98
C PHE F 76 -44.94 -8.21 23.54
N THR F 77 -44.88 -7.14 24.34
CA THR F 77 -46.12 -6.65 25.00
C THR F 77 -46.33 -5.16 24.76
N LEU F 78 -47.33 -4.80 23.96
CA LEU F 78 -47.68 -3.35 23.79
C LEU F 78 -48.25 -2.84 25.10
N LYS F 79 -47.82 -1.67 25.56
CA LYS F 79 -48.39 -1.09 26.80
C LYS F 79 -48.92 0.32 26.53
N ILE F 80 -49.99 0.71 27.24
CA ILE F 80 -50.58 2.07 27.08
C ILE F 80 -50.59 2.72 28.46
N SER F 81 -50.19 3.98 28.58
CA SER F 81 -50.10 4.65 29.90
C SER F 81 -51.50 4.89 30.48
N ARG F 82 -52.43 5.40 29.67
CA ARG F 82 -53.80 5.74 30.18
C ARG F 82 -54.86 5.19 29.24
N VAL F 83 -56.12 5.19 29.68
CA VAL F 83 -57.23 4.74 28.79
C VAL F 83 -58.08 5.96 28.39
N GLU F 84 -58.39 6.10 27.11
CA GLU F 84 -59.13 7.31 26.62
C GLU F 84 -60.28 6.89 25.72
N ALA F 85 -60.98 7.87 25.12
CA ALA F 85 -62.14 7.57 24.26
C ALA F 85 -61.67 6.86 22.98
N GLU F 86 -60.56 7.30 22.38
CA GLU F 86 -60.09 6.72 21.09
C GLU F 86 -59.45 5.35 21.32
N ASP F 87 -59.19 4.99 22.58
CA ASP F 87 -58.48 3.72 22.88
C ASP F 87 -59.22 2.55 22.25
N VAL F 88 -60.55 2.60 22.17
CA VAL F 88 -61.35 1.45 21.64
C VAL F 88 -60.81 1.06 20.26
N GLY F 89 -60.40 -0.20 20.10
CA GLY F 89 -59.89 -0.68 18.81
C GLY F 89 -59.45 -2.13 18.88
N VAL F 90 -59.63 -2.89 17.80
CA VAL F 90 -59.16 -4.30 17.77
C VAL F 90 -57.67 -4.28 17.41
N TYR F 91 -56.79 -4.49 18.39
CA TYR F 91 -55.32 -4.40 18.14
C TYR F 91 -54.83 -5.67 17.44
N TYR F 92 -53.96 -5.51 16.45
CA TYR F 92 -53.39 -6.67 15.73
C TYR F 92 -51.87 -6.67 15.92
N CYS F 93 -51.28 -7.83 16.19
CA CYS F 93 -49.80 -7.92 16.32
C CYS F 93 -49.21 -8.51 15.04
N MET F 94 -48.58 -7.65 14.22
CA MET F 94 -47.98 -8.11 12.95
C MET F 94 -46.57 -8.64 13.23
N GLN F 95 -46.15 -9.71 12.55
CA GLN F 95 -44.75 -10.19 12.70
C GLN F 95 -43.90 -9.47 11.65
N GLY F 96 -43.48 -10.18 10.60
CA GLY F 96 -42.73 -9.52 9.52
C GLY F 96 -41.34 -10.09 9.38
N LEU F 97 -40.95 -11.02 10.27
CA LEU F 97 -39.64 -11.68 10.15
C LEU F 97 -39.61 -12.48 8.85
N GLN F 98 -40.72 -13.19 8.55
CA GLN F 98 -40.76 -14.05 7.33
C GLN F 98 -42.10 -13.89 6.61
N THR F 99 -42.22 -14.50 5.43
CA THR F 99 -43.48 -14.44 4.64
C THR F 99 -44.19 -15.79 4.76
N PRO F 100 -45.26 -15.91 5.57
CA PRO F 100 -46.36 -14.96 5.55
C PRO F 100 -46.30 -13.88 6.64
N PHE F 101 -46.83 -12.70 6.35
CA PHE F 101 -46.87 -11.60 7.35
C PHE F 101 -48.11 -11.80 8.22
N THR F 102 -48.05 -12.73 9.17
CA THR F 102 -49.27 -13.05 9.97
C THR F 102 -49.62 -11.93 10.95
N PHE F 103 -50.90 -11.81 11.30
CA PHE F 103 -51.37 -10.77 12.24
C PHE F 103 -51.78 -11.43 13.55
N GLY F 104 -52.98 -11.11 14.05
CA GLY F 104 -53.46 -11.68 15.28
C GLY F 104 -54.97 -11.83 15.32
N PRO F 105 -55.54 -12.63 16.25
CA PRO F 105 -57.00 -12.74 16.38
C PRO F 105 -57.59 -11.35 16.68
N GLY F 106 -56.82 -10.51 17.36
CA GLY F 106 -57.29 -9.16 17.70
C GLY F 106 -57.57 -9.01 19.18
N THR F 107 -57.57 -7.77 19.67
CA THR F 107 -57.93 -7.52 21.10
C THR F 107 -59.03 -6.46 21.14
N THR F 108 -60.27 -6.87 21.42
CA THR F 108 -61.41 -5.92 21.45
C THR F 108 -61.40 -5.16 22.78
N VAL F 109 -60.69 -4.04 22.84
CA VAL F 109 -60.64 -3.21 24.09
C VAL F 109 -61.87 -2.30 24.13
N ASP F 110 -62.48 -2.14 25.31
CA ASP F 110 -63.67 -1.33 25.43
C ASP F 110 -63.77 -0.87 26.88
N LEU F 111 -64.72 0.03 27.14
CA LEU F 111 -64.93 0.53 28.49
C LEU F 111 -65.80 -0.43 29.30
N ASP G 19 29.34 -47.08 -54.41
CA ASP G 19 30.25 -46.46 -53.45
C ASP G 19 29.80 -45.05 -53.09
N LYS G 20 28.96 -44.95 -52.07
CA LYS G 20 28.48 -43.65 -51.60
C LYS G 20 28.17 -43.75 -50.12
N ILE G 21 28.12 -42.59 -49.47
CA ILE G 21 27.90 -42.49 -48.03
C ILE G 21 26.91 -41.36 -47.76
N CYS G 22 25.92 -41.63 -46.91
CA CYS G 22 24.80 -40.72 -46.68
C CYS G 22 24.65 -40.40 -45.20
N LEU G 23 24.20 -39.18 -44.91
CA LEU G 23 24.03 -38.67 -43.56
C LEU G 23 22.66 -38.04 -43.40
N GLY G 24 22.32 -37.69 -42.17
CA GLY G 24 21.07 -36.99 -41.93
C GLY G 24 20.66 -36.99 -40.47
N HIS G 25 19.34 -37.04 -40.26
CA HIS G 25 18.73 -37.03 -38.94
C HIS G 25 17.39 -37.76 -39.05
N HIS G 26 16.54 -37.60 -38.03
CA HIS G 26 15.28 -38.32 -37.99
C HIS G 26 14.10 -37.36 -37.95
N ALA G 27 12.90 -37.92 -37.75
CA ALA G 27 11.68 -37.15 -37.58
C ALA G 27 10.66 -38.05 -36.89
N VAL G 28 9.49 -37.48 -36.58
CA VAL G 28 8.36 -38.25 -36.07
C VAL G 28 7.14 -37.94 -36.93
N SER G 29 6.13 -38.81 -36.80
CA SER G 29 4.88 -38.61 -37.54
C SER G 29 4.09 -37.43 -36.98
N ASN G 30 4.03 -37.29 -35.66
CA ASN G 30 3.30 -36.22 -35.01
C ASN G 30 4.14 -35.61 -33.90
N GLY G 31 4.12 -34.28 -33.81
CA GLY G 31 4.77 -33.57 -32.74
C GLY G 31 3.87 -32.52 -32.13
N THR G 32 4.41 -31.33 -31.87
CA THR G 32 3.60 -30.23 -31.33
C THR G 32 4.19 -28.92 -31.86
N LYS G 33 3.31 -28.03 -32.32
CA LYS G 33 3.69 -26.70 -32.75
C LYS G 33 4.05 -25.86 -31.53
N VAL G 34 5.20 -25.19 -31.60
CA VAL G 34 5.82 -24.53 -30.45
C VAL G 34 6.05 -23.06 -30.79
N ASN G 35 5.79 -22.18 -29.82
CA ASN G 35 6.15 -20.77 -29.96
C ASN G 35 7.65 -20.61 -30.13
N THR G 36 8.03 -19.74 -31.06
CA THR G 36 9.42 -19.56 -31.45
C THR G 36 9.63 -18.06 -31.66
N LEU G 37 10.89 -17.61 -31.53
CA LEU G 37 11.23 -16.22 -31.79
C LEU G 37 10.86 -15.81 -33.22
N CYS G 38 11.15 -16.67 -34.20
CA CYS G 38 10.98 -16.31 -35.60
C CYS G 38 9.54 -16.52 -36.08
N GLU G 39 9.04 -17.75 -36.01
CA GLU G 39 7.74 -18.10 -36.56
C GLU G 39 6.96 -18.89 -35.53
N ARG G 40 5.76 -18.41 -35.19
CA ARG G 40 4.93 -19.11 -34.21
C ARG G 40 4.37 -20.39 -34.80
N GLY G 41 4.54 -21.50 -34.08
CA GLY G 41 3.95 -22.76 -34.48
C GLY G 41 4.85 -23.65 -35.30
N VAL G 42 6.09 -23.83 -34.86
CA VAL G 42 7.04 -24.68 -35.58
C VAL G 42 6.85 -26.12 -35.11
N GLU G 43 6.71 -27.03 -36.06
CA GLU G 43 6.60 -28.45 -35.73
C GLU G 43 7.93 -28.98 -35.22
N VAL G 44 7.91 -29.58 -34.04
CA VAL G 44 9.12 -30.08 -33.39
C VAL G 44 8.99 -31.59 -33.21
N VAL G 45 10.12 -32.23 -32.90
CA VAL G 45 10.11 -33.69 -32.82
C VAL G 45 9.60 -34.14 -31.44
N ASN G 46 9.73 -33.31 -30.41
CA ASN G 46 9.18 -33.61 -29.10
C ASN G 46 9.02 -32.31 -28.33
N ALA G 47 7.96 -32.25 -27.52
CA ALA G 47 7.67 -31.07 -26.72
C ALA G 47 7.32 -31.49 -25.31
N THR G 48 7.79 -30.72 -24.35
CA THR G 48 7.45 -30.88 -22.94
C THR G 48 6.50 -29.76 -22.53
N GLU G 49 6.17 -29.71 -21.25
CA GLU G 49 5.35 -28.66 -20.69
C GLU G 49 6.20 -27.77 -19.79
N THR G 50 5.94 -26.46 -19.84
CA THR G 50 6.52 -25.53 -18.88
C THR G 50 5.49 -24.87 -17.97
N VAL G 51 4.22 -24.84 -18.37
CA VAL G 51 3.16 -24.23 -17.57
C VAL G 51 2.25 -25.36 -17.10
N GLU G 52 2.30 -25.66 -15.80
CA GLU G 52 1.52 -26.77 -15.27
C GLU G 52 0.04 -26.41 -15.24
N ARG G 53 -0.80 -27.32 -15.73
CA ARG G 53 -2.24 -27.15 -15.74
C ARG G 53 -2.97 -28.10 -14.80
N THR G 54 -2.43 -29.29 -14.59
CA THR G 54 -3.11 -30.34 -13.86
C THR G 54 -2.78 -30.23 -12.37
N ASN G 55 -3.82 -30.30 -11.54
CA ASN G 55 -3.70 -30.14 -10.10
C ASN G 55 -4.56 -31.18 -9.40
N ILE G 56 -4.03 -31.73 -8.31
CA ILE G 56 -4.75 -32.70 -7.49
C ILE G 56 -5.40 -31.96 -6.32
N PRO G 57 -6.73 -31.99 -6.18
CA PRO G 57 -7.44 -31.15 -5.21
C PRO G 57 -7.48 -31.72 -3.79
N ARG G 58 -6.32 -32.11 -3.28
CA ARG G 58 -6.18 -32.58 -1.92
C ARG G 58 -4.97 -31.88 -1.30
N ILE G 59 -5.01 -31.70 0.02
CA ILE G 59 -3.92 -31.05 0.73
C ILE G 59 -2.90 -32.12 1.08
N CYS G 60 -1.89 -32.25 0.22
CA CYS G 60 -0.79 -33.19 0.40
C CYS G 60 0.10 -32.76 1.56
N SER G 61 0.06 -33.50 2.66
CA SER G 61 0.70 -33.06 3.90
C SER G 61 1.44 -34.19 4.60
N LYS G 62 2.13 -35.05 3.86
CA LYS G 62 3.04 -35.99 4.51
C LYS G 62 4.43 -35.40 4.61
N GLY G 63 5.13 -35.74 5.70
CA GLY G 63 6.44 -35.21 6.00
C GLY G 63 6.43 -34.01 6.91
N LYS G 64 5.29 -33.32 7.02
CA LYS G 64 5.17 -32.11 7.83
C LYS G 64 3.99 -32.25 8.77
N ARG G 65 4.09 -31.67 9.96
CA ARG G 65 2.99 -31.67 10.91
C ARG G 65 1.85 -30.83 10.38
N THR G 66 0.62 -31.29 10.60
CA THR G 66 -0.54 -30.75 9.91
C THR G 66 -1.67 -30.51 10.90
N VAL G 67 -2.28 -29.33 10.82
CA VAL G 67 -3.43 -28.97 11.64
C VAL G 67 -4.56 -28.55 10.72
N ASP G 68 -5.68 -29.27 10.82
CA ASP G 68 -6.91 -28.89 10.13
C ASP G 68 -7.80 -28.19 11.16
N LEU G 69 -7.96 -26.87 11.01
CA LEU G 69 -8.75 -26.11 11.97
C LEU G 69 -10.23 -26.44 11.87
N GLY G 70 -10.75 -26.58 10.65
CA GLY G 70 -12.16 -26.85 10.45
C GLY G 70 -13.02 -25.66 10.78
N GLN G 71 -13.89 -25.80 11.79
CA GLN G 71 -14.68 -24.67 12.24
C GLN G 71 -13.86 -23.66 13.02
N CYS G 72 -12.65 -24.02 13.44
CA CYS G 72 -11.77 -23.10 14.14
C CYS G 72 -11.20 -22.07 13.17
N GLY G 73 -11.09 -20.83 13.65
CA GLY G 73 -10.45 -19.80 12.86
C GLY G 73 -9.01 -19.58 13.29
N LEU G 74 -8.21 -19.01 12.39
CA LEU G 74 -6.81 -18.78 12.69
C LEU G 74 -6.64 -17.71 13.75
N LEU G 75 -7.46 -16.66 13.70
CA LEU G 75 -7.46 -15.68 14.78
C LEU G 75 -8.05 -16.23 16.06
N GLY G 76 -8.76 -17.37 15.99
CA GLY G 76 -9.25 -18.02 17.19
C GLY G 76 -8.20 -18.77 17.97
N THR G 77 -7.06 -19.11 17.34
CA THR G 77 -6.08 -19.97 18.00
C THR G 77 -5.39 -19.30 19.18
N ILE G 78 -5.53 -17.99 19.35
CA ILE G 78 -5.10 -17.32 20.57
C ILE G 78 -6.28 -17.06 21.50
N THR G 79 -7.41 -16.61 20.95
CA THR G 79 -8.52 -16.17 21.78
C THR G 79 -9.24 -17.33 22.47
N GLY G 80 -9.38 -18.46 21.78
CA GLY G 80 -10.08 -19.60 22.32
C GLY G 80 -11.59 -19.61 22.23
N PRO G 81 -12.15 -19.69 21.02
CA PRO G 81 -13.58 -19.94 20.89
C PRO G 81 -13.90 -21.39 21.20
N PRO G 82 -15.17 -21.78 21.28
CA PRO G 82 -15.51 -23.20 21.48
C PRO G 82 -14.99 -24.14 20.38
N GLN G 83 -14.68 -23.63 19.20
CA GLN G 83 -14.25 -24.47 18.09
C GLN G 83 -12.74 -24.70 18.05
N CYS G 84 -11.97 -24.06 18.93
CA CYS G 84 -10.52 -24.16 18.88
C CYS G 84 -9.94 -24.74 20.17
N ASP G 85 -10.77 -25.45 20.94
CA ASP G 85 -10.35 -25.97 22.23
C ASP G 85 -9.31 -27.07 22.12
N GLN G 86 -9.21 -27.74 20.97
CA GLN G 86 -8.16 -28.70 20.73
C GLN G 86 -7.03 -28.11 19.89
N PHE G 87 -7.12 -26.85 19.50
CA PHE G 87 -6.08 -26.18 18.71
C PHE G 87 -5.56 -24.92 19.40
N LEU G 88 -5.84 -24.80 20.71
CA LEU G 88 -5.37 -23.66 21.48
C LEU G 88 -3.85 -23.58 21.55
N GLU G 89 -3.19 -24.70 21.83
CA GLU G 89 -1.76 -24.72 22.09
C GLU G 89 -1.01 -25.45 20.98
N PHE G 90 -1.58 -25.43 19.77
CA PHE G 90 -1.14 -26.27 18.66
C PHE G 90 0.27 -25.89 18.21
N SER G 91 0.96 -26.89 17.66
CA SER G 91 2.36 -26.73 17.24
C SER G 91 2.55 -27.56 15.97
N ALA G 92 2.62 -26.86 14.83
CA ALA G 92 2.79 -27.56 13.56
C ALA G 92 3.45 -26.62 12.56
N ASP G 93 3.96 -27.20 11.48
CA ASP G 93 4.59 -26.46 10.41
C ASP G 93 3.65 -26.21 9.25
N LEU G 94 2.35 -26.41 9.44
CA LEU G 94 1.39 -26.27 8.36
C LEU G 94 0.00 -26.04 8.95
N ILE G 95 -0.63 -24.93 8.59
CA ILE G 95 -1.94 -24.55 9.11
C ILE G 95 -2.90 -24.44 7.95
N ILE G 96 -4.13 -24.93 8.13
CA ILE G 96 -5.16 -24.90 7.10
C ILE G 96 -6.40 -24.21 7.69
N GLU G 97 -6.86 -23.17 7.01
CA GLU G 97 -8.12 -22.51 7.34
C GLU G 97 -9.25 -23.08 6.50
N ARG G 98 -10.48 -22.69 6.86
CA ARG G 98 -11.67 -23.04 6.09
C ARG G 98 -12.49 -21.78 5.83
N ARG G 99 -13.30 -21.85 4.77
CA ARG G 99 -14.19 -20.74 4.45
C ARG G 99 -15.27 -20.56 5.51
N GLU G 100 -15.86 -21.66 5.96
CA GLU G 100 -16.95 -21.59 6.94
C GLU G 100 -16.46 -21.37 8.36
N GLY G 101 -15.16 -21.53 8.62
CA GLY G 101 -14.64 -21.41 9.96
C GLY G 101 -14.59 -19.97 10.46
N SER G 102 -15.48 -19.64 11.39
CA SER G 102 -15.46 -18.31 11.99
C SER G 102 -14.35 -18.21 13.02
N ASP G 103 -13.62 -17.09 12.98
CA ASP G 103 -12.50 -16.87 13.87
C ASP G 103 -12.92 -16.28 15.21
N VAL G 104 -14.20 -15.95 15.40
CA VAL G 104 -14.65 -15.29 16.60
C VAL G 104 -16.02 -15.86 16.95
N CYS G 105 -16.34 -15.87 18.25
CA CYS G 105 -17.59 -16.44 18.75
C CYS G 105 -18.59 -15.34 19.11
N TYR G 106 -18.19 -14.41 19.96
CA TYR G 106 -18.96 -13.21 20.20
C TYR G 106 -18.94 -12.34 18.93
N PRO G 107 -20.04 -11.63 18.61
CA PRO G 107 -20.04 -10.80 17.40
C PRO G 107 -19.09 -9.61 17.47
N GLY G 108 -18.04 -9.66 16.67
CA GLY G 108 -17.06 -8.60 16.59
C GLY G 108 -16.00 -8.95 15.58
N LYS G 109 -15.07 -8.02 15.39
CA LYS G 109 -14.01 -8.19 14.41
C LYS G 109 -12.70 -7.66 14.97
N PHE G 110 -11.60 -8.18 14.43
CA PHE G 110 -10.26 -7.75 14.80
C PHE G 110 -9.90 -6.47 14.04
N VAL G 111 -8.79 -5.85 14.41
CA VAL G 111 -8.19 -4.81 13.60
C VAL G 111 -6.78 -5.25 13.24
N ASN G 112 -6.26 -4.69 12.15
CA ASN G 112 -5.04 -5.17 11.46
C ASN G 112 -5.12 -6.68 11.24
N GLU G 113 -6.26 -7.09 10.66
CA GLU G 113 -6.62 -8.51 10.59
C GLU G 113 -5.64 -9.27 9.72
N GLU G 114 -5.26 -8.70 8.58
CA GLU G 114 -4.34 -9.39 7.70
C GLU G 114 -2.93 -9.43 8.26
N ALA G 115 -2.53 -8.39 8.99
CA ALA G 115 -1.22 -8.39 9.63
C ALA G 115 -1.13 -9.48 10.69
N LEU G 116 -2.17 -9.59 11.52
CA LEU G 116 -2.19 -10.63 12.55
C LEU G 116 -2.29 -12.01 11.92
N ARG G 117 -3.03 -12.15 10.83
CA ARG G 117 -3.13 -13.43 10.15
C ARG G 117 -1.80 -13.84 9.54
N GLN G 118 -1.06 -12.90 8.95
CA GLN G 118 0.24 -13.24 8.36
C GLN G 118 1.27 -13.60 9.43
N ILE G 119 1.27 -12.89 10.55
CA ILE G 119 2.23 -13.24 11.60
C ILE G 119 1.82 -14.56 12.27
N LEU G 120 0.52 -14.91 12.22
CA LEU G 120 0.12 -16.22 12.72
C LEU G 120 0.44 -17.35 11.75
N ARG G 121 0.39 -17.09 10.45
CA ARG G 121 0.80 -18.11 9.48
C ARG G 121 2.30 -18.34 9.55
N GLU G 122 3.08 -17.28 9.78
CA GLU G 122 4.52 -17.43 9.94
C GLU G 122 4.92 -17.86 11.36
N SER G 123 3.96 -18.19 12.22
CA SER G 123 4.28 -18.49 13.61
C SER G 123 4.95 -19.86 13.76
N GLY G 124 4.62 -20.81 12.88
CA GLY G 124 5.09 -22.16 13.10
C GLY G 124 4.45 -22.85 14.28
N GLY G 125 3.25 -22.44 14.67
CA GLY G 125 2.61 -22.91 15.86
C GLY G 125 2.62 -21.86 16.96
N ILE G 126 1.84 -22.12 18.00
CA ILE G 126 1.65 -21.20 19.11
C ILE G 126 2.09 -21.89 20.39
N ASP G 127 3.02 -21.26 21.11
CA ASP G 127 3.40 -21.65 22.46
C ASP G 127 2.85 -20.61 23.43
N LYS G 128 2.12 -21.05 24.42
CA LYS G 128 1.44 -20.16 25.35
C LYS G 128 2.07 -20.26 26.74
N GLU G 129 2.46 -19.12 27.29
CA GLU G 129 2.88 -19.02 28.68
C GLU G 129 1.75 -18.40 29.48
N ALA G 130 1.51 -18.95 30.66
CA ALA G 130 0.53 -18.36 31.57
C ALA G 130 1.04 -17.02 32.06
N MET G 131 0.28 -15.97 31.77
CA MET G 131 0.70 -14.62 32.09
C MET G 131 0.67 -14.34 33.59
N GLY G 132 -0.07 -15.14 34.35
CA GLY G 132 -0.02 -15.04 35.80
C GLY G 132 -0.81 -13.90 36.39
N PHE G 133 -1.76 -13.35 35.64
CA PHE G 133 -2.54 -12.21 36.12
C PHE G 133 -3.58 -12.71 37.11
N THR G 134 -3.42 -12.33 38.36
CA THR G 134 -4.38 -12.66 39.41
C THR G 134 -5.23 -11.43 39.70
N TYR G 135 -6.54 -11.57 39.60
CA TYR G 135 -7.46 -10.46 39.72
C TYR G 135 -8.20 -10.54 41.04
N SER G 136 -8.22 -9.42 41.78
CA SER G 136 -8.88 -9.34 43.07
C SER G 136 -9.77 -8.12 43.11
N GLY G 137 -10.90 -8.24 43.81
CA GLY G 137 -11.88 -7.18 43.91
C GLY G 137 -12.97 -7.22 42.87
N ILE G 138 -12.78 -7.99 41.79
CA ILE G 138 -13.77 -8.14 40.73
C ILE G 138 -13.90 -9.62 40.41
N ARG G 139 -14.85 -9.93 39.54
CA ARG G 139 -15.11 -11.29 39.11
C ARG G 139 -14.65 -11.51 37.68
N THR G 140 -14.26 -12.76 37.37
CA THR G 140 -13.85 -13.14 35.99
C THR G 140 -14.67 -14.36 35.56
N ASN G 141 -15.99 -14.19 35.40
CA ASN G 141 -16.89 -15.27 35.03
C ASN G 141 -17.84 -14.87 33.91
N GLY G 142 -17.57 -13.78 33.20
CA GLY G 142 -18.43 -13.30 32.14
C GLY G 142 -18.56 -14.25 30.98
N ALA G 143 -19.79 -14.55 30.59
CA ALA G 143 -20.05 -15.52 29.53
C ALA G 143 -21.28 -15.11 28.76
N THR G 144 -21.42 -15.67 27.56
CA THR G 144 -22.55 -15.40 26.69
C THR G 144 -23.06 -16.70 26.09
N SER G 145 -24.32 -16.67 25.67
CA SER G 145 -24.94 -17.83 25.04
C SER G 145 -24.44 -18.09 23.63
N SER G 146 -23.73 -17.13 23.03
CA SER G 146 -23.14 -17.35 21.71
C SER G 146 -22.06 -18.41 21.76
N CYS G 147 -21.25 -18.41 22.80
CA CYS G 147 -20.24 -19.45 23.01
C CYS G 147 -20.88 -20.58 23.81
N ARG G 148 -20.89 -21.79 23.23
CA ARG G 148 -21.57 -22.93 23.89
C ARG G 148 -20.63 -24.14 24.04
N ARG G 149 -19.94 -24.23 25.17
CA ARG G 149 -19.11 -25.38 25.49
C ARG G 149 -19.91 -26.44 26.24
N SER G 150 -20.52 -26.06 27.36
CA SER G 150 -21.49 -26.89 28.05
C SER G 150 -22.73 -26.09 28.43
N GLY G 151 -22.93 -24.93 27.81
CA GLY G 151 -23.99 -24.01 28.18
C GLY G 151 -23.52 -22.58 27.98
N SER G 152 -23.69 -21.74 29.00
CA SER G 152 -23.13 -20.40 28.95
C SER G 152 -21.63 -20.47 29.19
N SER G 153 -20.86 -20.08 28.18
CA SER G 153 -19.41 -20.13 28.27
C SER G 153 -18.83 -18.93 27.52
N PHE G 154 -17.51 -18.80 27.54
CA PHE G 154 -16.80 -17.73 26.86
C PHE G 154 -15.40 -18.27 26.58
N TYR G 155 -14.48 -17.39 26.19
CA TYR G 155 -13.13 -17.79 25.83
C TYR G 155 -12.35 -18.33 27.02
N ALA G 156 -11.58 -19.39 26.78
CA ALA G 156 -10.74 -19.97 27.81
C ALA G 156 -9.41 -19.24 27.96
N GLU G 157 -9.12 -18.29 27.08
CA GLU G 157 -7.86 -17.55 27.12
C GLU G 157 -8.03 -16.06 27.34
N MET G 158 -9.08 -15.45 26.81
CA MET G 158 -9.35 -14.02 27.00
C MET G 158 -10.39 -13.92 28.10
N LYS G 159 -9.96 -13.60 29.31
CA LYS G 159 -10.86 -13.56 30.45
C LYS G 159 -11.73 -12.30 30.40
N TRP G 160 -13.04 -12.50 30.40
CA TRP G 160 -13.96 -11.37 30.50
C TRP G 160 -13.89 -10.83 31.94
N LEU G 161 -13.85 -9.52 32.07
CA LEU G 161 -13.79 -8.89 33.38
C LEU G 161 -15.07 -8.09 33.64
N LEU G 162 -15.75 -8.41 34.73
CA LEU G 162 -16.98 -7.76 35.15
C LEU G 162 -16.82 -7.29 36.59
N SER G 163 -17.61 -6.29 36.96
CA SER G 163 -17.69 -5.88 38.35
C SER G 163 -18.35 -6.99 39.17
N ASN G 164 -17.86 -7.16 40.41
CA ASN G 164 -18.48 -8.12 41.32
C ASN G 164 -19.91 -7.71 41.65
N THR G 165 -20.12 -6.42 41.91
CA THR G 165 -21.47 -5.89 42.04
C THR G 165 -22.11 -5.82 40.65
N ASP G 166 -23.43 -6.08 40.60
CA ASP G 166 -24.16 -5.98 39.33
C ASP G 166 -24.24 -4.54 38.82
N ASN G 167 -24.08 -3.56 39.71
CA ASN G 167 -24.08 -2.16 39.33
C ASN G 167 -22.81 -1.53 39.89
N ALA G 168 -22.75 -0.19 39.93
CA ALA G 168 -21.71 0.61 40.54
C ALA G 168 -20.34 0.44 39.87
N ALA G 169 -19.28 0.82 40.57
CA ALA G 169 -18.00 1.15 39.96
C ALA G 169 -17.21 -0.11 39.58
N PHE G 170 -16.15 0.14 38.82
CA PHE G 170 -15.19 -0.89 38.41
C PHE G 170 -13.81 -0.44 38.90
N PRO G 171 -13.15 -1.20 39.76
CA PRO G 171 -11.79 -0.81 40.20
C PRO G 171 -10.80 -0.78 39.05
N GLN G 172 -9.93 0.23 39.06
CA GLN G 172 -9.02 0.48 37.95
C GLN G 172 -7.63 -0.07 38.26
N MET G 173 -7.57 -1.40 38.39
CA MET G 173 -6.27 -2.04 38.59
C MET G 173 -5.50 -2.10 37.28
N THR G 174 -4.18 -1.96 37.40
CA THR G 174 -3.29 -1.83 36.25
C THR G 174 -2.24 -2.93 36.34
N LYS G 175 -2.35 -3.94 35.48
CA LYS G 175 -1.43 -5.07 35.51
C LYS G 175 -0.39 -4.94 34.39
N SER G 176 0.72 -5.65 34.57
CA SER G 176 1.82 -5.60 33.64
C SER G 176 2.51 -6.96 33.60
N TYR G 177 3.15 -7.24 32.46
CA TYR G 177 3.78 -8.54 32.25
C TYR G 177 5.09 -8.33 31.51
N LYS G 178 6.15 -8.98 31.99
CA LYS G 178 7.47 -8.94 31.35
C LYS G 178 7.81 -10.31 30.80
N ASN G 179 8.05 -10.39 29.50
CA ASN G 179 8.47 -11.64 28.89
C ASN G 179 9.92 -12.00 29.18
N THR G 180 10.11 -12.87 30.18
CA THR G 180 11.44 -13.14 30.73
C THR G 180 12.32 -13.94 29.79
N ARG G 181 11.79 -14.50 28.71
CA ARG G 181 12.61 -15.26 27.78
C ARG G 181 13.00 -14.38 26.59
N LYS G 182 13.82 -14.95 25.71
CA LYS G 182 14.41 -14.19 24.61
C LYS G 182 13.43 -13.93 23.48
N ASN G 183 12.44 -14.80 23.30
CA ASN G 183 11.53 -14.70 22.17
C ASN G 183 10.57 -13.52 22.34
N PRO G 184 10.07 -12.97 21.23
CA PRO G 184 9.04 -11.91 21.33
C PRO G 184 7.69 -12.45 21.79
N ALA G 185 6.73 -11.56 22.00
CA ALA G 185 5.43 -11.94 22.54
C ALA G 185 4.31 -11.35 21.70
N LEU G 186 3.13 -11.93 21.86
CA LEU G 186 1.96 -11.68 21.01
C LEU G 186 0.72 -11.49 21.89
N ILE G 187 0.80 -10.57 22.85
CA ILE G 187 -0.34 -10.32 23.73
C ILE G 187 -1.47 -9.69 22.93
N VAL G 188 -2.67 -10.27 23.05
CA VAL G 188 -3.87 -9.67 22.49
C VAL G 188 -4.80 -9.34 23.65
N TRP G 189 -5.60 -8.29 23.49
CA TRP G 189 -6.60 -7.92 24.46
C TRP G 189 -7.87 -7.50 23.75
N GLY G 190 -8.98 -7.63 24.44
CA GLY G 190 -10.28 -7.36 23.85
C GLY G 190 -11.02 -6.28 24.60
N ILE G 191 -11.82 -5.51 23.85
CA ILE G 191 -12.63 -4.43 24.40
C ILE G 191 -14.06 -4.63 23.93
N HIS G 192 -14.98 -4.77 24.88
CA HIS G 192 -16.38 -5.02 24.57
C HIS G 192 -17.09 -3.69 24.35
N HIS G 193 -17.50 -3.41 23.11
CA HIS G 193 -18.35 -2.27 22.86
C HIS G 193 -19.74 -2.53 23.43
N SER G 194 -20.21 -1.62 24.27
CA SER G 194 -21.56 -1.73 24.79
C SER G 194 -22.58 -1.47 23.70
N GLY G 195 -23.71 -2.18 23.77
CA GLY G 195 -24.78 -1.95 22.83
C GLY G 195 -25.42 -0.59 22.99
N SER G 196 -25.54 -0.14 24.24
CA SER G 196 -26.04 1.20 24.56
C SER G 196 -25.49 1.57 25.93
N THR G 197 -26.02 2.64 26.52
CA THR G 197 -25.61 3.05 27.85
C THR G 197 -26.16 2.15 28.95
N ALA G 198 -27.14 1.29 28.64
CA ALA G 198 -27.71 0.41 29.64
C ALA G 198 -26.74 -0.71 30.01
N GLU G 199 -26.12 -1.33 29.00
CA GLU G 199 -25.16 -2.39 29.27
C GLU G 199 -23.85 -1.84 29.78
N GLN G 200 -23.51 -0.60 29.42
CA GLN G 200 -22.24 -0.02 29.85
C GLN G 200 -22.27 0.34 31.33
N THR G 201 -23.37 0.93 31.79
CA THR G 201 -23.47 1.29 33.20
C THR G 201 -23.71 0.08 34.09
N LYS G 202 -24.17 -1.03 33.51
CA LYS G 202 -24.40 -2.24 34.30
C LYS G 202 -23.11 -3.06 34.40
N LEU G 203 -22.48 -3.36 33.27
CA LEU G 203 -21.37 -4.28 33.26
C LEU G 203 -20.08 -3.63 33.74
N TYR G 204 -19.74 -2.46 33.17
CA TYR G 204 -18.42 -1.86 33.33
C TYR G 204 -18.56 -0.50 34.00
N GLY G 205 -18.57 -0.48 35.33
CA GLY G 205 -18.50 0.76 36.08
C GLY G 205 -19.70 1.66 35.84
N SER G 206 -19.45 2.97 35.85
CA SER G 206 -20.46 3.96 35.52
C SER G 206 -19.76 5.23 35.06
N GLY G 207 -20.30 5.86 34.02
CA GLY G 207 -19.73 7.08 33.50
C GLY G 207 -18.83 6.87 32.30
N ASN G 208 -17.93 7.82 32.04
CA ASN G 208 -17.03 7.70 30.90
C ASN G 208 -15.95 6.67 31.19
N LYS G 209 -15.59 5.90 30.16
CA LYS G 209 -14.70 4.76 30.31
C LYS G 209 -13.44 4.98 29.49
N LEU G 210 -12.29 4.69 30.08
CA LEU G 210 -11.00 4.90 29.43
C LEU G 210 -10.10 3.71 29.70
N VAL G 211 -9.50 3.18 28.64
CA VAL G 211 -8.49 2.13 28.74
C VAL G 211 -7.24 2.56 27.99
N THR G 212 -6.09 2.37 28.61
CA THR G 212 -4.80 2.66 27.98
C THR G 212 -3.92 1.43 28.06
N VAL G 213 -3.17 1.20 26.99
CA VAL G 213 -2.21 0.10 26.91
C VAL G 213 -0.84 0.68 26.63
N GLY G 214 0.14 0.33 27.45
CA GLY G 214 1.44 0.94 27.35
C GLY G 214 2.61 -0.03 27.24
N SER G 215 3.49 0.22 26.29
CA SER G 215 4.76 -0.48 26.16
C SER G 215 5.89 0.55 26.16
N SER G 216 7.11 0.07 25.96
CA SER G 216 8.24 0.99 25.80
C SER G 216 8.18 1.71 24.48
N ASN G 217 7.68 1.04 23.44
CA ASN G 217 7.56 1.63 22.12
C ASN G 217 6.13 1.72 21.61
N TYR G 218 5.16 1.18 22.33
CA TYR G 218 3.76 1.23 21.94
C TYR G 218 2.97 1.93 23.04
N GLN G 219 2.41 3.09 22.73
CA GLN G 219 1.56 3.83 23.64
C GLN G 219 0.26 4.13 22.91
N GLN G 220 -0.87 3.83 23.55
CA GLN G 220 -2.13 3.84 22.84
C GLN G 220 -3.27 3.98 23.83
N SER G 221 -4.23 4.84 23.51
CA SER G 221 -5.38 5.11 24.36
C SER G 221 -6.67 4.81 23.61
N PHE G 222 -7.51 3.98 24.23
CA PHE G 222 -8.75 3.50 23.64
C PHE G 222 -9.95 3.82 24.52
N VAL G 223 -11.11 3.96 23.88
CA VAL G 223 -12.36 4.28 24.57
C VAL G 223 -13.45 3.36 24.04
N PRO G 224 -14.32 2.81 24.89
CA PRO G 224 -15.45 2.03 24.38
C PRO G 224 -16.44 2.91 23.62
N SER G 225 -17.09 2.31 22.63
CA SER G 225 -18.06 3.00 21.79
C SER G 225 -19.46 2.45 22.05
N PRO G 226 -20.35 3.21 22.71
CA PRO G 226 -21.71 2.75 22.96
C PRO G 226 -22.68 3.12 21.84
N ARG G 238 -19.78 -6.33 18.66
CA ARG G 238 -19.73 -5.49 19.85
C ARG G 238 -18.41 -5.66 20.59
N ILE G 239 -17.37 -6.09 19.88
CA ILE G 239 -16.08 -6.35 20.50
C ILE G 239 -15.00 -6.21 19.43
N ASP G 240 -13.80 -5.79 19.85
CA ASP G 240 -12.64 -5.82 18.98
C ASP G 240 -11.44 -6.35 19.75
N PHE G 241 -10.51 -6.96 19.02
CA PHE G 241 -9.28 -7.49 19.58
C PHE G 241 -8.10 -6.79 18.93
N HIS G 242 -7.06 -6.53 19.71
CA HIS G 242 -6.01 -5.59 19.32
C HIS G 242 -4.67 -6.20 19.67
N TRP G 243 -3.95 -6.73 18.68
CA TRP G 243 -2.71 -7.45 18.93
C TRP G 243 -1.54 -6.49 19.10
N LEU G 244 -0.42 -7.04 19.56
CA LEU G 244 0.73 -6.26 19.99
C LEU G 244 1.97 -7.14 20.06
N MET G 245 3.08 -6.59 19.57
CA MET G 245 4.41 -7.17 19.78
C MET G 245 4.95 -6.80 21.15
N LEU G 246 5.91 -7.60 21.62
CA LEU G 246 6.59 -7.29 22.86
C LEU G 246 8.02 -7.81 22.78
N ASN G 247 8.99 -6.89 22.82
CA ASN G 247 10.39 -7.24 22.77
C ASN G 247 10.81 -7.95 24.06
N PRO G 248 11.87 -8.75 24.02
CA PRO G 248 12.41 -9.34 25.25
C PRO G 248 12.93 -8.26 26.20
N ASN G 249 12.81 -8.55 27.50
CA ASN G 249 13.10 -7.66 28.63
C ASN G 249 12.27 -6.38 28.61
N ASP G 250 11.16 -6.36 27.88
CA ASP G 250 10.23 -5.24 27.88
C ASP G 250 8.96 -5.64 28.63
N THR G 251 8.10 -4.67 28.88
CA THR G 251 6.93 -4.89 29.72
C THR G 251 5.73 -4.15 29.15
N VAL G 252 4.73 -4.90 28.69
CA VAL G 252 3.44 -4.29 28.39
C VAL G 252 2.78 -3.84 29.68
N THR G 253 1.96 -2.80 29.57
CA THR G 253 1.25 -2.27 30.72
C THR G 253 -0.19 -1.98 30.34
N PHE G 254 -1.12 -2.63 31.02
CA PHE G 254 -2.54 -2.39 30.81
C PHE G 254 -3.06 -1.47 31.91
N SER G 255 -4.10 -0.69 31.57
CA SER G 255 -4.72 0.22 32.52
C SER G 255 -6.16 0.42 32.04
N PHE G 256 -7.10 -0.16 32.76
CA PHE G 256 -8.49 -0.28 32.29
C PHE G 256 -9.47 0.16 33.36
N ASN G 257 -10.35 1.08 33.00
CA ASN G 257 -11.40 1.53 33.90
C ASN G 257 -12.69 0.78 33.62
N GLY G 258 -12.91 0.37 32.37
CA GLY G 258 -14.16 -0.22 31.99
C GLY G 258 -14.07 -1.56 31.28
N ALA G 259 -14.60 -1.61 30.06
CA ALA G 259 -14.63 -2.85 29.28
C ALA G 259 -13.23 -3.26 28.88
N PHE G 260 -12.83 -4.46 29.30
CA PHE G 260 -11.50 -4.97 28.99
C PHE G 260 -11.55 -6.48 29.10
N ILE G 261 -11.52 -7.17 27.95
CA ILE G 261 -11.41 -8.62 27.98
C ILE G 261 -9.95 -8.94 28.25
N ALA G 262 -9.61 -9.14 29.51
CA ALA G 262 -8.23 -9.25 29.94
C ALA G 262 -7.65 -10.60 29.52
N PRO G 263 -6.37 -10.62 29.12
CA PRO G 263 -5.75 -11.89 28.76
C PRO G 263 -5.45 -12.73 30.00
N ASP G 264 -5.44 -14.04 29.80
CA ASP G 264 -4.97 -14.97 30.81
C ASP G 264 -3.61 -15.56 30.47
N ARG G 265 -3.39 -15.91 29.21
CA ARG G 265 -2.12 -16.43 28.76
C ARG G 265 -1.67 -15.68 27.53
N ALA G 266 -0.37 -15.40 27.45
CA ALA G 266 0.21 -14.78 26.26
C ALA G 266 0.50 -15.87 25.23
N SER G 267 1.20 -15.51 24.16
CA SER G 267 1.51 -16.50 23.12
C SER G 267 2.85 -16.15 22.50
N PHE G 268 3.72 -17.14 22.37
CA PHE G 268 5.04 -16.98 21.80
C PHE G 268 5.14 -17.71 20.47
N LEU G 269 6.08 -17.26 19.65
CA LEU G 269 6.29 -17.88 18.34
C LEU G 269 6.96 -19.24 18.53
N ARG G 270 6.80 -20.10 17.52
CA ARG G 270 7.44 -21.41 17.58
C ARG G 270 8.41 -21.68 16.43
N GLY G 271 8.01 -21.43 15.20
CA GLY G 271 8.87 -21.73 14.06
C GLY G 271 8.47 -20.97 12.82
N LYS G 272 8.70 -21.60 11.67
CA LYS G 272 8.38 -21.01 10.36
C LYS G 272 7.48 -21.98 9.61
N SER G 273 6.28 -21.54 9.29
CA SER G 273 5.28 -22.36 8.62
C SER G 273 4.73 -21.63 7.38
N MET G 274 3.72 -22.24 6.77
CA MET G 274 2.97 -21.60 5.69
C MET G 274 1.54 -22.12 5.75
N GLY G 275 0.60 -21.32 5.25
CA GLY G 275 -0.80 -21.65 5.37
C GLY G 275 -1.55 -21.71 4.05
N ILE G 276 -2.75 -22.27 4.10
CA ILE G 276 -3.62 -22.44 2.94
C ILE G 276 -5.02 -21.97 3.33
N GLN G 277 -5.67 -21.26 2.43
CA GLN G 277 -7.07 -20.88 2.56
C GLN G 277 -7.84 -21.67 1.51
N SER G 278 -8.41 -22.80 1.90
CA SER G 278 -9.04 -23.70 0.94
C SER G 278 -10.30 -24.30 1.56
N GLY G 279 -10.85 -25.30 0.87
CA GLY G 279 -12.03 -26.00 1.34
C GLY G 279 -11.93 -27.50 1.19
N VAL G 280 -10.86 -27.99 0.57
CA VAL G 280 -10.67 -29.43 0.39
C VAL G 280 -10.04 -30.01 1.64
N GLN G 281 -10.26 -31.30 1.87
CA GLN G 281 -9.86 -31.93 3.12
C GLN G 281 -8.40 -32.37 3.07
N VAL G 282 -7.86 -32.69 4.25
CA VAL G 282 -6.46 -33.08 4.39
C VAL G 282 -6.32 -34.57 4.08
N ASP G 283 -5.46 -34.89 3.11
CA ASP G 283 -5.17 -36.28 2.73
C ASP G 283 -3.65 -36.38 2.55
N ALA G 284 -2.96 -36.75 3.64
CA ALA G 284 -1.50 -36.75 3.68
C ALA G 284 -0.98 -38.01 3.00
N ASP G 285 -0.54 -37.87 1.75
CA ASP G 285 0.12 -38.90 0.95
C ASP G 285 1.39 -38.41 0.25
N CYS G 286 1.51 -37.10 0.03
CA CYS G 286 2.40 -36.50 -0.96
C CYS G 286 3.68 -35.99 -0.29
N GLU G 287 4.38 -35.08 -0.96
CA GLU G 287 5.21 -34.09 -0.30
C GLU G 287 4.61 -32.70 -0.56
N GLY G 288 4.51 -31.89 0.49
CA GLY G 288 3.81 -30.61 0.44
C GLY G 288 4.62 -29.38 0.11
N ASP G 289 5.05 -29.22 -1.14
CA ASP G 289 5.89 -28.07 -1.49
C ASP G 289 5.06 -26.80 -1.67
N CYS G 290 4.22 -26.76 -2.70
CA CYS G 290 3.46 -25.57 -3.06
C CYS G 290 1.96 -25.86 -3.04
N TYR G 291 1.18 -24.81 -2.81
CA TYR G 291 -0.25 -24.96 -2.60
C TYR G 291 -0.99 -23.97 -3.48
N TYR G 292 -2.31 -24.03 -3.44
CA TYR G 292 -3.16 -23.00 -4.03
C TYR G 292 -4.47 -22.98 -3.24
N SER G 293 -5.48 -22.28 -3.76
CA SER G 293 -6.69 -22.06 -2.98
C SER G 293 -7.64 -23.25 -2.95
N GLY G 294 -7.31 -24.36 -3.62
CA GLY G 294 -8.17 -25.52 -3.58
C GLY G 294 -7.44 -26.85 -3.59
N GLY G 295 -6.16 -26.86 -3.25
CA GLY G 295 -5.41 -28.10 -3.23
C GLY G 295 -3.92 -27.85 -3.29
N THR G 296 -3.21 -28.90 -3.69
CA THR G 296 -1.75 -28.90 -3.74
C THR G 296 -1.28 -29.00 -5.18
N ILE G 297 -0.33 -28.13 -5.55
CA ILE G 297 0.39 -28.25 -6.81
C ILE G 297 1.86 -28.49 -6.51
N ILE G 298 2.37 -29.65 -6.94
CA ILE G 298 3.79 -29.96 -6.85
C ILE G 298 4.24 -30.52 -8.19
N SER G 299 5.40 -30.06 -8.66
CA SER G 299 6.20 -30.67 -9.72
C SER G 299 7.51 -29.91 -9.80
N ASN G 300 8.31 -30.26 -10.80
CA ASN G 300 9.46 -29.46 -11.20
C ASN G 300 9.09 -28.35 -12.19
N LEU G 301 7.81 -28.28 -12.58
CA LEU G 301 7.32 -27.30 -13.53
C LEU G 301 7.53 -25.87 -13.04
N PRO G 302 8.24 -25.02 -13.78
CA PRO G 302 8.50 -23.66 -13.30
C PRO G 302 7.33 -22.69 -13.42
N PHE G 303 6.29 -23.02 -14.18
CA PHE G 303 5.17 -22.11 -14.37
C PHE G 303 3.86 -22.85 -14.20
N GLN G 304 2.80 -22.11 -13.89
CA GLN G 304 1.48 -22.67 -13.69
C GLN G 304 0.43 -21.69 -14.18
N ASN G 305 -0.83 -22.10 -14.13
CA ASN G 305 -1.92 -21.26 -14.59
C ASN G 305 -3.16 -21.33 -13.70
N ILE G 306 -3.12 -22.09 -12.60
CA ILE G 306 -4.33 -22.36 -11.83
C ILE G 306 -4.73 -21.14 -11.01
N ASP G 307 -3.83 -20.64 -10.18
CA ASP G 307 -4.16 -19.50 -9.35
C ASP G 307 -2.91 -18.67 -9.11
N SER G 308 -3.08 -17.35 -9.06
CA SER G 308 -2.00 -16.41 -8.82
C SER G 308 -1.65 -16.28 -7.35
N ARG G 309 -2.42 -16.92 -6.46
CA ARG G 309 -2.22 -16.81 -5.02
C ARG G 309 -1.59 -18.08 -4.46
N ALA G 310 -0.69 -18.69 -5.21
CA ALA G 310 -0.02 -19.91 -4.76
C ALA G 310 0.98 -19.58 -3.65
N VAL G 311 0.99 -20.40 -2.60
CA VAL G 311 1.73 -20.13 -1.38
C VAL G 311 2.77 -21.23 -1.18
N GLY G 312 4.03 -20.84 -1.05
CA GLY G 312 5.14 -21.75 -0.84
C GLY G 312 6.15 -21.62 -1.96
N LYS G 313 7.00 -22.64 -2.08
CA LYS G 313 7.98 -22.72 -3.16
C LYS G 313 7.23 -23.12 -4.42
N CYS G 314 6.78 -22.12 -5.16
CA CYS G 314 5.73 -22.28 -6.14
C CYS G 314 6.21 -21.94 -7.54
N PRO G 315 5.53 -22.45 -8.58
CA PRO G 315 5.79 -21.99 -9.95
C PRO G 315 5.32 -20.56 -10.16
N ARG G 316 5.75 -19.93 -11.24
CA ARG G 316 5.42 -18.55 -11.53
C ARG G 316 4.15 -18.48 -12.35
N TYR G 317 3.20 -17.64 -11.93
CA TYR G 317 1.94 -17.50 -12.63
C TYR G 317 2.13 -16.82 -13.98
N VAL G 318 1.40 -17.30 -14.99
CA VAL G 318 1.38 -16.68 -16.31
C VAL G 318 -0.07 -16.53 -16.74
N LYS G 319 -0.27 -15.75 -17.81
CA LYS G 319 -1.59 -15.64 -18.41
C LYS G 319 -1.83 -16.69 -19.48
N GLN G 320 -0.77 -17.32 -19.96
CA GLN G 320 -0.88 -18.27 -21.07
C GLN G 320 -1.56 -19.55 -20.61
N ARG G 321 -2.24 -20.21 -21.56
CA ARG G 321 -2.88 -21.49 -21.27
C ARG G 321 -1.84 -22.57 -21.00
N SER G 322 -0.92 -22.76 -21.94
CA SER G 322 0.11 -23.78 -21.79
C SER G 322 1.27 -23.41 -22.70
N LEU G 323 2.40 -23.05 -22.10
CA LEU G 323 3.61 -22.83 -22.88
C LEU G 323 4.41 -24.13 -22.92
N LEU G 324 4.96 -24.43 -24.08
CA LEU G 324 5.65 -25.70 -24.30
C LEU G 324 7.06 -25.40 -24.77
N LEU G 325 8.05 -25.95 -24.07
CA LEU G 325 9.45 -25.78 -24.45
C LEU G 325 9.85 -26.90 -25.40
N ALA G 326 10.34 -26.54 -26.58
CA ALA G 326 10.72 -27.53 -27.57
C ALA G 326 12.03 -28.18 -27.17
N THR G 327 11.95 -29.25 -26.37
CA THR G 327 13.14 -30.01 -25.98
C THR G 327 13.79 -30.67 -27.19
N GLY G 328 12.98 -31.06 -28.18
CA GLY G 328 13.49 -31.68 -29.39
C GLY G 328 13.83 -30.68 -30.48
N MET G 329 14.30 -31.22 -31.59
CA MET G 329 14.76 -30.47 -32.74
C MET G 329 13.61 -30.18 -33.71
N LYS G 330 13.96 -29.49 -34.81
CA LYS G 330 12.99 -29.14 -35.83
C LYS G 330 12.50 -30.40 -36.55
N ASN G 331 11.19 -30.44 -36.80
CA ASN G 331 10.56 -31.59 -37.44
C ASN G 331 10.16 -31.20 -38.86
N VAL G 332 10.58 -32.01 -39.82
CA VAL G 332 10.09 -31.91 -41.20
C VAL G 332 9.63 -33.29 -41.66
N PRO G 333 8.38 -33.65 -41.36
CA PRO G 333 7.91 -34.99 -41.69
C PRO G 333 7.67 -35.17 -43.18
N GLU G 334 7.65 -36.43 -43.59
CA GLU G 334 7.46 -36.79 -44.99
C GLU G 334 6.02 -36.52 -45.44
N LEU G 346 17.01 -22.12 -37.65
CA LEU G 346 17.45 -20.73 -37.74
C LEU G 346 18.93 -20.69 -38.06
N PHE G 347 19.66 -21.69 -37.57
CA PHE G 347 21.06 -21.84 -37.93
C PHE G 347 21.18 -22.28 -39.39
N GLY G 348 22.35 -22.06 -39.97
CA GLY G 348 22.60 -22.31 -41.37
C GLY G 348 22.42 -23.74 -41.84
N ALA G 349 21.74 -23.90 -42.98
CA ALA G 349 21.49 -25.18 -43.64
C ALA G 349 20.71 -26.15 -42.76
N ILE G 350 19.61 -25.68 -42.18
CA ILE G 350 18.65 -26.58 -41.55
C ILE G 350 17.67 -27.05 -42.61
N ALA G 351 17.56 -28.38 -42.75
CA ALA G 351 16.85 -29.05 -43.86
C ALA G 351 17.32 -28.52 -45.21
N GLY G 352 18.64 -28.53 -45.41
CA GLY G 352 19.24 -27.97 -46.59
C GLY G 352 19.54 -29.00 -47.66
N PHE G 353 20.81 -29.40 -47.78
CA PHE G 353 21.20 -30.44 -48.72
C PHE G 353 20.56 -31.78 -48.39
N ILE G 354 20.36 -32.06 -47.10
CA ILE G 354 19.46 -33.14 -46.69
C ILE G 354 18.05 -32.59 -46.64
N GLU G 355 17.09 -33.35 -47.16
CA GLU G 355 15.73 -32.84 -47.28
C GLU G 355 14.94 -33.01 -45.98
N ASN G 356 14.75 -34.25 -45.55
CA ASN G 356 13.91 -34.54 -44.40
C ASN G 356 14.55 -35.67 -43.59
N GLY G 357 13.94 -35.95 -42.42
CA GLY G 357 14.39 -37.03 -41.58
C GLY G 357 13.80 -38.37 -42.00
N TRP G 358 14.05 -39.37 -41.15
CA TRP G 358 13.54 -40.72 -41.39
C TRP G 358 13.36 -41.42 -40.06
N GLU G 359 12.21 -42.07 -39.89
CA GLU G 359 11.79 -42.57 -38.57
C GLU G 359 12.61 -43.78 -38.14
N GLY G 360 13.24 -44.49 -39.09
CA GLY G 360 13.99 -45.69 -38.78
C GLY G 360 15.23 -45.47 -37.93
N LEU G 361 15.64 -44.22 -37.75
CA LEU G 361 16.70 -43.86 -36.82
C LEU G 361 16.17 -44.00 -35.40
N ILE G 362 16.38 -45.17 -34.80
CA ILE G 362 15.93 -45.44 -33.44
C ILE G 362 16.99 -45.06 -32.41
N ASP G 363 18.06 -44.40 -32.85
CA ASP G 363 19.12 -43.91 -31.99
C ASP G 363 18.74 -42.58 -31.36
N GLY G 364 19.73 -41.83 -30.86
CA GLY G 364 19.49 -40.52 -30.28
C GLY G 364 18.98 -39.45 -31.24
N TRP G 365 19.05 -38.17 -30.83
CA TRP G 365 18.35 -37.14 -31.58
C TRP G 365 18.96 -36.80 -32.94
N TYR G 366 20.08 -37.41 -33.35
CA TYR G 366 20.50 -37.46 -34.74
C TYR G 366 21.48 -38.62 -34.86
N GLY G 367 21.62 -39.12 -36.09
CA GLY G 367 22.39 -40.32 -36.30
C GLY G 367 23.07 -40.41 -37.66
N PHE G 368 22.98 -41.58 -38.28
CA PHE G 368 23.71 -41.86 -39.51
C PHE G 368 22.98 -42.97 -40.25
N ARG G 369 23.10 -42.91 -41.59
CA ARG G 369 22.46 -43.93 -42.47
C ARG G 369 23.54 -44.74 -43.17
N HIS G 370 23.48 -46.06 -43.09
CA HIS G 370 24.48 -46.95 -43.66
C HIS G 370 23.93 -47.49 -44.99
N GLN G 371 24.60 -47.15 -46.10
CA GLN G 371 24.17 -47.57 -47.42
C GLN G 371 25.39 -47.65 -48.33
N ASN G 372 25.90 -48.86 -48.52
CA ASN G 372 26.96 -49.07 -49.51
C ASN G 372 26.67 -50.31 -50.34
N ALA G 373 27.66 -50.77 -51.12
CA ALA G 373 27.45 -51.86 -52.06
C ALA G 373 27.21 -53.19 -51.35
N GLN G 374 27.80 -53.38 -50.16
CA GLN G 374 27.71 -54.66 -49.46
C GLN G 374 27.01 -54.55 -48.11
N GLY G 375 26.32 -53.45 -47.82
CA GLY G 375 25.66 -53.32 -46.54
C GLY G 375 24.55 -52.29 -46.58
N GLU G 376 23.59 -52.48 -45.68
CA GLU G 376 22.44 -51.59 -45.54
C GLU G 376 22.11 -51.47 -44.06
N GLY G 377 21.36 -50.43 -43.72
CA GLY G 377 20.79 -50.30 -42.39
C GLY G 377 21.02 -48.93 -41.79
N THR G 378 20.79 -48.86 -40.48
CA THR G 378 20.82 -47.63 -39.71
C THR G 378 21.99 -47.64 -38.73
N ALA G 379 22.73 -46.52 -38.70
CA ALA G 379 23.90 -46.40 -37.83
C ALA G 379 23.69 -45.22 -36.90
N ALA G 380 24.73 -44.87 -36.14
CA ALA G 380 24.64 -43.80 -35.16
C ALA G 380 25.98 -43.11 -35.01
N ASP G 381 25.95 -41.87 -34.53
CA ASP G 381 27.15 -41.12 -34.16
C ASP G 381 27.11 -40.89 -32.66
N TYR G 382 27.63 -41.87 -31.92
CA TYR G 382 27.37 -41.97 -30.48
C TYR G 382 28.04 -40.86 -29.69
N LYS G 383 29.27 -40.49 -30.06
CA LYS G 383 30.05 -39.47 -29.35
C LYS G 383 29.36 -38.11 -29.34
N SER G 384 29.15 -37.57 -30.54
CA SER G 384 28.52 -36.26 -30.65
C SER G 384 27.05 -36.31 -30.26
N THR G 385 26.37 -37.43 -30.51
CA THR G 385 24.97 -37.55 -30.10
C THR G 385 24.84 -37.52 -28.58
N GLN G 386 25.74 -38.22 -27.88
CA GLN G 386 25.75 -38.22 -26.43
C GLN G 386 26.10 -36.84 -25.88
N SER G 387 27.04 -36.13 -26.53
CA SER G 387 27.36 -34.78 -26.09
C SER G 387 26.18 -33.83 -26.27
N ALA G 388 25.47 -33.95 -27.39
CA ALA G 388 24.31 -33.10 -27.65
C ALA G 388 23.17 -33.37 -26.67
N ILE G 389 22.87 -34.65 -26.42
CA ILE G 389 21.79 -34.93 -25.48
C ILE G 389 22.21 -34.65 -24.05
N ASP G 390 23.52 -34.68 -23.76
CA ASP G 390 24.01 -34.24 -22.46
C ASP G 390 23.77 -32.74 -22.28
N CYS G 391 24.03 -31.97 -23.34
CA CYS G 391 23.76 -30.53 -23.31
C CYS G 391 22.28 -30.24 -23.13
N ILE G 392 21.41 -30.97 -23.82
CA ILE G 392 19.97 -30.75 -23.69
C ILE G 392 19.45 -31.20 -22.33
N THR G 393 19.95 -32.29 -21.77
CA THR G 393 19.52 -32.70 -20.43
C THR G 393 19.99 -31.73 -19.37
N GLY G 394 21.20 -31.19 -19.49
CA GLY G 394 21.62 -30.12 -18.60
C GLY G 394 20.81 -28.86 -18.77
N LYS G 395 20.40 -28.57 -20.01
CA LYS G 395 19.51 -27.44 -20.29
C LYS G 395 18.17 -27.60 -19.57
N LEU G 396 17.56 -28.77 -19.69
CA LEU G 396 16.25 -28.98 -19.06
C LEU G 396 16.37 -29.05 -17.55
N ASN G 397 17.50 -29.53 -17.03
CA ASN G 397 17.73 -29.50 -15.59
C ASN G 397 17.87 -28.06 -15.09
N ARG G 398 18.56 -27.21 -15.84
CA ARG G 398 18.75 -25.83 -15.41
C ARG G 398 17.46 -25.03 -15.55
N LEU G 399 16.62 -25.34 -16.54
CA LEU G 399 15.42 -24.55 -16.76
C LEU G 399 14.23 -25.07 -15.95
N ILE G 400 13.89 -26.35 -16.14
CA ILE G 400 12.81 -26.98 -15.39
C ILE G 400 13.33 -27.22 -13.98
N GLU G 401 12.99 -26.32 -13.05
CA GLU G 401 13.51 -26.34 -11.70
C GLU G 401 12.61 -25.47 -10.82
N LYS G 402 12.59 -25.78 -9.53
CA LYS G 402 11.76 -25.04 -8.60
C LYS G 402 12.55 -23.92 -7.91
N THR G 403 11.85 -22.84 -7.61
CA THR G 403 12.47 -21.72 -6.91
C THR G 403 12.70 -22.08 -5.44
N ASN G 404 13.62 -21.35 -4.82
CA ASN G 404 13.98 -21.54 -3.42
C ASN G 404 13.44 -20.44 -2.52
N GLN G 405 12.57 -19.59 -3.03
CA GLN G 405 12.04 -18.45 -2.28
C GLN G 405 10.54 -18.62 -2.09
N GLN G 406 10.07 -18.32 -0.89
CA GLN G 406 8.70 -18.61 -0.48
C GLN G 406 7.90 -17.32 -0.38
N PHE G 407 6.75 -17.29 -1.05
CA PHE G 407 5.78 -16.21 -0.91
C PHE G 407 4.84 -16.46 0.26
N GLU G 408 4.15 -15.43 0.69
CA GLU G 408 3.17 -15.54 1.75
C GLU G 408 1.82 -15.04 1.27
N LEU G 409 0.77 -15.62 1.83
CA LEU G 409 -0.61 -15.28 1.45
C LEU G 409 -0.96 -14.00 2.19
N ILE G 410 -0.79 -12.86 1.52
CA ILE G 410 -1.05 -11.55 2.13
C ILE G 410 -2.25 -10.87 1.53
N ASP G 411 -2.84 -11.43 0.47
CA ASP G 411 -4.18 -11.07 0.05
C ASP G 411 -5.13 -11.96 0.86
N ASN G 412 -6.44 -11.85 0.64
CA ASN G 412 -7.37 -12.68 1.42
C ASN G 412 -8.60 -12.96 0.57
N GLU G 413 -8.97 -14.23 0.48
CA GLU G 413 -10.13 -14.61 -0.32
C GLU G 413 -11.40 -14.70 0.52
N PHE G 414 -11.28 -15.16 1.76
CA PHE G 414 -12.45 -15.39 2.59
C PHE G 414 -13.06 -14.07 3.06
N THR G 415 -12.23 -13.13 3.50
CA THR G 415 -12.69 -11.81 3.93
C THR G 415 -11.81 -10.77 3.25
N GLU G 416 -12.44 -9.94 2.40
CA GLU G 416 -11.70 -9.06 1.51
C GLU G 416 -10.96 -7.97 2.28
N VAL G 417 -9.77 -7.62 1.80
CA VAL G 417 -9.05 -6.47 2.33
C VAL G 417 -9.73 -5.18 1.87
N GLU G 418 -9.31 -4.07 2.48
CA GLU G 418 -9.90 -2.79 2.10
C GLU G 418 -9.41 -2.38 0.71
N LYS G 419 -10.24 -1.59 0.03
CA LYS G 419 -10.25 -1.60 -1.42
C LYS G 419 -9.03 -0.89 -2.03
N GLN G 420 -8.45 0.10 -1.34
CA GLN G 420 -7.31 0.81 -1.91
C GLN G 420 -6.06 -0.06 -1.93
N ILE G 421 -5.70 -0.65 -0.80
CA ILE G 421 -4.58 -1.58 -0.75
C ILE G 421 -4.89 -2.83 -1.57
N GLY G 422 -6.16 -3.22 -1.64
CA GLY G 422 -6.54 -4.34 -2.50
C GLY G 422 -6.30 -4.08 -3.97
N ASN G 423 -6.64 -2.88 -4.43
CA ASN G 423 -6.38 -2.52 -5.82
C ASN G 423 -4.90 -2.34 -6.09
N VAL G 424 -4.15 -1.83 -5.11
CA VAL G 424 -2.69 -1.75 -5.24
C VAL G 424 -2.08 -3.15 -5.37
N ILE G 425 -2.56 -4.08 -4.55
CA ILE G 425 -2.08 -5.46 -4.57
C ILE G 425 -2.45 -6.13 -5.89
N ASN G 426 -3.67 -5.93 -6.38
CA ASN G 426 -4.08 -6.55 -7.64
C ASN G 426 -3.34 -5.96 -8.82
N TRP G 427 -3.08 -4.65 -8.81
CA TRP G 427 -2.30 -4.03 -9.89
C TRP G 427 -0.87 -4.55 -9.87
N THR G 428 -0.28 -4.68 -8.67
CA THR G 428 1.08 -5.20 -8.56
C THR G 428 1.15 -6.64 -9.01
N ARG G 429 0.15 -7.45 -8.64
CA ARG G 429 0.13 -8.85 -9.03
C ARG G 429 -0.06 -9.01 -10.53
N ASP G 430 -0.90 -8.17 -11.14
CA ASP G 430 -1.09 -8.24 -12.59
C ASP G 430 0.16 -7.76 -13.33
N SER G 431 0.87 -6.78 -12.77
CA SER G 431 2.10 -6.33 -13.42
C SER G 431 3.20 -7.39 -13.33
N ILE G 432 3.35 -8.02 -12.16
CA ILE G 432 4.29 -9.13 -12.02
C ILE G 432 3.87 -10.32 -12.88
N THR G 433 2.56 -10.51 -13.05
CA THR G 433 2.04 -11.52 -13.96
C THR G 433 2.44 -11.25 -15.40
N GLU G 434 2.31 -9.99 -15.83
CA GLU G 434 2.77 -9.59 -17.16
C GLU G 434 4.27 -9.81 -17.34
N VAL G 435 5.06 -9.45 -16.32
CA VAL G 435 6.51 -9.59 -16.42
C VAL G 435 6.90 -11.06 -16.53
N TRP G 436 6.32 -11.91 -15.69
CA TRP G 436 6.69 -13.32 -15.72
C TRP G 436 6.13 -14.02 -16.96
N SER G 437 4.95 -13.64 -17.43
CA SER G 437 4.41 -14.22 -18.66
C SER G 437 5.25 -13.84 -19.86
N TYR G 438 5.66 -12.59 -19.95
CA TYR G 438 6.50 -12.13 -21.05
C TYR G 438 7.90 -12.74 -20.98
N ASN G 439 8.45 -12.89 -19.77
CA ASN G 439 9.74 -13.57 -19.62
C ASN G 439 9.63 -15.05 -19.97
N ALA G 440 8.52 -15.70 -19.63
CA ALA G 440 8.32 -17.10 -19.98
C ALA G 440 8.19 -17.27 -21.48
N GLU G 441 7.48 -16.36 -22.14
CA GLU G 441 7.36 -16.40 -23.59
C GLU G 441 8.71 -16.20 -24.26
N LEU G 442 9.50 -15.25 -23.76
CA LEU G 442 10.85 -15.05 -24.29
C LEU G 442 11.73 -16.27 -24.07
N LEU G 443 11.68 -16.83 -22.86
CA LEU G 443 12.52 -17.99 -22.53
C LEU G 443 12.18 -19.18 -23.41
N VAL G 444 10.89 -19.46 -23.59
CA VAL G 444 10.45 -20.55 -24.44
C VAL G 444 10.89 -20.31 -25.88
N ALA G 445 10.76 -19.07 -26.36
CA ALA G 445 11.10 -18.76 -27.75
C ALA G 445 12.59 -18.89 -28.01
N MET G 446 13.43 -18.27 -27.18
CA MET G 446 14.85 -18.33 -27.51
C MET G 446 15.46 -19.66 -27.11
N GLU G 447 14.83 -20.40 -26.19
CA GLU G 447 15.41 -21.70 -25.90
C GLU G 447 14.98 -22.72 -26.96
N ASN G 448 13.89 -22.41 -27.67
CA ASN G 448 13.50 -23.24 -28.83
C ASN G 448 14.52 -22.91 -29.94
N GLN G 449 14.88 -21.63 -30.10
CA GLN G 449 15.90 -21.26 -31.08
C GLN G 449 17.27 -21.82 -30.73
N HIS G 450 17.61 -21.84 -29.45
CA HIS G 450 18.88 -22.41 -29.00
C HIS G 450 18.93 -23.91 -29.21
N THR G 451 17.81 -24.60 -29.04
CA THR G 451 17.78 -26.03 -29.34
C THR G 451 17.92 -26.27 -30.83
N ILE G 452 17.33 -25.41 -31.67
CA ILE G 452 17.50 -25.55 -33.13
C ILE G 452 18.95 -25.34 -33.53
N ASP G 453 19.58 -24.30 -32.98
CA ASP G 453 20.98 -24.03 -33.30
C ASP G 453 21.91 -25.10 -32.73
N LEU G 454 21.59 -25.62 -31.55
CA LEU G 454 22.36 -26.69 -30.93
C LEU G 454 22.01 -28.06 -31.52
N ALA G 455 21.03 -28.12 -32.41
CA ALA G 455 20.82 -29.29 -33.25
C ALA G 455 21.52 -29.15 -34.60
N ASP G 456 21.70 -27.92 -35.07
CA ASP G 456 22.21 -27.71 -36.42
C ASP G 456 23.72 -27.51 -36.48
N SER G 457 24.32 -26.94 -35.43
CA SER G 457 25.72 -26.55 -35.47
C SER G 457 26.64 -27.75 -35.55
N GLU G 458 26.38 -28.77 -34.73
CA GLU G 458 27.21 -29.96 -34.80
C GLU G 458 26.89 -30.82 -36.01
N MET G 459 25.70 -30.67 -36.62
CA MET G 459 25.48 -31.32 -37.90
C MET G 459 26.35 -30.68 -38.96
N ASP G 460 26.49 -29.34 -38.91
CA ASP G 460 27.42 -28.65 -39.79
C ASP G 460 28.86 -29.09 -39.52
N LYS G 461 29.21 -29.29 -38.25
CA LYS G 461 30.55 -29.79 -37.95
C LYS G 461 30.75 -31.23 -38.42
N LEU G 462 29.73 -32.09 -38.35
CA LEU G 462 29.79 -33.41 -38.97
C LEU G 462 30.02 -33.30 -40.46
N TYR G 463 29.32 -32.37 -41.12
CA TYR G 463 29.42 -32.19 -42.57
C TYR G 463 30.82 -31.76 -42.98
N GLU G 464 31.39 -30.78 -42.28
CA GLU G 464 32.74 -30.36 -42.62
C GLU G 464 33.80 -31.37 -42.20
N ARG G 465 33.58 -32.14 -41.13
CA ARG G 465 34.55 -33.17 -40.76
C ARG G 465 34.57 -34.30 -41.78
N VAL G 466 33.40 -34.73 -42.27
CA VAL G 466 33.43 -35.78 -43.29
C VAL G 466 33.91 -35.22 -44.63
N LYS G 467 33.69 -33.92 -44.86
CA LYS G 467 34.23 -33.26 -46.05
C LYS G 467 35.76 -33.26 -46.04
N ARG G 468 36.35 -32.87 -44.92
CA ARG G 468 37.82 -32.84 -44.84
C ARG G 468 38.43 -34.21 -44.62
N GLN G 469 37.66 -35.19 -44.15
CA GLN G 469 38.16 -36.55 -44.05
C GLN G 469 38.17 -37.24 -45.40
N LEU G 470 37.16 -36.98 -46.24
CA LEU G 470 37.16 -37.54 -47.59
C LEU G 470 38.12 -36.81 -48.51
N ARG G 471 38.18 -35.48 -48.39
CA ARG G 471 39.11 -34.58 -49.10
C ARG G 471 38.88 -34.72 -50.61
N GLU G 472 39.92 -34.87 -51.42
CA GLU G 472 39.77 -34.96 -52.88
C GLU G 472 39.29 -36.33 -53.33
N ASN G 473 39.31 -37.33 -52.44
CA ASN G 473 38.87 -38.67 -52.81
C ASN G 473 37.38 -38.76 -53.08
N ALA G 474 36.59 -37.82 -52.58
CA ALA G 474 35.13 -37.85 -52.77
C ALA G 474 34.65 -36.42 -52.97
N GLU G 475 34.47 -36.03 -54.23
CA GLU G 475 33.84 -34.76 -54.56
C GLU G 475 32.34 -34.91 -54.43
N GLU G 476 31.72 -34.11 -53.56
CA GLU G 476 30.33 -34.32 -53.20
C GLU G 476 29.39 -33.59 -54.16
N ASP G 477 28.38 -34.30 -54.64
CA ASP G 477 27.34 -33.67 -55.46
C ASP G 477 26.40 -32.82 -54.61
N GLY G 478 26.21 -33.18 -53.34
CA GLY G 478 25.47 -32.35 -52.42
C GLY G 478 23.98 -32.57 -52.33
N THR G 479 23.49 -33.74 -52.73
CA THR G 479 22.07 -34.08 -52.57
C THR G 479 21.81 -34.84 -51.27
N GLY G 480 22.66 -34.65 -50.26
CA GLY G 480 22.55 -35.35 -49.00
C GLY G 480 23.50 -36.52 -48.86
N CYS G 481 24.26 -36.85 -49.90
CA CYS G 481 25.19 -37.98 -49.87
C CYS G 481 26.47 -37.58 -50.57
N PHE G 482 27.55 -38.29 -50.24
CA PHE G 482 28.86 -38.08 -50.85
C PHE G 482 29.12 -39.18 -51.86
N GLU G 483 29.71 -38.80 -53.00
CA GLU G 483 30.06 -39.76 -54.05
C GLU G 483 31.53 -40.14 -53.89
N ILE G 484 31.78 -41.39 -53.54
CA ILE G 484 33.15 -41.89 -53.40
C ILE G 484 33.69 -42.27 -54.77
N PHE G 485 34.83 -41.68 -55.14
CA PHE G 485 35.43 -42.00 -56.44
C PHE G 485 36.12 -43.36 -56.40
N HIS G 486 36.68 -43.74 -55.25
CA HIS G 486 37.39 -44.99 -55.10
C HIS G 486 36.48 -46.05 -54.49
N LYS G 487 37.04 -47.20 -54.14
CA LYS G 487 36.27 -48.28 -53.52
C LYS G 487 36.26 -48.10 -52.00
N CYS G 488 35.06 -48.21 -51.42
CA CYS G 488 34.86 -48.04 -49.98
C CYS G 488 33.83 -49.09 -49.55
N ASP G 489 34.31 -50.14 -48.91
CA ASP G 489 33.49 -51.28 -48.55
C ASP G 489 32.83 -51.04 -47.20
N ASP G 490 32.31 -52.11 -46.58
CA ASP G 490 31.68 -52.02 -45.26
C ASP G 490 32.68 -51.61 -44.19
N ASP G 491 33.91 -52.12 -44.28
CA ASP G 491 34.95 -51.72 -43.34
C ASP G 491 35.32 -50.25 -43.52
N CYS G 492 35.27 -49.74 -44.75
CA CYS G 492 35.60 -48.34 -44.97
C CYS G 492 34.46 -47.43 -44.55
N MET G 493 33.20 -47.88 -44.72
CA MET G 493 32.05 -47.28 -44.02
C MET G 493 32.29 -47.17 -42.52
N ALA G 494 32.71 -48.27 -41.89
CA ALA G 494 32.93 -48.26 -40.44
C ALA G 494 34.08 -47.33 -40.06
N SER G 495 35.13 -47.28 -40.88
CA SER G 495 36.28 -46.44 -40.61
C SER G 495 35.93 -44.95 -40.70
N ILE G 496 35.09 -44.57 -41.68
CA ILE G 496 34.60 -43.20 -41.71
C ILE G 496 33.64 -42.95 -40.55
N ARG G 497 32.89 -43.98 -40.15
CA ARG G 497 31.92 -43.83 -39.06
C ARG G 497 32.59 -43.55 -37.72
N ASN G 498 33.69 -44.24 -37.41
CA ASN G 498 34.42 -43.97 -36.18
C ASN G 498 35.66 -43.10 -36.40
N ASN G 499 35.57 -42.17 -37.36
CA ASN G 499 36.50 -41.11 -37.79
C ASN G 499 37.98 -41.48 -37.69
N THR G 500 38.32 -42.71 -38.10
CA THR G 500 39.69 -43.16 -38.21
C THR G 500 40.10 -43.36 -39.66
N TYR G 501 39.34 -42.81 -40.61
CA TYR G 501 39.62 -43.01 -42.02
C TYR G 501 40.82 -42.20 -42.45
N ASP G 502 41.74 -42.84 -43.18
CA ASP G 502 42.87 -42.18 -43.81
C ASP G 502 42.78 -42.44 -45.31
N HIS G 503 42.80 -41.36 -46.09
CA HIS G 503 42.66 -41.45 -47.53
C HIS G 503 43.99 -41.61 -48.26
N SER G 504 45.08 -41.85 -47.51
CA SER G 504 46.39 -42.02 -48.14
C SER G 504 46.50 -43.31 -48.93
N LYS G 505 45.69 -44.32 -48.60
CA LYS G 505 45.69 -45.57 -49.36
C LYS G 505 44.94 -45.43 -50.68
N TYR G 506 43.92 -44.58 -50.74
CA TYR G 506 43.03 -44.51 -51.89
C TYR G 506 43.08 -43.18 -52.62
N ARG G 507 44.02 -42.30 -52.28
CA ARG G 507 44.11 -40.99 -52.95
C ARG G 507 44.45 -41.14 -54.43
N GLU G 508 45.44 -41.98 -54.76
CA GLU G 508 45.77 -42.20 -56.16
C GLU G 508 44.73 -43.04 -56.88
N GLU G 509 43.99 -43.88 -56.13
CA GLU G 509 42.87 -44.62 -56.72
C GLU G 509 41.76 -43.68 -57.13
N ALA G 510 41.46 -42.67 -56.30
CA ALA G 510 40.34 -41.77 -56.54
C ALA G 510 40.72 -40.52 -57.32
N MET G 511 42.02 -40.26 -57.52
CA MET G 511 42.42 -39.04 -58.23
C MET G 511 42.11 -39.13 -59.72
N GLN G 512 42.42 -40.27 -60.34
CA GLN G 512 42.26 -40.42 -61.78
C GLN G 512 40.84 -40.78 -62.20
N ASN G 513 39.96 -41.08 -61.24
CA ASN G 513 38.58 -41.42 -61.57
C ASN G 513 37.74 -40.16 -61.81
N ASP H 19 33.23 -14.58 -68.06
CA ASP H 19 32.15 -15.55 -67.97
C ASP H 19 32.02 -16.04 -66.53
N LYS H 20 31.12 -15.41 -65.77
CA LYS H 20 31.05 -15.63 -64.33
C LYS H 20 29.68 -15.22 -63.82
N ILE H 21 29.29 -15.80 -62.69
CA ILE H 21 28.10 -15.40 -61.94
C ILE H 21 28.54 -14.85 -60.59
N CYS H 22 28.10 -13.64 -60.28
CA CYS H 22 28.44 -12.98 -59.03
C CYS H 22 27.21 -12.86 -58.14
N LEU H 23 27.45 -12.92 -56.84
CA LEU H 23 26.40 -12.87 -55.84
C LEU H 23 26.29 -11.45 -55.29
N GLY H 24 25.34 -11.24 -54.38
CA GLY H 24 25.25 -9.95 -53.73
C GLY H 24 23.92 -9.77 -53.02
N HIS H 25 23.74 -8.56 -52.50
CA HIS H 25 22.56 -8.18 -51.72
C HIS H 25 22.30 -6.69 -51.95
N HIS H 26 21.25 -6.21 -51.31
CA HIS H 26 20.78 -4.85 -51.53
C HIS H 26 21.50 -3.87 -50.61
N ALA H 27 21.20 -2.58 -50.80
CA ALA H 27 21.59 -1.51 -49.90
C ALA H 27 20.68 -0.32 -50.16
N VAL H 28 20.67 0.61 -49.20
CA VAL H 28 20.03 1.92 -49.40
C VAL H 28 21.05 2.99 -49.04
N SER H 29 20.81 4.19 -49.57
CA SER H 29 21.74 5.30 -49.36
C SER H 29 21.74 5.77 -47.91
N ASN H 30 20.56 5.85 -47.29
CA ASN H 30 20.44 6.28 -45.92
C ASN H 30 19.47 5.36 -45.17
N GLY H 31 19.78 5.11 -43.90
CA GLY H 31 18.93 4.33 -43.04
C GLY H 31 18.82 4.93 -41.66
N THR H 32 19.01 4.11 -40.62
CA THR H 32 19.01 4.59 -39.25
C THR H 32 19.95 3.71 -38.44
N LYS H 33 20.81 4.35 -37.65
CA LYS H 33 21.69 3.61 -36.75
C LYS H 33 20.87 3.05 -35.59
N VAL H 34 20.97 1.74 -35.39
CA VAL H 34 20.13 1.02 -34.44
C VAL H 34 21.02 0.38 -33.39
N ASN H 35 20.65 0.55 -32.12
CA ASN H 35 21.31 -0.18 -31.04
C ASN H 35 21.06 -1.69 -31.16
N THR H 36 22.10 -2.47 -30.91
CA THR H 36 22.02 -3.92 -31.05
C THR H 36 22.59 -4.54 -29.78
N LEU H 37 22.75 -5.87 -29.81
CA LEU H 37 23.24 -6.59 -28.64
C LEU H 37 24.72 -6.35 -28.41
N CYS H 38 25.50 -6.14 -29.47
CA CYS H 38 26.95 -6.07 -29.35
C CYS H 38 27.51 -4.66 -29.23
N GLU H 39 26.98 -3.69 -29.96
CA GLU H 39 27.48 -2.32 -29.87
C GLU H 39 26.33 -1.36 -30.17
N ARG H 40 26.65 -0.10 -30.42
CA ARG H 40 25.64 0.96 -30.50
C ARG H 40 25.63 1.58 -31.89
N GLY H 41 24.50 1.46 -32.58
CA GLY H 41 24.29 2.17 -33.82
C GLY H 41 24.69 1.45 -35.10
N VAL H 42 24.14 0.25 -35.33
CA VAL H 42 24.37 -0.44 -36.59
C VAL H 42 23.54 0.21 -37.68
N GLU H 43 24.20 0.55 -38.80
CA GLU H 43 23.49 1.06 -39.97
C GLU H 43 22.67 -0.06 -40.59
N VAL H 44 21.37 0.16 -40.73
CA VAL H 44 20.45 -0.84 -41.24
C VAL H 44 19.77 -0.31 -42.49
N VAL H 45 19.17 -1.24 -43.24
CA VAL H 45 18.44 -0.84 -44.44
C VAL H 45 17.09 -0.20 -44.09
N ASN H 46 16.42 -0.70 -43.05
CA ASN H 46 15.13 -0.16 -42.68
C ASN H 46 14.95 -0.27 -41.17
N ALA H 47 14.32 0.73 -40.58
CA ALA H 47 14.14 0.78 -39.13
C ALA H 47 12.73 1.25 -38.83
N THR H 48 11.93 0.39 -38.20
CA THR H 48 10.60 0.76 -37.77
C THR H 48 10.68 1.41 -36.39
N GLU H 49 9.51 1.68 -35.82
CA GLU H 49 9.42 2.27 -34.49
C GLU H 49 8.61 1.36 -33.59
N THR H 50 9.10 1.13 -32.37
CA THR H 50 8.38 0.35 -31.37
C THR H 50 7.94 1.17 -30.17
N VAL H 51 8.39 2.42 -30.06
CA VAL H 51 8.02 3.28 -28.94
C VAL H 51 7.26 4.46 -29.52
N GLU H 52 5.96 4.50 -29.27
CA GLU H 52 5.15 5.56 -29.85
C GLU H 52 5.35 6.87 -29.10
N ARG H 53 5.54 7.94 -29.86
CA ARG H 53 5.67 9.29 -29.31
C ARG H 53 4.56 10.22 -29.71
N THR H 54 3.90 9.99 -30.84
CA THR H 54 2.87 10.88 -31.34
C THR H 54 1.52 10.50 -30.76
N ASN H 55 0.79 11.49 -30.26
CA ASN H 55 -0.52 11.30 -29.69
C ASN H 55 -1.52 12.23 -30.35
N ILE H 56 -2.79 11.87 -30.29
CA ILE H 56 -3.89 12.69 -30.78
C ILE H 56 -4.48 13.43 -29.58
N PRO H 57 -4.33 14.76 -29.49
CA PRO H 57 -4.78 15.45 -28.27
C PRO H 57 -6.28 15.69 -28.22
N ARG H 58 -7.07 14.69 -28.58
CA ARG H 58 -8.52 14.71 -28.43
C ARG H 58 -8.94 13.32 -27.96
N ILE H 59 -10.08 13.26 -27.28
CA ILE H 59 -10.63 12.01 -26.80
C ILE H 59 -11.44 11.41 -27.93
N CYS H 60 -10.77 10.62 -28.78
CA CYS H 60 -11.31 10.20 -30.06
C CYS H 60 -11.91 8.81 -29.90
N SER H 61 -13.24 8.74 -29.72
CA SER H 61 -13.87 7.51 -29.22
C SER H 61 -15.17 7.19 -29.96
N LYS H 62 -15.15 7.27 -31.29
CA LYS H 62 -16.33 6.94 -32.09
C LYS H 62 -16.64 5.45 -32.03
N GLY H 63 -17.92 5.11 -31.94
CA GLY H 63 -18.37 3.74 -32.01
C GLY H 63 -18.70 3.11 -30.67
N LYS H 64 -18.28 3.71 -29.57
CA LYS H 64 -18.55 3.20 -28.24
C LYS H 64 -18.97 4.36 -27.34
N ARG H 65 -19.87 4.06 -26.40
CA ARG H 65 -20.65 5.08 -25.72
C ARG H 65 -19.79 5.93 -24.80
N THR H 66 -20.03 7.24 -24.81
CA THR H 66 -19.16 8.20 -24.13
C THR H 66 -19.99 9.23 -23.40
N VAL H 67 -19.57 9.60 -22.18
CA VAL H 67 -20.19 10.64 -21.39
C VAL H 67 -19.13 11.67 -21.03
N ASP H 68 -19.38 12.94 -21.38
CA ASP H 68 -18.51 14.04 -21.00
C ASP H 68 -19.13 14.73 -19.80
N LEU H 69 -18.51 14.56 -18.63
CA LEU H 69 -19.04 15.17 -17.41
C LEU H 69 -18.83 16.68 -17.40
N GLY H 70 -17.63 17.13 -17.78
CA GLY H 70 -17.32 18.54 -17.77
C GLY H 70 -17.21 19.11 -16.37
N GLN H 71 -18.17 19.95 -16.00
CA GLN H 71 -18.25 20.46 -14.64
C GLN H 71 -18.75 19.41 -13.66
N CYS H 72 -19.33 18.32 -14.15
CA CYS H 72 -19.81 17.25 -13.30
C CYS H 72 -18.64 16.40 -12.79
N GLY H 73 -18.79 15.86 -11.59
CA GLY H 73 -17.82 14.94 -11.03
C GLY H 73 -18.39 13.54 -10.98
N LEU H 74 -17.50 12.54 -11.02
CA LEU H 74 -17.98 11.16 -10.96
C LEU H 74 -18.34 10.76 -9.54
N LEU H 75 -17.75 11.37 -8.54
CA LEU H 75 -18.36 11.27 -7.23
C LEU H 75 -19.62 12.11 -7.13
N GLY H 76 -19.79 13.08 -8.03
CA GLY H 76 -21.03 13.83 -8.07
C GLY H 76 -22.21 12.98 -8.53
N THR H 77 -22.02 12.15 -9.56
CA THR H 77 -23.14 11.53 -10.27
C THR H 77 -23.91 10.52 -9.41
N ILE H 78 -23.37 10.13 -8.26
CA ILE H 78 -24.18 9.41 -7.29
C ILE H 78 -25.05 10.38 -6.49
N THR H 79 -24.41 11.44 -5.98
CA THR H 79 -25.06 12.41 -5.09
C THR H 79 -26.15 13.22 -5.79
N GLY H 80 -25.90 13.64 -7.02
CA GLY H 80 -26.75 14.55 -7.73
C GLY H 80 -26.60 16.03 -7.39
N PRO H 81 -25.45 16.63 -7.68
CA PRO H 81 -25.31 18.07 -7.49
C PRO H 81 -25.96 18.80 -8.65
N PRO H 82 -26.06 20.14 -8.60
CA PRO H 82 -26.61 20.87 -9.76
C PRO H 82 -25.80 20.73 -11.05
N GLN H 83 -24.54 20.33 -10.98
CA GLN H 83 -23.74 20.19 -12.18
C GLN H 83 -23.85 18.81 -12.83
N CYS H 84 -24.61 17.89 -12.25
CA CYS H 84 -24.76 16.55 -12.81
C CYS H 84 -26.21 16.14 -13.01
N ASP H 85 -27.09 17.11 -13.29
CA ASP H 85 -28.52 16.81 -13.39
C ASP H 85 -28.83 15.96 -14.60
N GLN H 86 -28.12 16.18 -15.71
CA GLN H 86 -28.32 15.36 -16.90
C GLN H 86 -27.45 14.10 -16.91
N PHE H 87 -26.52 13.97 -15.96
CA PHE H 87 -25.67 12.80 -15.86
C PHE H 87 -25.91 12.03 -14.57
N LEU H 88 -27.04 12.29 -13.91
CA LEU H 88 -27.37 11.63 -12.65
C LEU H 88 -27.61 10.14 -12.85
N GLU H 89 -28.19 9.74 -13.97
CA GLU H 89 -28.51 8.35 -14.25
C GLU H 89 -27.92 7.93 -15.59
N PHE H 90 -26.63 8.21 -15.77
CA PHE H 90 -25.99 7.98 -17.06
C PHE H 90 -25.75 6.48 -17.27
N SER H 91 -25.45 6.13 -18.52
CA SER H 91 -25.23 4.74 -18.89
C SER H 91 -24.33 4.73 -20.12
N ALA H 92 -23.03 4.47 -19.91
CA ALA H 92 -22.07 4.42 -21.01
C ALA H 92 -20.85 3.63 -20.56
N ASP H 93 -20.00 3.31 -21.53
CA ASP H 93 -18.74 2.63 -21.28
C ASP H 93 -17.59 3.61 -21.07
N LEU H 94 -17.84 4.91 -21.14
CA LEU H 94 -16.80 5.90 -20.92
C LEU H 94 -17.26 6.92 -19.91
N ILE H 95 -16.35 7.33 -19.03
CA ILE H 95 -16.52 8.51 -18.19
C ILE H 95 -15.33 9.42 -18.42
N ILE H 96 -15.61 10.67 -18.77
CA ILE H 96 -14.59 11.70 -18.90
C ILE H 96 -14.77 12.70 -17.77
N GLU H 97 -13.93 12.60 -16.74
CA GLU H 97 -13.92 13.55 -15.65
C GLU H 97 -12.83 14.59 -15.91
N ARG H 98 -13.19 15.85 -15.74
CA ARG H 98 -12.30 16.96 -16.05
C ARG H 98 -11.70 17.52 -14.76
N ARG H 99 -10.65 18.34 -14.94
CA ARG H 99 -10.00 18.99 -13.81
C ARG H 99 -10.92 20.00 -13.14
N GLU H 100 -11.70 20.73 -13.94
CA GLU H 100 -12.59 21.76 -13.41
C GLU H 100 -13.82 21.17 -12.71
N GLY H 101 -14.08 19.87 -12.90
CA GLY H 101 -15.27 19.27 -12.34
C GLY H 101 -15.16 19.10 -10.84
N SER H 102 -16.07 19.71 -10.09
CA SER H 102 -16.15 19.56 -8.65
C SER H 102 -17.31 18.63 -8.31
N ASP H 103 -17.04 17.61 -7.52
CA ASP H 103 -18.04 16.59 -7.23
C ASP H 103 -19.11 17.03 -6.24
N VAL H 104 -18.85 18.09 -5.47
CA VAL H 104 -19.81 18.58 -4.50
C VAL H 104 -20.00 20.08 -4.68
N CYS H 105 -21.17 20.57 -4.30
CA CYS H 105 -21.45 22.00 -4.24
C CYS H 105 -21.37 22.54 -2.82
N TYR H 106 -21.96 21.84 -1.86
CA TYR H 106 -21.66 22.10 -0.46
C TYR H 106 -20.22 21.67 -0.19
N PRO H 107 -19.50 22.38 0.69
CA PRO H 107 -18.13 21.95 1.02
C PRO H 107 -18.11 20.61 1.72
N GLY H 108 -17.10 19.81 1.41
CA GLY H 108 -16.97 18.49 1.99
C GLY H 108 -16.11 17.61 1.11
N LYS H 109 -15.82 16.43 1.64
CA LYS H 109 -14.96 15.47 0.96
C LYS H 109 -15.48 14.06 1.20
N PHE H 110 -15.11 13.16 0.30
CA PHE H 110 -15.48 11.75 0.43
C PHE H 110 -14.46 11.02 1.29
N VAL H 111 -14.95 10.27 2.27
CA VAL H 111 -14.11 9.36 3.04
C VAL H 111 -14.05 8.04 2.30
N ASN H 112 -12.85 7.44 2.25
CA ASN H 112 -12.53 6.27 1.42
C ASN H 112 -12.84 6.59 -0.05
N GLU H 113 -11.99 7.47 -0.59
CA GLU H 113 -12.32 8.32 -1.72
C GLU H 113 -11.83 7.75 -3.04
N GLU H 114 -10.52 7.46 -3.13
CA GLU H 114 -9.94 7.00 -4.39
C GLU H 114 -10.44 5.61 -4.74
N ALA H 115 -10.71 4.76 -3.74
CA ALA H 115 -11.28 3.45 -4.01
C ALA H 115 -12.68 3.56 -4.57
N LEU H 116 -13.47 4.52 -4.07
CA LEU H 116 -14.81 4.72 -4.60
C LEU H 116 -14.77 5.23 -6.03
N ARG H 117 -13.81 6.12 -6.33
CA ARG H 117 -13.64 6.56 -7.71
C ARG H 117 -13.22 5.41 -8.62
N GLN H 118 -12.37 4.51 -8.13
CA GLN H 118 -11.98 3.35 -8.92
C GLN H 118 -13.12 2.36 -9.12
N ILE H 119 -14.06 2.27 -8.18
CA ILE H 119 -15.26 1.47 -8.43
C ILE H 119 -16.13 2.13 -9.50
N LEU H 120 -16.35 3.44 -9.38
CA LEU H 120 -17.25 4.11 -10.33
C LEU H 120 -16.65 4.25 -11.71
N ARG H 121 -15.34 4.11 -11.86
CA ARG H 121 -14.82 3.91 -13.21
C ARG H 121 -15.30 2.60 -13.81
N GLU H 122 -15.38 1.53 -13.02
CA GLU H 122 -15.66 0.18 -13.52
C GLU H 122 -17.14 -0.15 -13.44
N SER H 123 -18.00 0.84 -13.66
CA SER H 123 -19.43 0.68 -13.47
C SER H 123 -20.19 0.29 -14.73
N GLY H 124 -19.75 0.76 -15.90
CA GLY H 124 -20.56 0.60 -17.09
C GLY H 124 -21.78 1.49 -17.12
N GLY H 125 -21.78 2.58 -16.37
CA GLY H 125 -22.95 3.39 -16.16
C GLY H 125 -23.69 2.99 -14.90
N ILE H 126 -24.61 3.86 -14.49
CA ILE H 126 -25.33 3.70 -13.23
C ILE H 126 -26.82 3.58 -13.52
N ASP H 127 -27.43 2.54 -12.98
CA ASP H 127 -28.88 2.35 -12.99
C ASP H 127 -29.37 2.62 -11.58
N LYS H 128 -29.83 3.84 -11.34
CA LYS H 128 -30.32 4.21 -10.01
C LYS H 128 -31.65 3.50 -9.75
N GLU H 129 -31.61 2.60 -8.75
CA GLU H 129 -32.84 1.91 -8.29
C GLU H 129 -33.46 2.76 -7.19
N ALA H 130 -34.72 3.14 -7.35
CA ALA H 130 -35.35 4.06 -6.42
C ALA H 130 -35.55 3.38 -5.08
N MET H 131 -34.74 3.79 -4.09
CA MET H 131 -34.88 3.25 -2.75
C MET H 131 -36.18 3.71 -2.12
N GLY H 132 -36.88 2.78 -1.48
CA GLY H 132 -38.27 3.01 -1.11
C GLY H 132 -38.51 3.77 0.17
N PHE H 133 -37.58 4.64 0.57
CA PHE H 133 -37.70 5.33 1.84
C PHE H 133 -38.70 6.47 1.70
N THR H 134 -39.38 6.79 2.80
CA THR H 134 -40.41 7.83 2.82
C THR H 134 -40.13 8.96 3.79
N TYR H 135 -39.58 8.63 4.97
CA TYR H 135 -39.28 9.58 6.05
C TYR H 135 -40.53 10.33 6.50
N SER H 136 -41.48 9.58 7.05
CA SER H 136 -42.72 10.15 7.54
C SER H 136 -42.51 10.79 8.91
N GLY H 137 -43.03 11.99 9.07
CA GLY H 137 -42.98 12.67 10.34
C GLY H 137 -41.80 13.61 10.55
N ILE H 138 -41.09 13.98 9.48
CA ILE H 138 -39.97 14.91 9.59
C ILE H 138 -39.88 15.67 8.28
N ARG H 139 -39.21 16.82 8.31
CA ARG H 139 -39.04 17.62 7.11
C ARG H 139 -37.98 16.99 6.21
N THR H 140 -38.21 17.07 4.90
CA THR H 140 -37.36 16.43 3.92
C THR H 140 -36.45 17.41 3.18
N ASN H 141 -36.99 18.56 2.77
CA ASN H 141 -36.22 19.52 2.00
C ASN H 141 -35.22 20.25 2.89
N GLY H 142 -33.95 20.24 2.47
CA GLY H 142 -32.89 20.84 3.24
C GLY H 142 -31.94 21.63 2.36
N ALA H 143 -32.49 22.31 1.37
CA ALA H 143 -31.69 23.02 0.37
C ALA H 143 -30.87 24.13 0.99
N THR H 144 -29.60 24.20 0.61
CA THR H 144 -28.66 25.15 1.17
C THR H 144 -28.32 26.25 0.17
N SER H 145 -27.63 27.28 0.67
CA SER H 145 -27.26 28.42 -0.16
C SER H 145 -26.07 28.11 -1.06
N SER H 146 -25.32 27.05 -0.77
CA SER H 146 -24.11 26.78 -1.53
C SER H 146 -24.41 26.21 -2.91
N CYS H 147 -25.50 25.47 -3.06
CA CYS H 147 -25.85 24.81 -4.31
C CYS H 147 -26.93 25.64 -5.00
N ARG H 148 -26.71 25.96 -6.28
CA ARG H 148 -27.59 26.83 -7.05
C ARG H 148 -28.23 26.06 -8.18
N ARG H 149 -29.56 25.86 -8.08
CA ARG H 149 -30.33 25.29 -9.18
C ARG H 149 -31.75 25.81 -9.00
N SER H 150 -32.12 26.80 -9.82
CA SER H 150 -33.40 27.52 -9.74
C SER H 150 -33.64 28.08 -8.35
N GLY H 151 -32.57 28.64 -7.75
CA GLY H 151 -32.62 29.08 -6.38
C GLY H 151 -31.99 28.07 -5.44
N SER H 152 -32.65 27.78 -4.33
CA SER H 152 -32.14 26.81 -3.37
C SER H 152 -32.52 25.41 -3.81
N SER H 153 -31.52 24.54 -3.95
CA SER H 153 -31.76 23.15 -4.34
C SER H 153 -30.64 22.29 -3.79
N PHE H 154 -31.00 21.27 -2.99
CA PHE H 154 -30.03 20.34 -2.44
C PHE H 154 -29.75 19.24 -3.45
N TYR H 155 -29.09 18.15 -3.05
CA TYR H 155 -28.88 17.02 -3.93
C TYR H 155 -30.20 16.37 -4.32
N ALA H 156 -30.30 15.97 -5.58
CA ALA H 156 -31.57 15.44 -6.09
C ALA H 156 -31.85 14.05 -5.55
N GLU H 157 -30.81 13.24 -5.34
CA GLU H 157 -30.99 11.85 -4.96
C GLU H 157 -30.51 11.55 -3.55
N MET H 158 -30.29 12.57 -2.72
CA MET H 158 -30.27 12.41 -1.28
C MET H 158 -31.18 13.46 -0.66
N LYS H 159 -31.35 13.35 0.66
CA LYS H 159 -32.22 14.26 1.38
C LYS H 159 -31.53 14.68 2.67
N TRP H 160 -31.48 15.98 2.91
CA TRP H 160 -31.02 16.52 4.20
C TRP H 160 -32.20 16.35 5.15
N LEU H 161 -32.13 15.32 5.99
CA LEU H 161 -33.17 15.10 6.98
C LEU H 161 -33.02 16.13 8.09
N LEU H 162 -34.00 17.01 8.22
CA LEU H 162 -33.95 18.15 9.11
C LEU H 162 -35.25 18.19 9.88
N SER H 163 -35.20 18.68 11.12
CA SER H 163 -36.38 18.76 11.98
C SER H 163 -37.40 19.73 11.41
N ASN H 164 -38.66 19.52 11.80
CA ASN H 164 -39.76 20.34 11.30
C ASN H 164 -39.64 21.79 11.77
N THR H 165 -39.27 21.98 13.03
CA THR H 165 -39.01 23.30 13.57
C THR H 165 -37.66 23.32 14.28
N ASP H 166 -37.07 24.51 14.36
CA ASP H 166 -35.74 24.65 14.91
C ASP H 166 -35.76 24.46 16.43
N ASN H 167 -34.65 23.93 16.95
CA ASN H 167 -34.45 23.60 18.36
C ASN H 167 -35.54 22.68 18.88
N ALA H 168 -35.67 21.53 18.20
CA ALA H 168 -36.69 20.54 18.54
C ALA H 168 -36.03 19.17 18.52
N ALA H 169 -36.81 18.16 18.89
CA ALA H 169 -36.31 16.80 19.00
C ALA H 169 -36.29 16.11 17.64
N PHE H 170 -35.26 15.30 17.41
CA PHE H 170 -35.14 14.50 16.20
C PHE H 170 -35.57 13.08 16.51
N PRO H 171 -36.66 12.58 15.91
CA PRO H 171 -37.03 11.18 16.10
C PRO H 171 -35.96 10.24 15.56
N GLN H 172 -35.69 9.18 16.32
CA GLN H 172 -34.62 8.25 15.98
C GLN H 172 -35.16 7.19 15.01
N MET H 173 -35.36 7.64 13.77
CA MET H 173 -35.77 6.71 12.72
C MET H 173 -34.57 5.88 12.29
N THR H 174 -34.76 4.57 12.21
CA THR H 174 -33.67 3.64 11.95
C THR H 174 -34.01 2.88 10.67
N LYS H 175 -33.67 3.46 9.53
CA LYS H 175 -34.14 3.00 8.24
C LYS H 175 -33.45 1.70 7.82
N SER H 176 -34.06 1.01 6.85
CA SER H 176 -33.55 -0.29 6.40
C SER H 176 -34.02 -0.57 4.99
N TYR H 177 -33.14 -1.18 4.20
CA TYR H 177 -33.43 -1.50 2.80
C TYR H 177 -32.77 -2.82 2.43
N LYS H 178 -33.46 -3.64 1.67
CA LYS H 178 -32.96 -4.95 1.26
C LYS H 178 -32.72 -4.98 -0.24
N ASN H 179 -31.53 -5.43 -0.63
CA ASN H 179 -31.18 -5.60 -2.04
C ASN H 179 -31.85 -6.84 -2.61
N THR H 180 -33.04 -6.67 -3.19
CA THR H 180 -33.77 -7.82 -3.72
C THR H 180 -33.14 -8.34 -5.01
N ARG H 181 -32.57 -7.44 -5.81
CA ARG H 181 -32.00 -7.84 -7.09
C ARG H 181 -30.68 -8.58 -6.88
N LYS H 182 -30.38 -9.49 -7.82
CA LYS H 182 -29.19 -10.33 -7.74
C LYS H 182 -28.00 -9.57 -8.31
N ASN H 183 -27.60 -8.52 -7.59
CA ASN H 183 -26.48 -7.68 -7.96
C ASN H 183 -26.01 -6.93 -6.72
N PRO H 184 -24.73 -6.63 -6.60
CA PRO H 184 -24.27 -5.80 -5.48
C PRO H 184 -24.81 -4.39 -5.59
N ALA H 185 -25.17 -3.82 -4.44
CA ALA H 185 -25.79 -2.51 -4.40
C ALA H 185 -24.83 -1.49 -3.79
N LEU H 186 -24.59 -0.42 -4.53
CA LEU H 186 -23.82 0.73 -4.07
C LEU H 186 -24.74 1.62 -3.26
N ILE H 187 -24.58 1.59 -1.96
CA ILE H 187 -25.39 2.38 -1.04
C ILE H 187 -24.55 3.53 -0.53
N VAL H 188 -25.10 4.73 -0.56
CA VAL H 188 -24.37 5.93 -0.16
C VAL H 188 -25.17 6.63 0.93
N TRP H 189 -24.48 7.30 1.85
CA TRP H 189 -25.11 8.16 2.82
C TRP H 189 -24.12 9.25 3.20
N GLY H 190 -24.64 10.33 3.76
CA GLY H 190 -23.82 11.47 4.11
C GLY H 190 -24.09 11.92 5.52
N ILE H 191 -23.05 12.44 6.17
CA ILE H 191 -23.13 12.95 7.52
C ILE H 191 -22.75 14.42 7.50
N HIS H 192 -23.63 15.26 8.02
CA HIS H 192 -23.39 16.70 8.07
C HIS H 192 -22.74 17.05 9.40
N HIS H 193 -21.45 17.36 9.37
CA HIS H 193 -20.81 17.98 10.52
C HIS H 193 -21.41 19.37 10.71
N SER H 194 -21.65 19.73 11.97
CA SER H 194 -22.33 20.99 12.25
C SER H 194 -21.42 22.18 12.04
N GLY H 195 -20.18 22.09 12.50
CA GLY H 195 -19.26 23.20 12.49
C GLY H 195 -19.28 24.03 13.75
N SER H 196 -20.38 24.00 14.50
CA SER H 196 -20.51 24.67 15.78
C SER H 196 -21.65 24.01 16.53
N THR H 197 -21.70 24.25 17.84
CA THR H 197 -22.81 23.71 18.64
C THR H 197 -24.11 24.45 18.34
N ALA H 198 -24.03 25.71 17.90
CA ALA H 198 -25.24 26.50 17.65
C ALA H 198 -26.01 25.98 16.45
N GLU H 199 -25.30 25.64 15.37
CA GLU H 199 -25.96 25.10 14.19
C GLU H 199 -26.52 23.70 14.47
N GLN H 200 -25.82 22.91 15.29
CA GLN H 200 -26.31 21.58 15.66
C GLN H 200 -27.60 21.70 16.47
N THR H 201 -27.63 22.59 17.46
CA THR H 201 -28.83 22.78 18.28
C THR H 201 -29.97 23.39 17.47
N LYS H 202 -29.66 24.26 16.51
CA LYS H 202 -30.70 24.84 15.67
C LYS H 202 -31.30 23.80 14.73
N LEU H 203 -30.45 23.03 14.06
CA LEU H 203 -30.95 22.13 13.03
C LEU H 203 -31.48 20.83 13.62
N TYR H 204 -30.63 20.06 14.29
CA TYR H 204 -30.99 18.73 14.73
C TYR H 204 -31.33 18.67 16.22
N GLY H 205 -31.35 19.80 16.91
CA GLY H 205 -31.67 19.84 18.31
C GLY H 205 -30.43 19.70 19.19
N SER H 206 -30.65 19.84 20.49
CA SER H 206 -29.58 19.80 21.46
C SER H 206 -29.21 18.36 21.79
N GLY H 207 -28.10 18.22 22.52
CA GLY H 207 -27.63 16.92 22.96
C GLY H 207 -26.65 16.30 21.98
N ASN H 208 -26.07 15.18 22.41
CA ASN H 208 -25.16 14.43 21.55
C ASN H 208 -25.93 13.74 20.44
N LYS H 209 -25.25 13.57 19.30
CA LYS H 209 -25.83 12.94 18.13
C LYS H 209 -25.07 11.65 17.83
N LEU H 210 -25.82 10.57 17.64
CA LEU H 210 -25.24 9.25 17.37
C LEU H 210 -25.93 8.67 16.15
N VAL H 211 -25.18 8.49 15.07
CA VAL H 211 -25.66 7.86 13.86
C VAL H 211 -24.84 6.60 13.59
N THR H 212 -25.54 5.50 13.31
CA THR H 212 -24.91 4.21 13.04
C THR H 212 -25.52 3.61 11.78
N VAL H 213 -24.76 2.74 11.14
CA VAL H 213 -25.28 1.95 10.03
C VAL H 213 -25.19 0.49 10.43
N GLY H 214 -25.66 -0.40 9.55
CA GLY H 214 -25.63 -1.81 9.89
C GLY H 214 -25.89 -2.72 8.71
N SER H 215 -25.02 -3.71 8.53
CA SER H 215 -25.18 -4.71 7.50
C SER H 215 -24.62 -6.03 8.02
N SER H 216 -24.57 -7.03 7.14
CA SER H 216 -23.91 -8.28 7.51
C SER H 216 -22.39 -8.13 7.50
N ASN H 217 -21.86 -7.22 6.69
CA ASN H 217 -20.42 -7.02 6.58
C ASN H 217 -19.98 -5.63 6.98
N TYR H 218 -20.85 -4.86 7.63
CA TYR H 218 -20.53 -3.46 7.96
C TYR H 218 -21.37 -3.06 9.16
N GLN H 219 -20.73 -2.95 10.32
CA GLN H 219 -21.41 -2.56 11.56
C GLN H 219 -20.48 -1.53 12.23
N GLN H 220 -20.19 -0.46 11.50
CA GLN H 220 -19.24 0.53 11.96
C GLN H 220 -19.93 1.87 12.21
N SER H 221 -19.59 2.49 13.34
CA SER H 221 -20.38 3.54 13.97
C SER H 221 -19.76 4.91 13.75
N PHE H 222 -20.62 5.94 13.74
CA PHE H 222 -20.24 7.32 13.43
C PHE H 222 -20.63 8.25 14.56
N VAL H 223 -20.04 9.44 14.56
CA VAL H 223 -20.45 10.54 15.42
C VAL H 223 -20.14 11.86 14.70
N PRO H 224 -21.04 12.84 14.72
CA PRO H 224 -20.71 14.16 14.16
C PRO H 224 -19.64 14.88 14.98
N SER H 225 -18.87 15.72 14.30
CA SER H 225 -17.79 16.48 14.93
C SER H 225 -18.08 17.97 14.81
N PRO H 226 -18.55 18.63 15.88
CA PRO H 226 -18.81 20.07 15.86
C PRO H 226 -17.53 20.91 15.80
N ARG H 238 -18.90 20.90 4.79
CA ARG H 238 -18.75 20.14 6.03
C ARG H 238 -19.70 18.94 6.09
N ILE H 239 -19.92 18.31 4.94
CA ILE H 239 -20.65 17.04 4.85
C ILE H 239 -19.73 16.02 4.21
N ASP H 240 -19.58 14.86 4.87
CA ASP H 240 -18.75 13.78 4.38
C ASP H 240 -19.61 12.60 3.98
N PHE H 241 -19.29 11.98 2.85
CA PHE H 241 -20.04 10.84 2.33
C PHE H 241 -19.24 9.56 2.45
N HIS H 242 -19.94 8.46 2.71
CA HIS H 242 -19.34 7.17 3.07
C HIS H 242 -20.09 6.06 2.34
N TRP H 243 -19.38 5.34 1.49
CA TRP H 243 -20.00 4.33 0.61
C TRP H 243 -19.96 2.95 1.24
N LEU H 244 -20.63 2.01 0.58
CA LEU H 244 -20.80 0.65 1.10
C LEU H 244 -21.20 -0.29 -0.02
N MET H 245 -20.64 -1.51 0.03
CA MET H 245 -21.06 -2.62 -0.82
C MET H 245 -22.15 -3.41 -0.12
N LEU H 246 -23.33 -3.46 -0.74
CA LEU H 246 -24.45 -4.23 -0.22
C LEU H 246 -24.64 -5.49 -1.06
N ASN H 247 -24.52 -6.65 -0.41
CA ASN H 247 -24.69 -7.92 -1.08
C ASN H 247 -26.16 -8.15 -1.41
N PRO H 248 -26.46 -9.00 -2.40
CA PRO H 248 -27.85 -9.41 -2.61
C PRO H 248 -28.37 -10.22 -1.43
N ASN H 249 -29.68 -10.08 -1.19
CA ASN H 249 -30.39 -10.66 -0.05
C ASN H 249 -29.76 -10.24 1.28
N ASP H 250 -29.33 -8.98 1.35
CA ASP H 250 -28.74 -8.40 2.55
C ASP H 250 -29.40 -7.06 2.82
N THR H 251 -29.31 -6.61 4.06
CA THR H 251 -30.02 -5.41 4.48
C THR H 251 -29.02 -4.39 5.02
N VAL H 252 -29.28 -3.12 4.74
CA VAL H 252 -28.29 -2.05 4.84
C VAL H 252 -28.72 -1.05 5.91
N THR H 253 -29.29 -1.58 7.00
CA THR H 253 -29.97 -0.84 8.06
C THR H 253 -29.21 0.38 8.58
N PHE H 254 -29.82 1.55 8.40
CA PHE H 254 -29.33 2.78 9.00
C PHE H 254 -29.94 2.97 10.38
N SER H 255 -29.37 3.91 11.14
CA SER H 255 -29.94 4.32 12.42
C SER H 255 -29.38 5.70 12.73
N PHE H 256 -30.23 6.72 12.72
CA PHE H 256 -29.75 8.09 12.79
C PHE H 256 -30.51 8.88 13.85
N ASN H 257 -29.81 9.84 14.43
CA ASN H 257 -30.33 10.77 15.43
C ASN H 257 -30.03 12.19 14.97
N GLY H 258 -30.33 12.47 13.70
CA GLY H 258 -30.01 13.75 13.11
C GLY H 258 -28.61 13.77 12.52
N ALA H 259 -28.32 14.87 11.81
CA ALA H 259 -27.07 15.10 11.08
C ALA H 259 -26.79 13.97 10.09
N PHE H 260 -27.81 13.59 9.34
CA PHE H 260 -27.76 12.45 8.44
C PHE H 260 -28.34 12.86 7.09
N ILE H 261 -27.48 12.95 6.07
CA ILE H 261 -27.95 13.18 4.71
C ILE H 261 -28.47 11.84 4.19
N ALA H 262 -29.78 11.65 4.28
CA ALA H 262 -30.37 10.36 3.96
C ALA H 262 -30.46 10.15 2.45
N PRO H 263 -30.14 8.96 1.96
CA PRO H 263 -30.25 8.70 0.52
C PRO H 263 -31.71 8.53 0.11
N ASP H 264 -31.93 8.75 -1.18
CA ASP H 264 -33.25 8.61 -1.77
C ASP H 264 -33.31 7.47 -2.78
N ARG H 265 -32.26 7.25 -3.54
CA ARG H 265 -32.19 6.17 -4.51
C ARG H 265 -30.87 5.43 -4.35
N ALA H 266 -30.89 4.14 -4.68
CA ALA H 266 -29.74 3.27 -4.52
C ALA H 266 -29.01 3.12 -5.86
N SER H 267 -27.69 3.08 -5.79
CA SER H 267 -26.88 2.98 -7.00
C SER H 267 -26.58 1.53 -7.33
N PHE H 268 -26.67 1.20 -8.62
CA PHE H 268 -26.41 -0.15 -9.11
C PHE H 268 -25.50 -0.06 -10.32
N LEU H 269 -24.53 -0.98 -10.41
CA LEU H 269 -23.66 -1.01 -11.58
C LEU H 269 -24.39 -1.61 -12.78
N ARG H 270 -23.91 -1.27 -13.97
CA ARG H 270 -24.47 -1.79 -15.22
C ARG H 270 -23.52 -2.72 -15.97
N GLY H 271 -22.28 -2.29 -16.18
CA GLY H 271 -21.36 -3.07 -16.99
C GLY H 271 -19.90 -2.79 -16.68
N LYS H 272 -19.07 -2.69 -17.73
CA LYS H 272 -17.63 -2.48 -17.58
C LYS H 272 -17.23 -1.24 -18.36
N SER H 273 -17.17 -0.10 -17.68
CA SER H 273 -16.65 1.14 -18.23
C SER H 273 -15.18 1.29 -17.82
N MET H 274 -14.44 2.08 -18.59
CA MET H 274 -13.05 2.40 -18.24
C MET H 274 -12.88 3.90 -18.42
N GLY H 275 -12.71 4.62 -17.30
CA GLY H 275 -12.80 6.05 -17.30
C GLY H 275 -11.51 6.78 -17.67
N ILE H 276 -11.64 8.10 -17.76
CA ILE H 276 -10.59 8.98 -18.26
C ILE H 276 -10.47 10.16 -17.30
N GLN H 277 -9.23 10.58 -17.03
CA GLN H 277 -8.98 11.85 -16.35
C GLN H 277 -8.09 12.69 -17.25
N SER H 278 -8.65 13.73 -17.84
CA SER H 278 -7.92 14.56 -18.79
C SER H 278 -8.53 15.96 -18.81
N GLY H 279 -8.11 16.76 -19.78
CA GLY H 279 -8.59 18.12 -19.92
C GLY H 279 -8.98 18.49 -21.33
N VAL H 280 -8.67 17.63 -22.30
CA VAL H 280 -9.00 17.91 -23.69
C VAL H 280 -10.46 17.51 -23.95
N GLN H 281 -11.02 18.08 -25.02
CA GLN H 281 -12.43 17.87 -25.34
C GLN H 281 -12.62 16.55 -26.07
N VAL H 282 -13.88 16.12 -26.15
CA VAL H 282 -14.26 14.87 -26.78
C VAL H 282 -14.57 15.13 -28.25
N ASP H 283 -14.04 14.28 -29.14
CA ASP H 283 -14.26 14.41 -30.58
C ASP H 283 -14.27 13.00 -31.17
N ALA H 284 -15.46 12.43 -31.30
CA ALA H 284 -15.62 11.02 -31.68
C ALA H 284 -15.32 10.85 -33.17
N ASP H 285 -14.13 10.34 -33.47
CA ASP H 285 -13.77 9.95 -34.83
C ASP H 285 -12.96 8.66 -34.93
N CYS H 286 -12.39 8.17 -33.83
CA CYS H 286 -11.45 7.07 -33.87
C CYS H 286 -12.07 5.83 -33.24
N GLU H 287 -11.29 4.78 -33.08
CA GLU H 287 -11.58 3.72 -32.14
C GLU H 287 -10.80 3.98 -30.86
N GLY H 288 -11.50 3.91 -29.72
CA GLY H 288 -10.92 4.32 -28.46
C GLY H 288 -10.20 3.23 -27.68
N ASP H 289 -9.01 2.84 -28.13
CA ASP H 289 -8.30 1.74 -27.48
C ASP H 289 -7.61 2.19 -26.19
N CYS H 290 -6.64 3.09 -26.30
CA CYS H 290 -5.87 3.52 -25.13
C CYS H 290 -5.90 5.03 -25.01
N TYR H 291 -5.88 5.49 -23.77
CA TYR H 291 -6.11 6.87 -23.37
C TYR H 291 -4.99 7.33 -22.45
N TYR H 292 -4.89 8.63 -22.25
CA TYR H 292 -3.97 9.21 -21.28
C TYR H 292 -4.54 10.55 -20.83
N SER H 293 -3.77 11.26 -19.99
CA SER H 293 -4.23 12.48 -19.35
C SER H 293 -4.34 13.68 -20.29
N GLY H 294 -4.00 13.54 -21.56
CA GLY H 294 -4.12 14.66 -22.47
C GLY H 294 -4.60 14.29 -23.86
N GLY H 295 -5.28 13.17 -23.99
CA GLY H 295 -5.82 12.77 -25.26
C GLY H 295 -5.85 11.25 -25.39
N THR H 296 -5.85 10.80 -26.64
CA THR H 296 -5.96 9.39 -26.97
C THR H 296 -4.74 8.96 -27.77
N ILE H 297 -4.08 7.90 -27.34
CA ILE H 297 -3.03 7.26 -28.10
C ILE H 297 -3.51 5.89 -28.57
N ILE H 298 -3.57 5.71 -29.88
CA ILE H 298 -3.99 4.46 -30.48
C ILE H 298 -2.97 4.04 -31.53
N SER H 299 -2.39 2.86 -31.34
CA SER H 299 -1.35 2.34 -32.21
C SER H 299 -1.20 0.86 -31.95
N ASN H 300 -0.55 0.18 -32.88
CA ASN H 300 -0.14 -1.20 -32.67
C ASN H 300 1.21 -1.30 -31.98
N LEU H 301 1.85 -0.18 -31.70
CA LEU H 301 3.18 -0.19 -31.12
C LEU H 301 3.14 -0.62 -29.66
N PRO H 302 3.98 -1.56 -29.23
CA PRO H 302 3.89 -2.10 -27.87
C PRO H 302 4.39 -1.17 -26.78
N PHE H 303 5.03 -0.05 -27.11
CA PHE H 303 5.64 0.82 -26.11
C PHE H 303 5.32 2.28 -26.41
N GLN H 304 5.31 3.09 -25.35
CA GLN H 304 5.06 4.52 -25.45
C GLN H 304 6.19 5.28 -24.75
N ASN H 305 6.06 6.61 -24.73
CA ASN H 305 6.92 7.44 -23.91
C ASN H 305 6.19 8.63 -23.31
N ILE H 306 4.89 8.77 -23.55
CA ILE H 306 4.18 10.00 -23.19
C ILE H 306 3.86 10.03 -21.70
N ASP H 307 3.12 9.04 -21.23
CA ASP H 307 2.73 9.04 -19.83
C ASP H 307 2.66 7.61 -19.31
N SER H 308 3.25 7.39 -18.14
CA SER H 308 3.25 6.09 -17.48
C SER H 308 1.92 5.78 -16.80
N ARG H 309 1.00 6.73 -16.76
CA ARG H 309 -0.29 6.55 -16.12
C ARG H 309 -1.41 6.41 -17.14
N ALA H 310 -1.10 5.84 -18.30
CA ALA H 310 -2.10 5.63 -19.34
C ALA H 310 -3.05 4.51 -18.95
N VAL H 311 -4.35 4.79 -19.03
CA VAL H 311 -5.39 3.84 -18.63
C VAL H 311 -6.10 3.33 -19.87
N GLY H 312 -6.33 2.02 -19.92
CA GLY H 312 -6.93 1.34 -21.04
C GLY H 312 -5.98 0.28 -21.57
N LYS H 313 -6.25 -0.17 -22.80
CA LYS H 313 -5.41 -1.15 -23.48
C LYS H 313 -4.16 -0.44 -23.99
N CYS H 314 -3.25 -0.16 -23.05
CA CYS H 314 -2.20 0.81 -23.30
C CYS H 314 -0.82 0.17 -23.39
N PRO H 315 0.05 0.69 -24.26
CA PRO H 315 1.41 0.16 -24.38
C PRO H 315 2.26 0.35 -23.13
N ARG H 316 3.44 -0.27 -23.11
CA ARG H 316 4.28 -0.29 -21.92
C ARG H 316 5.15 0.97 -21.89
N TYR H 317 5.09 1.70 -20.78
CA TYR H 317 5.92 2.88 -20.63
C TYR H 317 7.38 2.50 -20.46
N VAL H 318 8.26 3.27 -21.10
CA VAL H 318 9.71 3.06 -20.98
C VAL H 318 10.36 4.38 -20.62
N LYS H 319 11.57 4.29 -20.08
CA LYS H 319 12.39 5.47 -19.86
C LYS H 319 13.06 5.94 -21.13
N GLN H 320 13.14 5.09 -22.16
CA GLN H 320 13.87 5.41 -23.37
C GLN H 320 13.12 6.46 -24.20
N ARG H 321 13.86 7.14 -25.08
CA ARG H 321 13.22 8.16 -25.95
C ARG H 321 12.39 7.44 -27.02
N SER H 322 13.05 6.63 -27.86
CA SER H 322 12.35 5.89 -28.90
C SER H 322 13.25 4.73 -29.32
N LEU H 323 12.84 3.51 -28.98
CA LEU H 323 13.59 2.33 -29.36
C LEU H 323 13.13 1.84 -30.72
N LEU H 324 14.03 1.87 -31.69
CA LEU H 324 13.73 1.48 -33.06
C LEU H 324 14.16 0.04 -33.24
N LEU H 325 13.23 -0.81 -33.66
CA LEU H 325 13.59 -2.18 -34.01
C LEU H 325 14.12 -2.20 -35.44
N ALA H 326 15.31 -2.75 -35.62
CA ALA H 326 15.91 -2.88 -36.95
C ALA H 326 15.19 -3.98 -37.69
N THR H 327 14.05 -3.62 -38.29
CA THR H 327 13.23 -4.59 -39.00
C THR H 327 13.85 -5.00 -40.34
N GLY H 328 14.91 -4.32 -40.77
CA GLY H 328 15.68 -4.76 -41.91
C GLY H 328 17.04 -5.30 -41.52
N MET H 329 17.78 -5.76 -42.53
CA MET H 329 19.06 -6.40 -42.31
C MET H 329 20.17 -5.38 -42.10
N LYS H 330 21.34 -5.88 -41.70
CA LYS H 330 22.54 -5.07 -41.59
C LYS H 330 22.93 -4.52 -42.97
N ASN H 331 23.20 -3.22 -43.03
CA ASN H 331 23.52 -2.55 -44.28
C ASN H 331 24.87 -1.85 -44.15
N VAL H 332 25.70 -2.02 -45.15
CA VAL H 332 26.91 -1.19 -45.29
C VAL H 332 26.84 -0.45 -46.63
N PRO H 333 26.73 0.88 -46.61
CA PRO H 333 26.67 1.63 -47.86
C PRO H 333 28.05 1.75 -48.51
N GLU H 334 28.02 2.15 -49.78
CA GLU H 334 29.26 2.32 -50.54
C GLU H 334 30.01 3.57 -50.08
N LEU H 346 25.69 -11.75 -37.70
CA LEU H 346 26.90 -12.39 -37.18
C LEU H 346 26.83 -13.90 -37.34
N PHE H 347 26.95 -14.34 -38.59
CA PHE H 347 27.06 -15.76 -38.92
C PHE H 347 28.32 -16.08 -39.71
N GLY H 348 28.89 -15.12 -40.43
CA GLY H 348 30.04 -15.32 -41.31
C GLY H 348 29.76 -14.57 -42.61
N ALA H 349 30.77 -13.81 -43.04
CA ALA H 349 30.80 -13.10 -44.32
C ALA H 349 29.66 -12.12 -44.53
N ILE H 350 29.14 -11.52 -43.46
CA ILE H 350 28.26 -10.37 -43.62
C ILE H 350 29.07 -9.18 -44.15
N ALA H 351 30.34 -9.09 -43.77
CA ALA H 351 31.28 -8.14 -44.35
C ALA H 351 32.50 -8.87 -44.91
N GLY H 352 32.30 -10.06 -45.47
CA GLY H 352 33.40 -10.88 -45.95
C GLY H 352 33.69 -10.70 -47.43
N PHE H 353 33.67 -11.81 -48.17
CA PHE H 353 33.94 -11.75 -49.61
C PHE H 353 32.83 -11.01 -50.34
N ILE H 354 31.60 -11.10 -49.85
CA ILE H 354 30.56 -10.14 -50.24
C ILE H 354 30.83 -8.88 -49.43
N GLU H 355 31.50 -7.90 -50.04
CA GLU H 355 32.06 -6.78 -49.30
C GLU H 355 30.99 -5.80 -48.85
N ASN H 356 30.29 -5.18 -49.81
CA ASN H 356 29.32 -4.14 -49.51
C ASN H 356 28.03 -4.40 -50.24
N GLY H 357 26.95 -3.85 -49.70
CA GLY H 357 25.68 -3.90 -50.40
C GLY H 357 25.67 -3.02 -51.62
N TRP H 358 24.83 -3.38 -52.60
CA TRP H 358 24.75 -2.66 -53.86
C TRP H 358 23.32 -2.28 -54.15
N GLU H 359 23.13 -1.06 -54.66
CA GLU H 359 21.82 -0.42 -54.67
C GLU H 359 20.90 -1.02 -55.72
N GLY H 360 21.45 -1.45 -56.86
CA GLY H 360 20.64 -1.85 -57.99
C GLY H 360 19.95 -3.19 -57.81
N LEU H 361 18.97 -3.25 -56.91
CA LEU H 361 18.28 -4.49 -56.59
C LEU H 361 16.96 -4.14 -55.91
N ILE H 362 15.87 -4.69 -56.41
CA ILE H 362 14.54 -4.52 -55.82
C ILE H 362 14.01 -5.92 -55.54
N ASP H 363 14.20 -6.40 -54.32
CA ASP H 363 13.66 -7.69 -53.91
C ASP H 363 13.04 -7.68 -52.52
N GLY H 364 13.22 -6.64 -51.72
CA GLY H 364 12.67 -6.59 -50.38
C GLY H 364 13.73 -6.37 -49.33
N TRP H 365 13.53 -6.95 -48.14
CA TRP H 365 14.49 -6.92 -47.05
C TRP H 365 15.43 -8.11 -47.11
N TYR H 366 15.87 -8.43 -48.32
CA TYR H 366 16.78 -9.51 -48.73
C TYR H 366 16.88 -9.38 -50.24
N GLY H 367 17.91 -9.98 -50.81
CA GLY H 367 17.98 -10.02 -52.25
C GLY H 367 19.22 -10.67 -52.81
N PHE H 368 19.13 -11.07 -54.08
CA PHE H 368 20.22 -11.72 -54.81
C PHE H 368 20.39 -10.96 -56.11
N ARG H 369 21.19 -9.89 -56.08
CA ARG H 369 21.46 -9.12 -57.27
C ARG H 369 22.43 -9.87 -58.18
N HIS H 370 22.39 -9.54 -59.46
CA HIS H 370 23.07 -10.33 -60.48
C HIS H 370 23.94 -9.44 -61.35
N GLN H 371 25.09 -9.98 -61.74
CA GLN H 371 25.96 -9.36 -62.73
C GLN H 371 26.66 -10.46 -63.50
N ASN H 372 26.67 -10.33 -64.83
CA ASN H 372 27.13 -11.37 -65.73
C ASN H 372 28.33 -10.86 -66.53
N ALA H 373 28.71 -11.63 -67.54
CA ALA H 373 29.69 -11.19 -68.53
C ALA H 373 29.18 -11.32 -69.96
N GLN H 374 28.07 -12.02 -70.18
CA GLN H 374 27.50 -12.19 -71.50
C GLN H 374 26.04 -11.75 -71.50
N GLY H 375 25.42 -11.80 -70.33
CA GLY H 375 23.99 -11.55 -70.16
C GLY H 375 23.72 -10.56 -69.06
N GLU H 376 24.50 -9.48 -69.01
CA GLU H 376 24.55 -8.54 -67.88
C GLU H 376 23.19 -7.94 -67.56
N GLY H 377 22.81 -8.02 -66.29
CA GLY H 377 21.52 -7.56 -65.81
C GLY H 377 21.27 -8.10 -64.42
N THR H 378 20.30 -7.54 -63.71
CA THR H 378 20.02 -7.91 -62.33
C THR H 378 18.79 -8.80 -62.28
N ALA H 379 18.88 -9.89 -61.53
CA ALA H 379 17.78 -10.81 -61.29
C ALA H 379 17.44 -10.80 -59.79
N ALA H 380 16.54 -11.71 -59.40
CA ALA H 380 16.11 -11.78 -58.00
C ALA H 380 15.73 -13.22 -57.69
N ASP H 381 16.34 -13.78 -56.65
CA ASP H 381 16.04 -15.14 -56.21
C ASP H 381 14.87 -15.06 -55.23
N TYR H 382 13.66 -15.13 -55.79
CA TYR H 382 12.44 -14.90 -55.01
C TYR H 382 12.13 -16.07 -54.08
N LYS H 383 12.68 -17.25 -54.37
CA LYS H 383 12.30 -18.49 -53.68
C LYS H 383 12.63 -18.46 -52.19
N SER H 384 13.87 -18.12 -51.85
CA SER H 384 14.24 -17.97 -50.45
C SER H 384 13.94 -16.58 -49.91
N THR H 385 13.90 -15.57 -50.79
CA THR H 385 13.65 -14.21 -50.35
C THR H 385 12.26 -14.05 -49.78
N GLN H 386 11.24 -14.60 -50.47
CA GLN H 386 9.86 -14.44 -50.00
C GLN H 386 9.63 -15.19 -48.69
N SER H 387 10.29 -16.35 -48.53
CA SER H 387 10.23 -17.06 -47.26
C SER H 387 10.88 -16.24 -46.14
N ALA H 388 11.99 -15.55 -46.45
CA ALA H 388 12.63 -14.69 -45.47
C ALA H 388 11.72 -13.51 -45.07
N ILE H 389 11.06 -12.90 -46.05
CA ILE H 389 10.15 -11.79 -45.76
C ILE H 389 8.95 -12.27 -44.95
N ASP H 390 8.46 -13.49 -45.25
CA ASP H 390 7.38 -14.06 -44.44
C ASP H 390 7.84 -14.30 -43.00
N CYS H 391 9.10 -14.72 -42.83
CA CYS H 391 9.63 -14.90 -41.47
C CYS H 391 9.74 -13.58 -40.72
N ILE H 392 10.26 -12.54 -41.37
CA ILE H 392 10.39 -11.24 -40.72
C ILE H 392 9.03 -10.62 -40.43
N THR H 393 8.07 -10.74 -41.36
CA THR H 393 6.76 -10.16 -41.12
C THR H 393 5.97 -10.98 -40.09
N GLY H 394 6.22 -12.29 -40.00
CA GLY H 394 5.62 -13.06 -38.92
C GLY H 394 6.18 -12.69 -37.57
N LYS H 395 7.49 -12.43 -37.49
CA LYS H 395 8.11 -11.90 -36.28
C LYS H 395 7.52 -10.56 -35.91
N LEU H 396 7.32 -9.70 -36.92
CA LEU H 396 6.76 -8.37 -36.72
C LEU H 396 5.33 -8.47 -36.17
N ASN H 397 4.51 -9.33 -36.77
CA ASN H 397 3.14 -9.49 -36.30
C ASN H 397 3.08 -10.20 -34.94
N ARG H 398 4.11 -10.98 -34.61
CA ARG H 398 4.18 -11.58 -33.28
C ARG H 398 4.46 -10.53 -32.22
N LEU H 399 5.45 -9.66 -32.45
CA LEU H 399 5.88 -8.76 -31.40
C LEU H 399 4.98 -7.53 -31.31
N ILE H 400 4.62 -6.96 -32.46
CA ILE H 400 3.72 -5.80 -32.51
C ILE H 400 2.29 -6.17 -32.06
N GLU H 401 1.98 -7.47 -31.99
CA GLU H 401 0.79 -7.94 -31.28
C GLU H 401 0.80 -7.48 -29.83
N LYS H 402 -0.14 -6.62 -29.48
CA LYS H 402 -0.21 -6.04 -28.14
C LYS H 402 -1.05 -6.92 -27.24
N THR H 403 -0.73 -6.90 -25.94
CA THR H 403 -1.35 -7.79 -24.97
C THR H 403 -2.81 -7.43 -24.73
N ASN H 404 -3.50 -8.32 -24.03
CA ASN H 404 -4.90 -8.14 -23.70
C ASN H 404 -5.11 -7.62 -22.28
N GLN H 405 -4.04 -7.23 -21.59
CA GLN H 405 -4.15 -6.80 -20.21
C GLN H 405 -4.74 -5.40 -20.14
N GLN H 406 -5.59 -5.18 -19.14
CA GLN H 406 -6.32 -3.92 -18.99
C GLN H 406 -5.84 -3.25 -17.71
N PHE H 407 -4.99 -2.23 -17.84
CA PHE H 407 -4.61 -1.42 -16.70
C PHE H 407 -5.78 -0.55 -16.26
N GLU H 408 -5.74 -0.12 -15.00
CA GLU H 408 -6.75 0.75 -14.43
C GLU H 408 -6.09 2.01 -13.90
N LEU H 409 -6.93 2.94 -13.46
CA LEU H 409 -6.43 4.22 -12.95
C LEU H 409 -6.27 4.08 -11.44
N ILE H 410 -5.06 3.72 -11.01
CA ILE H 410 -4.80 3.55 -9.57
C ILE H 410 -4.55 4.89 -8.92
N ASP H 411 -3.61 5.65 -9.46
CA ASP H 411 -3.24 6.95 -8.91
C ASP H 411 -4.10 8.03 -9.55
N ASN H 412 -4.20 9.16 -8.86
CA ASN H 412 -5.00 10.29 -9.29
C ASN H 412 -4.12 11.51 -9.48
N GLU H 413 -4.38 12.28 -10.54
CA GLU H 413 -3.59 13.48 -10.80
C GLU H 413 -4.33 14.77 -10.42
N PHE H 414 -5.67 14.73 -10.29
CA PHE H 414 -6.39 15.93 -9.91
C PHE H 414 -6.32 16.16 -8.41
N THR H 415 -6.84 15.22 -7.63
CA THR H 415 -6.75 15.25 -6.17
C THR H 415 -5.79 14.16 -5.75
N GLU H 416 -4.74 14.54 -5.02
CA GLU H 416 -3.67 13.61 -4.71
C GLU H 416 -4.11 12.57 -3.68
N VAL H 417 -3.53 11.38 -3.81
CA VAL H 417 -3.74 10.28 -2.86
C VAL H 417 -2.91 10.54 -1.62
N GLU H 418 -3.12 9.70 -0.59
CA GLU H 418 -2.30 9.74 0.62
C GLU H 418 -0.83 9.52 0.28
N LYS H 419 0.05 10.21 1.02
CA LYS H 419 1.44 10.36 0.60
C LYS H 419 2.20 9.05 0.67
N GLN H 420 1.96 8.23 1.69
CA GLN H 420 2.71 6.98 1.84
C GLN H 420 2.31 5.97 0.76
N ILE H 421 1.01 5.79 0.55
CA ILE H 421 0.52 4.89 -0.51
C ILE H 421 0.92 5.42 -1.88
N GLY H 422 0.93 6.74 -2.04
CA GLY H 422 1.38 7.32 -3.30
C GLY H 422 2.86 7.10 -3.55
N ASN H 423 3.68 7.14 -2.50
CA ASN H 423 5.10 6.85 -2.65
C ASN H 423 5.31 5.38 -2.99
N VAL H 424 4.53 4.49 -2.38
CA VAL H 424 4.57 3.07 -2.74
C VAL H 424 4.16 2.88 -4.19
N ILE H 425 3.14 3.60 -4.64
CA ILE H 425 2.64 3.50 -6.00
C ILE H 425 3.67 4.01 -7.00
N ASN H 426 4.29 5.16 -6.72
CA ASN H 426 5.34 5.67 -7.60
C ASN H 426 6.57 4.78 -7.62
N TRP H 427 6.95 4.21 -6.47
CA TRP H 427 8.10 3.32 -6.44
C TRP H 427 7.83 2.04 -7.23
N THR H 428 6.63 1.46 -7.07
CA THR H 428 6.25 0.29 -7.82
C THR H 428 6.18 0.59 -9.31
N ARG H 429 5.60 1.73 -9.68
CA ARG H 429 5.46 2.11 -11.08
C ARG H 429 6.81 2.39 -11.71
N ASP H 430 7.71 3.06 -10.99
CA ASP H 430 9.04 3.31 -11.52
C ASP H 430 9.82 2.02 -11.70
N SER H 431 9.69 1.07 -10.78
CA SER H 431 10.37 -0.20 -10.94
C SER H 431 9.78 -1.02 -12.09
N ILE H 432 8.47 -0.93 -12.27
CA ILE H 432 7.81 -1.60 -13.40
C ILE H 432 8.28 -0.98 -14.72
N THR H 433 8.46 0.33 -14.75
CA THR H 433 9.00 0.95 -15.96
C THR H 433 10.46 0.64 -16.15
N GLU H 434 11.22 0.43 -15.07
CA GLU H 434 12.61 -0.02 -15.19
C GLU H 434 12.67 -1.38 -15.86
N VAL H 435 11.88 -2.34 -15.39
CA VAL H 435 11.96 -3.68 -15.95
C VAL H 435 11.37 -3.72 -17.36
N TRP H 436 10.32 -2.92 -17.63
CA TRP H 436 9.78 -2.91 -18.98
C TRP H 436 10.70 -2.21 -19.96
N SER H 437 11.38 -1.15 -19.52
CA SER H 437 12.35 -0.48 -20.39
C SER H 437 13.55 -1.36 -20.66
N TYR H 438 14.03 -2.08 -19.65
CA TYR H 438 15.15 -2.98 -19.85
C TYR H 438 14.76 -4.16 -20.73
N ASN H 439 13.54 -4.67 -20.55
CA ASN H 439 13.03 -5.73 -21.41
C ASN H 439 12.90 -5.26 -22.85
N ALA H 440 12.43 -4.02 -23.04
CA ALA H 440 12.29 -3.48 -24.38
C ALA H 440 13.64 -3.27 -25.05
N GLU H 441 14.62 -2.74 -24.32
CA GLU H 441 15.95 -2.52 -24.87
C GLU H 441 16.63 -3.84 -25.20
N LEU H 442 16.54 -4.82 -24.29
CA LEU H 442 17.14 -6.12 -24.53
C LEU H 442 16.41 -6.86 -25.65
N LEU H 443 15.10 -6.68 -25.75
CA LEU H 443 14.30 -7.31 -26.80
C LEU H 443 14.65 -6.75 -28.17
N VAL H 444 14.80 -5.43 -28.26
CA VAL H 444 15.20 -4.79 -29.52
C VAL H 444 16.60 -5.25 -29.91
N ALA H 445 17.50 -5.35 -28.93
CA ALA H 445 18.87 -5.76 -29.20
C ALA H 445 18.94 -7.21 -29.69
N MET H 446 18.25 -8.12 -28.99
CA MET H 446 18.27 -9.52 -29.40
C MET H 446 17.52 -9.73 -30.70
N GLU H 447 16.51 -8.93 -30.99
CA GLU H 447 15.79 -9.13 -32.25
C GLU H 447 16.57 -8.55 -33.42
N ASN H 448 17.34 -7.47 -33.17
CA ASN H 448 18.26 -6.96 -34.18
C ASN H 448 19.34 -7.99 -34.49
N GLN H 449 19.90 -8.61 -33.45
CA GLN H 449 20.89 -9.67 -33.64
C GLN H 449 20.28 -10.87 -34.35
N HIS H 450 19.04 -11.20 -34.02
CA HIS H 450 18.32 -12.30 -34.66
C HIS H 450 18.11 -12.04 -36.14
N THR H 451 17.72 -10.81 -36.49
CA THR H 451 17.48 -10.48 -37.89
C THR H 451 18.77 -10.48 -38.70
N ILE H 452 19.85 -9.92 -38.14
CA ILE H 452 21.13 -9.89 -38.85
C ILE H 452 21.68 -11.31 -39.04
N ASP H 453 21.66 -12.11 -37.96
CA ASP H 453 22.13 -13.49 -38.04
C ASP H 453 21.26 -14.33 -38.97
N LEU H 454 19.95 -14.05 -39.01
CA LEU H 454 19.06 -14.76 -39.91
C LEU H 454 19.40 -14.47 -41.36
N ALA H 455 19.49 -13.17 -41.71
CA ALA H 455 19.77 -12.79 -43.10
C ALA H 455 21.13 -13.28 -43.56
N ASP H 456 22.10 -13.28 -42.64
CA ASP H 456 23.39 -13.92 -42.93
C ASP H 456 23.23 -15.43 -43.14
N SER H 457 22.29 -16.06 -42.44
CA SER H 457 22.07 -17.49 -42.64
C SER H 457 21.40 -17.79 -44.00
N GLU H 458 20.46 -16.94 -44.46
CA GLU H 458 19.97 -17.18 -45.81
C GLU H 458 21.04 -16.92 -46.86
N MET H 459 21.94 -15.96 -46.61
CA MET H 459 23.08 -15.73 -47.54
C MET H 459 23.90 -17.02 -47.60
N ASP H 460 24.21 -17.60 -46.43
CA ASP H 460 25.06 -18.78 -46.36
C ASP H 460 24.41 -20.00 -47.02
N LYS H 461 23.10 -20.18 -46.82
CA LYS H 461 22.45 -21.33 -47.45
C LYS H 461 22.32 -21.14 -48.95
N LEU H 462 22.15 -19.88 -49.40
CA LEU H 462 22.22 -19.59 -50.82
C LEU H 462 23.61 -19.91 -51.38
N TYR H 463 24.66 -19.57 -50.61
CA TYR H 463 26.02 -19.81 -51.06
C TYR H 463 26.32 -21.30 -51.17
N GLU H 464 25.82 -22.11 -50.23
CA GLU H 464 26.07 -23.55 -50.35
C GLU H 464 25.20 -24.21 -51.42
N ARG H 465 24.00 -23.68 -51.67
CA ARG H 465 23.21 -24.13 -52.82
C ARG H 465 23.96 -23.89 -54.12
N VAL H 466 24.55 -22.70 -54.26
CA VAL H 466 25.38 -22.39 -55.42
C VAL H 466 26.64 -23.27 -55.44
N LYS H 467 27.19 -23.58 -54.26
CA LYS H 467 28.40 -24.39 -54.15
C LYS H 467 28.21 -25.78 -54.71
N ARG H 468 27.18 -26.50 -54.25
CA ARG H 468 26.96 -27.82 -54.83
C ARG H 468 26.05 -27.82 -56.05
N GLN H 469 25.58 -26.67 -56.53
CA GLN H 469 25.05 -26.62 -57.88
C GLN H 469 26.17 -26.52 -58.90
N LEU H 470 27.20 -25.72 -58.60
CA LEU H 470 28.25 -25.47 -59.59
C LEU H 470 29.40 -26.46 -59.50
N ARG H 471 29.68 -26.98 -58.30
CA ARG H 471 30.63 -28.08 -58.03
C ARG H 471 32.04 -27.60 -58.41
N GLU H 472 32.88 -28.50 -58.93
CA GLU H 472 34.26 -28.14 -59.24
C GLU H 472 34.34 -27.41 -60.57
N ASN H 473 33.26 -27.43 -61.35
CA ASN H 473 33.20 -26.76 -62.65
C ASN H 473 33.38 -25.24 -62.52
N ALA H 474 32.81 -24.65 -61.47
CA ALA H 474 33.02 -23.25 -61.16
C ALA H 474 33.81 -23.15 -59.86
N GLU H 475 35.02 -22.61 -59.96
CA GLU H 475 35.88 -22.41 -58.80
C GLU H 475 35.68 -21.00 -58.23
N GLU H 476 36.21 -20.79 -57.03
CA GLU H 476 36.04 -19.54 -56.30
C GLU H 476 37.34 -18.75 -56.26
N ASP H 477 37.26 -17.46 -56.57
CA ASP H 477 38.42 -16.59 -56.56
C ASP H 477 38.51 -15.71 -55.32
N GLY H 478 37.37 -15.40 -54.68
CA GLY H 478 37.40 -14.62 -53.46
C GLY H 478 36.63 -13.32 -53.50
N THR H 479 35.58 -13.26 -54.32
CA THR H 479 34.78 -12.04 -54.44
C THR H 479 33.30 -12.40 -54.33
N GLY H 480 32.99 -13.68 -54.52
CA GLY H 480 31.63 -14.13 -54.70
C GLY H 480 31.29 -14.46 -56.14
N CYS H 481 32.13 -14.03 -57.08
CA CYS H 481 32.00 -14.43 -58.47
C CYS H 481 32.60 -15.83 -58.66
N PHE H 482 31.99 -16.60 -59.56
CA PHE H 482 32.34 -18.01 -59.74
C PHE H 482 32.98 -18.20 -61.11
N GLU H 483 34.19 -18.74 -61.12
CA GLU H 483 34.96 -18.94 -62.36
C GLU H 483 34.53 -20.26 -62.99
N ILE H 484 33.41 -20.21 -63.71
CA ILE H 484 32.92 -21.40 -64.42
C ILE H 484 33.80 -21.67 -65.63
N PHE H 485 34.29 -22.91 -65.72
CA PHE H 485 35.20 -23.26 -66.82
C PHE H 485 34.45 -23.41 -68.13
N HIS H 486 33.20 -23.85 -68.07
CA HIS H 486 32.34 -23.84 -69.24
C HIS H 486 31.95 -22.40 -69.58
N LYS H 487 31.79 -22.13 -70.87
CA LYS H 487 31.22 -20.86 -71.32
C LYS H 487 29.73 -20.81 -70.98
N CYS H 488 29.41 -20.23 -69.83
CA CYS H 488 28.04 -20.20 -69.32
C CYS H 488 27.25 -19.14 -70.08
N ASP H 489 26.35 -19.58 -70.95
CA ASP H 489 25.54 -18.67 -71.74
C ASP H 489 24.31 -18.24 -70.93
N ASP H 490 23.33 -17.64 -71.61
CA ASP H 490 22.13 -17.14 -70.92
C ASP H 490 21.26 -18.28 -70.42
N ASP H 491 21.16 -19.36 -71.19
CA ASP H 491 20.42 -20.53 -70.75
C ASP H 491 21.11 -21.20 -69.57
N CYS H 492 22.45 -21.24 -69.58
CA CYS H 492 23.21 -21.73 -68.43
C CYS H 492 23.00 -20.84 -67.22
N MET H 493 22.92 -19.53 -67.43
CA MET H 493 22.68 -18.58 -66.34
C MET H 493 21.32 -18.81 -65.70
N ALA H 494 20.29 -18.98 -66.53
CA ALA H 494 18.94 -19.25 -66.02
C ALA H 494 18.88 -20.62 -65.34
N SER H 495 19.59 -21.61 -65.89
CA SER H 495 19.57 -22.96 -65.33
C SER H 495 20.23 -23.01 -63.96
N ILE H 496 21.37 -22.33 -63.78
CA ILE H 496 21.97 -22.25 -62.46
C ILE H 496 21.22 -21.29 -61.55
N ARG H 497 20.37 -20.42 -62.10
CA ARG H 497 19.52 -19.58 -61.28
C ARG H 497 18.36 -20.37 -60.67
N ASN H 498 17.70 -21.22 -61.46
CA ASN H 498 16.43 -21.81 -61.04
C ASN H 498 16.57 -23.27 -60.59
N ASN H 499 17.77 -23.69 -60.16
CA ASN H 499 18.06 -25.01 -59.60
C ASN H 499 17.70 -26.14 -60.60
N THR H 500 18.40 -26.13 -61.72
CA THR H 500 18.11 -27.06 -62.81
C THR H 500 19.42 -27.66 -63.31
N TYR H 501 20.53 -27.00 -62.95
CA TYR H 501 21.84 -27.33 -63.49
C TYR H 501 22.33 -28.70 -63.00
N ASP H 502 22.92 -29.46 -63.93
CA ASP H 502 23.47 -30.77 -63.64
C ASP H 502 24.95 -30.78 -64.01
N HIS H 503 25.76 -31.38 -63.14
CA HIS H 503 27.21 -31.41 -63.35
C HIS H 503 27.64 -32.42 -64.40
N SER H 504 26.81 -33.42 -64.68
CA SER H 504 27.26 -34.57 -65.48
C SER H 504 27.42 -34.20 -66.95
N LYS H 505 26.61 -33.27 -67.46
CA LYS H 505 26.69 -32.91 -68.87
C LYS H 505 27.92 -32.06 -69.17
N TYR H 506 28.37 -31.26 -68.20
CA TYR H 506 29.40 -30.26 -68.45
C TYR H 506 30.68 -30.49 -67.67
N ARG H 507 30.78 -31.57 -66.89
CA ARG H 507 32.04 -31.86 -66.21
C ARG H 507 33.13 -32.28 -67.18
N GLU H 508 32.76 -32.85 -68.33
CA GLU H 508 33.76 -33.19 -69.34
C GLU H 508 34.36 -31.94 -69.97
N GLU H 509 33.54 -30.91 -70.19
CA GLU H 509 34.04 -29.66 -70.73
C GLU H 509 34.80 -28.86 -69.69
N ALA H 510 34.38 -28.92 -68.42
CA ALA H 510 35.00 -28.13 -67.37
C ALA H 510 36.13 -28.86 -66.66
N MET H 511 36.43 -30.11 -67.02
CA MET H 511 37.47 -30.86 -66.32
C MET H 511 38.87 -30.38 -66.69
N GLN H 512 39.13 -30.16 -67.98
CA GLN H 512 40.48 -29.90 -68.44
C GLN H 512 40.94 -28.47 -68.19
N ASN H 513 40.03 -27.56 -67.88
CA ASN H 513 40.39 -26.16 -67.68
C ASN H 513 40.76 -25.89 -66.23
N ASP I 19 54.55 -28.02 -45.62
CA ASP I 19 54.12 -26.74 -46.24
C ASP I 19 52.66 -26.44 -45.83
N LYS I 20 52.47 -25.85 -44.65
CA LYS I 20 51.10 -25.47 -44.21
C LYS I 20 51.18 -24.37 -43.14
N ILE I 21 50.64 -23.18 -43.42
CA ILE I 21 50.60 -22.09 -42.41
C ILE I 21 49.35 -22.29 -41.55
N CYS I 22 49.52 -22.43 -40.23
CA CYS I 22 48.35 -22.75 -39.36
C CYS I 22 48.21 -21.72 -38.23
N LEU I 23 47.06 -21.04 -38.16
CA LEU I 23 46.79 -20.10 -37.04
C LEU I 23 45.96 -20.82 -35.98
N GLY I 24 45.70 -20.17 -34.84
CA GLY I 24 44.95 -20.82 -33.75
C GLY I 24 44.59 -19.88 -32.61
N HIS I 25 43.58 -20.25 -31.81
CA HIS I 25 43.16 -19.42 -30.65
C HIS I 25 44.01 -19.77 -29.44
N HIS I 26 44.05 -18.88 -28.43
CA HIS I 26 44.91 -19.11 -27.24
C HIS I 26 44.12 -19.73 -26.09
N ALA I 27 44.74 -19.81 -24.90
CA ALA I 27 44.07 -20.35 -23.70
C ALA I 27 44.78 -19.81 -22.46
N VAL I 28 44.26 -20.12 -21.26
CA VAL I 28 44.98 -19.71 -20.00
C VAL I 28 45.11 -20.95 -19.11
N SER I 29 46.06 -20.94 -18.18
CA SER I 29 46.23 -22.08 -17.28
C SER I 29 45.02 -22.25 -16.37
N ASN I 30 44.47 -21.15 -15.87
CA ASN I 30 43.30 -21.19 -15.01
C ASN I 30 42.35 -20.06 -15.35
N GLY I 31 41.05 -20.36 -15.29
CA GLY I 31 40.01 -19.38 -15.49
C GLY I 31 38.94 -19.48 -14.42
N THR I 32 37.68 -19.26 -14.79
CA THR I 32 36.56 -19.41 -13.88
C THR I 32 35.37 -19.96 -14.64
N LYS I 33 34.72 -20.98 -14.07
CA LYS I 33 33.54 -21.58 -14.68
C LYS I 33 32.34 -20.66 -14.50
N VAL I 34 31.60 -20.44 -15.57
CA VAL I 34 30.51 -19.46 -15.61
C VAL I 34 29.23 -20.19 -16.01
N ASN I 35 28.11 -19.81 -15.38
CA ASN I 35 26.81 -20.44 -15.62
C ASN I 35 26.26 -20.02 -16.98
N THR I 36 26.75 -20.69 -18.02
CA THR I 36 26.21 -20.55 -19.37
C THR I 36 24.81 -21.18 -19.41
N LEU I 37 23.93 -20.59 -20.23
CA LEU I 37 22.57 -21.12 -20.38
C LEU I 37 22.58 -22.52 -20.98
N CYS I 38 23.54 -22.81 -21.86
CA CYS I 38 23.65 -24.15 -22.44
C CYS I 38 24.09 -25.18 -21.41
N GLU I 39 25.13 -24.87 -20.65
CA GLU I 39 25.68 -25.78 -19.66
C GLU I 39 26.26 -24.97 -18.51
N ARG I 40 25.84 -25.28 -17.29
CA ARG I 40 26.30 -24.55 -16.12
C ARG I 40 27.77 -24.86 -15.83
N GLY I 41 28.56 -23.81 -15.66
CA GLY I 41 29.96 -23.97 -15.31
C GLY I 41 30.87 -24.30 -16.48
N VAL I 42 30.97 -23.39 -17.44
CA VAL I 42 31.86 -23.56 -18.59
C VAL I 42 33.16 -22.82 -18.32
N GLU I 43 34.28 -23.52 -18.46
CA GLU I 43 35.60 -22.92 -18.29
C GLU I 43 35.87 -21.92 -19.41
N VAL I 44 36.00 -20.65 -19.05
CA VAL I 44 36.24 -19.59 -20.03
C VAL I 44 37.57 -18.94 -19.73
N VAL I 45 38.09 -18.16 -20.69
CA VAL I 45 39.44 -17.62 -20.58
C VAL I 45 39.51 -16.49 -19.55
N ASN I 46 38.48 -15.67 -19.44
CA ASN I 46 38.46 -14.56 -18.50
C ASN I 46 37.08 -14.45 -17.85
N ALA I 47 37.03 -13.77 -16.71
CA ALA I 47 35.78 -13.67 -15.96
C ALA I 47 35.70 -12.27 -15.35
N THR I 48 34.81 -11.45 -15.88
CA THR I 48 34.53 -10.14 -15.31
C THR I 48 33.49 -10.31 -14.22
N GLU I 49 33.78 -9.79 -13.03
CA GLU I 49 32.80 -9.83 -11.96
C GLU I 49 31.74 -8.77 -12.25
N THR I 50 30.47 -9.18 -12.17
CA THR I 50 29.36 -8.29 -12.51
C THR I 50 28.43 -8.03 -11.34
N VAL I 51 28.70 -8.60 -10.17
CA VAL I 51 27.90 -8.37 -8.97
C VAL I 51 28.85 -7.92 -7.88
N GLU I 52 28.71 -6.67 -7.45
CA GLU I 52 29.62 -6.14 -6.43
C GLU I 52 29.25 -6.68 -5.06
N ARG I 53 30.24 -7.18 -4.34
CA ARG I 53 30.07 -7.61 -2.96
C ARG I 53 30.85 -6.79 -1.96
N THR I 54 32.06 -6.35 -2.32
CA THR I 54 32.89 -5.56 -1.42
C THR I 54 32.37 -4.13 -1.35
N ASN I 55 32.20 -3.63 -0.14
CA ASN I 55 31.68 -2.30 0.10
C ASN I 55 32.65 -1.54 0.99
N ILE I 56 32.82 -0.25 0.70
CA ILE I 56 33.59 0.62 1.58
C ILE I 56 32.73 0.93 2.79
N PRO I 57 33.14 0.55 4.01
CA PRO I 57 32.27 0.76 5.18
C PRO I 57 32.40 2.16 5.76
N ARG I 58 32.41 3.16 4.89
CA ARG I 58 32.48 4.56 5.29
C ARG I 58 31.61 5.37 4.33
N ILE I 59 31.15 6.52 4.80
CA ILE I 59 30.28 7.37 3.99
C ILE I 59 31.19 8.35 3.26
N CYS I 60 31.66 7.92 2.09
CA CYS I 60 32.41 8.78 1.18
C CYS I 60 31.48 9.82 0.58
N SER I 61 31.65 11.09 0.96
CA SER I 61 30.79 12.15 0.46
C SER I 61 31.57 13.43 0.20
N LYS I 62 32.78 13.34 -0.33
CA LYS I 62 33.47 14.56 -0.74
C LYS I 62 32.97 14.99 -2.11
N GLY I 63 33.00 16.29 -2.35
CA GLY I 63 32.39 16.86 -3.53
C GLY I 63 30.90 17.15 -3.39
N LYS I 64 30.30 16.79 -2.26
CA LYS I 64 28.90 17.07 -1.99
C LYS I 64 28.78 17.69 -0.61
N ARG I 65 27.78 18.55 -0.45
CA ARG I 65 27.48 19.10 0.88
C ARG I 65 26.90 18.01 1.75
N THR I 66 27.45 17.86 2.95
CA THR I 66 27.14 16.72 3.81
C THR I 66 26.86 17.20 5.22
N VAL I 67 25.77 16.73 5.81
CA VAL I 67 25.44 16.98 7.20
C VAL I 67 25.39 15.65 7.93
N ASP I 68 25.97 15.61 9.12
CA ASP I 68 25.90 14.46 10.01
C ASP I 68 25.08 14.87 11.23
N LEU I 69 23.87 14.32 11.34
CA LEU I 69 23.00 14.73 12.43
C LEU I 69 23.48 14.17 13.77
N GLY I 70 23.95 12.93 13.79
CA GLY I 70 24.41 12.33 15.02
C GLY I 70 23.27 12.02 15.98
N GLN I 71 23.26 12.70 17.12
CA GLN I 71 22.14 12.57 18.05
C GLN I 71 20.89 13.27 17.54
N CYS I 72 21.04 14.17 16.58
CA CYS I 72 19.90 14.86 16.00
C CYS I 72 19.07 13.91 15.15
N GLY I 73 17.76 14.09 15.19
CA GLY I 73 16.87 13.31 14.35
C GLY I 73 16.46 14.05 13.09
N LEU I 74 16.09 13.29 12.07
CA LEU I 74 15.66 13.90 10.82
C LEU I 74 14.33 14.61 10.98
N LEU I 75 13.41 14.03 11.76
CA LEU I 75 12.20 14.75 12.10
C LEU I 75 12.46 15.84 13.13
N GLY I 76 13.61 15.82 13.80
CA GLY I 76 13.95 16.88 14.72
C GLY I 76 14.45 18.15 14.07
N THR I 77 14.81 18.09 12.78
CA THR I 77 15.46 19.25 12.15
C THR I 77 14.50 20.42 11.95
N ILE I 78 13.19 20.20 12.06
CA ILE I 78 12.22 21.28 12.05
C ILE I 78 11.77 21.64 13.46
N THR I 79 11.57 20.63 14.30
CA THR I 79 11.04 20.87 15.64
C THR I 79 12.07 21.57 16.54
N GLY I 80 13.32 21.15 16.47
CA GLY I 80 14.37 21.72 17.28
C GLY I 80 14.50 21.21 18.71
N PRO I 81 14.88 19.94 18.89
CA PRO I 81 15.28 19.50 20.22
C PRO I 81 16.67 20.00 20.54
N PRO I 82 17.15 19.85 21.79
CA PRO I 82 18.52 20.30 22.11
C PRO I 82 19.63 19.62 21.32
N GLN I 83 19.39 18.44 20.76
CA GLN I 83 20.41 17.76 19.98
C GLN I 83 20.48 18.23 18.53
N CYS I 84 19.57 19.12 18.10
CA CYS I 84 19.55 19.60 16.73
C CYS I 84 19.78 21.11 16.63
N ASP I 85 20.36 21.72 17.67
CA ASP I 85 20.42 23.18 17.73
C ASP I 85 21.39 23.78 16.73
N GLN I 86 22.32 22.99 16.19
CA GLN I 86 23.18 23.46 15.12
C GLN I 86 22.71 23.00 13.75
N PHE I 87 21.53 22.36 13.68
CA PHE I 87 20.96 21.91 12.42
C PHE I 87 19.56 22.46 12.19
N LEU I 88 19.24 23.61 12.80
CA LEU I 88 17.91 24.19 12.69
C LEU I 88 17.63 24.70 11.28
N GLU I 89 18.62 25.34 10.66
CA GLU I 89 18.47 25.96 9.34
C GLU I 89 19.53 25.41 8.40
N PHE I 90 19.72 24.10 8.40
CA PHE I 90 20.83 23.50 7.67
C PHE I 90 20.53 23.46 6.17
N SER I 91 21.58 23.18 5.40
CA SER I 91 21.48 23.14 3.95
C SER I 91 22.56 22.20 3.44
N ALA I 92 22.15 21.05 2.90
CA ALA I 92 23.10 20.09 2.39
C ALA I 92 22.43 19.27 1.30
N ASP I 93 23.25 18.63 0.46
CA ASP I 93 22.79 17.75 -0.59
C ASP I 93 22.79 16.29 -0.17
N LEU I 94 23.04 16.01 1.12
CA LEU I 94 23.12 14.64 1.60
C LEU I 94 22.92 14.65 3.11
N ILE I 95 21.85 14.02 3.58
CA ILE I 95 21.46 14.04 4.98
C ILE I 95 21.64 12.64 5.56
N ILE I 96 22.26 12.56 6.73
CA ILE I 96 22.57 11.29 7.39
C ILE I 96 21.85 11.24 8.72
N GLU I 97 21.10 10.17 8.94
CA GLU I 97 20.50 9.86 10.24
C GLU I 97 21.35 8.82 10.94
N ARG I 98 21.05 8.59 12.22
CA ARG I 98 21.75 7.61 13.03
C ARG I 98 20.74 6.69 13.72
N ARG I 99 21.24 5.54 14.18
CA ARG I 99 20.42 4.62 14.95
C ARG I 99 20.01 5.22 16.28
N GLU I 100 20.94 5.87 16.97
CA GLU I 100 20.67 6.43 18.29
C GLU I 100 20.02 7.81 18.22
N GLY I 101 19.87 8.39 17.03
CA GLY I 101 19.31 9.72 16.92
C GLY I 101 17.83 9.71 17.23
N SER I 102 17.43 10.44 18.26
CA SER I 102 16.04 10.53 18.66
C SER I 102 15.39 11.75 18.00
N ASP I 103 14.17 11.56 17.53
CA ASP I 103 13.45 12.65 16.87
C ASP I 103 13.07 13.75 17.85
N VAL I 104 12.59 13.36 19.03
CA VAL I 104 12.06 14.30 20.01
C VAL I 104 12.71 14.05 21.36
N CYS I 105 12.83 15.12 22.14
CA CYS I 105 13.29 15.06 23.52
C CYS I 105 12.15 14.88 24.52
N TYR I 106 11.08 15.67 24.38
CA TYR I 106 9.84 15.36 25.05
C TYR I 106 9.27 14.06 24.47
N PRO I 107 8.69 13.19 25.30
CA PRO I 107 8.17 11.92 24.78
C PRO I 107 6.93 12.13 23.90
N GLY I 108 7.00 11.58 22.69
CA GLY I 108 5.94 11.72 21.73
C GLY I 108 6.34 11.08 20.41
N LYS I 109 5.40 11.09 19.47
CA LYS I 109 5.61 10.46 18.18
C LYS I 109 4.99 11.32 17.08
N PHE I 110 5.41 11.05 15.86
CA PHE I 110 4.91 11.79 14.70
C PHE I 110 3.77 11.02 14.06
N VAL I 111 2.66 11.71 13.82
CA VAL I 111 1.54 11.15 13.08
C VAL I 111 1.78 11.40 11.60
N ASN I 112 1.56 10.37 10.79
CA ASN I 112 1.92 10.33 9.36
C ASN I 112 3.42 10.62 9.21
N GLU I 113 4.21 9.71 9.78
CA GLU I 113 5.61 9.97 10.07
C GLU I 113 6.53 9.63 8.89
N GLU I 114 6.31 8.47 8.26
CA GLU I 114 7.23 8.01 7.22
C GLU I 114 7.16 8.87 5.97
N ALA I 115 5.99 9.41 5.65
CA ALA I 115 5.88 10.31 4.51
C ALA I 115 6.63 11.61 4.76
N LEU I 116 6.53 12.15 5.97
CA LEU I 116 7.28 13.35 6.32
C LEU I 116 8.78 13.07 6.33
N ARG I 117 9.18 11.88 6.77
CA ARG I 117 10.58 11.49 6.71
C ARG I 117 11.08 11.40 5.27
N GLN I 118 10.27 10.86 4.37
CA GLN I 118 10.66 10.77 2.97
C GLN I 118 10.66 12.14 2.30
N ILE I 119 9.83 13.07 2.77
CA ILE I 119 9.90 14.44 2.28
C ILE I 119 11.20 15.10 2.74
N LEU I 120 11.52 14.98 4.02
CA LEU I 120 12.67 15.68 4.57
C LEU I 120 14.00 15.09 4.14
N ARG I 121 14.04 13.78 3.91
CA ARG I 121 15.28 13.11 3.50
C ARG I 121 15.73 13.53 2.12
N GLU I 122 14.82 14.00 1.27
CA GLU I 122 15.10 14.36 -0.10
C GLU I 122 15.11 15.87 -0.31
N SER I 123 14.66 16.63 0.69
CA SER I 123 14.38 18.06 0.56
C SER I 123 15.61 18.92 0.29
N GLY I 124 16.81 18.40 0.49
CA GLY I 124 17.99 19.22 0.29
C GLY I 124 18.23 20.24 1.36
N GLY I 125 17.78 19.99 2.58
CA GLY I 125 17.83 20.98 3.64
C GLY I 125 16.58 21.83 3.67
N ILE I 126 16.47 22.62 4.73
CA ILE I 126 15.31 23.48 4.92
C ILE I 126 15.74 24.93 4.99
N ASP I 127 14.78 25.81 4.74
CA ASP I 127 15.02 27.24 4.49
C ASP I 127 14.08 28.06 5.38
N LYS I 128 14.18 27.81 6.69
CA LYS I 128 13.31 28.33 7.75
C LYS I 128 13.03 29.82 7.61
N GLU I 129 11.76 30.15 7.37
CA GLU I 129 11.30 31.52 7.26
C GLU I 129 10.48 31.85 8.50
N ALA I 130 10.76 32.98 9.12
CA ALA I 130 10.04 33.39 10.32
C ALA I 130 8.61 33.74 9.97
N MET I 131 7.67 32.97 10.52
CA MET I 131 6.25 33.19 10.32
C MET I 131 5.75 34.52 10.89
N GLY I 132 6.42 35.05 11.91
CA GLY I 132 6.08 36.38 12.37
C GLY I 132 4.95 36.46 13.35
N PHE I 133 4.54 35.35 13.96
CA PHE I 133 3.43 35.39 14.91
C PHE I 133 3.91 36.02 16.20
N THR I 134 3.20 37.05 16.66
CA THR I 134 3.46 37.66 17.97
C THR I 134 2.24 37.38 18.84
N TYR I 135 2.32 36.31 19.64
CA TYR I 135 1.20 35.97 20.52
C TYR I 135 1.17 36.91 21.71
N SER I 136 0.05 37.61 21.88
CA SER I 136 -0.10 38.59 22.94
C SER I 136 -1.33 38.28 23.78
N GLY I 137 -1.17 38.36 25.10
CA GLY I 137 -2.23 38.02 26.03
C GLY I 137 -2.09 36.67 26.70
N ILE I 138 -1.19 35.81 26.22
CA ILE I 138 -0.89 34.53 26.86
C ILE I 138 0.62 34.36 26.95
N ARG I 139 1.07 33.22 27.47
CA ARG I 139 2.47 32.99 27.78
C ARG I 139 3.07 32.02 26.77
N THR I 140 4.32 32.27 26.38
CA THR I 140 4.95 31.52 25.29
C THR I 140 6.22 30.78 25.68
N ASN I 141 6.79 31.03 26.86
CA ASN I 141 8.05 30.41 27.24
C ASN I 141 7.86 29.12 28.05
N GLY I 142 6.75 28.41 27.83
CA GLY I 142 6.50 27.13 28.47
C GLY I 142 7.55 26.09 28.13
N ALA I 143 8.06 25.41 29.15
CA ALA I 143 9.26 24.58 29.01
C ALA I 143 8.99 23.21 29.63
N THR I 144 10.03 22.38 29.63
CA THR I 144 9.97 21.07 30.26
C THR I 144 11.35 20.68 30.74
N SER I 145 11.37 19.73 31.67
CA SER I 145 12.63 19.23 32.23
C SER I 145 13.28 18.17 31.37
N SER I 146 12.54 17.54 30.45
CA SER I 146 13.11 16.50 29.61
C SER I 146 13.99 17.10 28.51
N CYS I 147 13.73 18.34 28.13
CA CYS I 147 14.48 19.01 27.07
C CYS I 147 15.31 20.11 27.72
N ARG I 148 16.63 19.95 27.69
CA ARG I 148 17.52 20.84 28.44
C ARG I 148 18.65 21.33 27.55
N ARG I 149 18.89 22.64 27.59
CA ARG I 149 20.08 23.26 27.04
C ARG I 149 20.99 23.84 28.12
N SER I 150 20.41 24.59 29.06
CA SER I 150 21.08 24.99 30.28
C SER I 150 20.23 24.78 31.52
N GLY I 151 18.98 24.33 31.37
CA GLY I 151 18.07 24.11 32.47
C GLY I 151 16.74 23.64 31.93
N SER I 152 15.64 24.19 32.44
CA SER I 152 14.33 23.93 31.85
C SER I 152 14.22 24.63 30.52
N SER I 153 13.81 23.89 29.48
CA SER I 153 13.75 24.43 28.13
C SER I 153 12.67 23.69 27.35
N PHE I 154 12.55 24.05 26.08
CA PHE I 154 11.62 23.43 25.15
C PHE I 154 12.26 23.49 23.77
N TYR I 155 11.46 23.27 22.73
CA TYR I 155 11.94 23.41 21.36
C TYR I 155 12.24 24.87 21.06
N ALA I 156 13.37 25.09 20.39
CA ALA I 156 13.75 26.45 20.01
C ALA I 156 12.87 26.96 18.88
N GLU I 157 12.43 26.07 17.99
CA GLU I 157 11.64 26.49 16.84
C GLU I 157 10.16 26.67 17.22
N MET I 158 9.49 25.59 17.59
CA MET I 158 8.07 25.65 17.88
C MET I 158 7.86 25.90 19.37
N LYS I 159 6.89 26.74 19.69
CA LYS I 159 6.72 27.26 21.03
C LYS I 159 5.50 26.65 21.70
N TRP I 160 5.66 26.30 22.98
CA TRP I 160 4.52 25.93 23.81
C TRP I 160 3.64 27.15 24.04
N LEU I 161 2.33 26.95 23.93
CA LEU I 161 1.37 28.00 24.26
C LEU I 161 0.66 27.59 25.55
N LEU I 162 1.27 27.96 26.67
CA LEU I 162 0.76 27.68 28.00
C LEU I 162 0.09 28.93 28.56
N SER I 163 -0.97 28.73 29.32
CA SER I 163 -1.68 29.84 29.94
C SER I 163 -0.79 30.53 30.97
N ASN I 164 -0.85 31.87 30.99
CA ASN I 164 0.00 32.64 31.89
C ASN I 164 -0.40 32.46 33.35
N THR I 165 -1.69 32.31 33.61
CA THR I 165 -2.20 32.03 34.95
C THR I 165 -2.81 30.63 34.96
N ASP I 166 -2.35 29.81 35.91
CA ASP I 166 -2.79 28.43 35.98
C ASP I 166 -4.24 28.33 36.44
N ASN I 167 -4.93 27.32 35.93
CA ASN I 167 -6.37 27.08 36.14
C ASN I 167 -7.17 28.31 35.74
N ALA I 168 -7.12 28.63 34.45
CA ALA I 168 -7.81 29.79 33.91
C ALA I 168 -8.13 29.53 32.44
N ALA I 169 -8.89 30.45 31.85
CA ALA I 169 -9.32 30.31 30.47
C ALA I 169 -8.17 30.55 29.51
N PHE I 170 -8.20 29.83 28.40
CA PHE I 170 -7.24 30.00 27.31
C PHE I 170 -7.98 30.67 26.16
N PRO I 171 -7.57 31.88 25.75
CA PRO I 171 -8.27 32.56 24.63
C PRO I 171 -8.15 31.79 23.33
N GLN I 172 -9.23 31.81 22.54
CA GLN I 172 -9.33 31.05 21.31
C GLN I 172 -8.73 31.85 20.16
N MET I 173 -7.40 31.92 20.15
CA MET I 173 -6.69 32.70 19.15
C MET I 173 -6.75 31.98 17.81
N THR I 174 -7.23 32.67 16.78
CA THR I 174 -7.42 32.10 15.45
C THR I 174 -6.49 32.84 14.50
N LYS I 175 -5.24 32.41 14.44
CA LYS I 175 -4.23 33.16 13.71
C LYS I 175 -3.83 32.40 12.45
N SER I 176 -3.26 33.13 11.49
CA SER I 176 -3.07 32.58 10.15
C SER I 176 -1.78 33.11 9.53
N TYR I 177 -1.22 32.32 8.62
CA TYR I 177 -0.02 32.66 7.87
C TYR I 177 -0.26 32.51 6.38
N LYS I 178 0.28 33.43 5.59
CA LYS I 178 0.18 33.39 4.14
C LYS I 178 1.52 32.98 3.54
N ASN I 179 1.51 31.94 2.71
CA ASN I 179 2.70 31.47 2.01
C ASN I 179 2.97 32.42 0.85
N THR I 180 3.77 33.44 1.12
CA THR I 180 4.04 34.47 0.12
C THR I 180 4.90 33.94 -1.01
N ARG I 181 5.94 33.17 -0.69
CA ARG I 181 6.88 32.72 -1.69
C ARG I 181 6.29 31.61 -2.55
N LYS I 182 6.97 31.33 -3.67
CA LYS I 182 6.46 30.38 -4.64
C LYS I 182 6.53 28.94 -4.15
N ASN I 183 7.54 28.59 -3.38
CA ASN I 183 7.75 27.22 -2.94
C ASN I 183 6.71 26.80 -1.91
N PRO I 184 6.41 25.51 -1.82
CA PRO I 184 5.47 25.04 -0.79
C PRO I 184 6.08 25.13 0.60
N ALA I 185 5.23 24.97 1.60
CA ALA I 185 5.60 25.14 3.00
C ALA I 185 5.45 23.82 3.75
N LEU I 186 6.13 23.75 4.89
CA LEU I 186 6.27 22.56 5.72
C LEU I 186 5.89 22.85 7.16
N ILE I 187 4.70 23.42 7.38
CA ILE I 187 4.28 23.77 8.73
C ILE I 187 4.00 22.51 9.52
N VAL I 188 4.57 22.41 10.71
CA VAL I 188 4.25 21.36 11.67
C VAL I 188 3.76 22.02 12.96
N TRP I 189 2.67 21.52 13.48
CA TRP I 189 2.16 21.95 14.78
C TRP I 189 2.08 20.74 15.70
N GLY I 190 1.74 20.98 16.95
CA GLY I 190 1.71 19.89 17.91
C GLY I 190 0.62 20.00 18.93
N ILE I 191 0.00 18.87 19.27
CA ILE I 191 -1.08 18.81 20.24
C ILE I 191 -0.59 18.01 21.44
N HIS I 192 -0.73 18.59 22.63
CA HIS I 192 -0.17 18.00 23.85
C HIS I 192 -1.26 17.16 24.53
N HIS I 193 -1.23 15.85 24.28
CA HIS I 193 -2.10 14.92 24.99
C HIS I 193 -1.58 14.78 26.41
N SER I 194 -2.26 15.41 27.37
CA SER I 194 -1.74 15.44 28.73
C SER I 194 -1.94 14.10 29.42
N GLY I 195 -1.31 13.97 30.59
CA GLY I 195 -1.48 12.76 31.39
C GLY I 195 -2.88 12.61 31.92
N SER I 196 -3.54 13.72 32.27
CA SER I 196 -4.86 13.65 32.88
C SER I 196 -5.60 14.96 32.65
N THR I 197 -6.91 14.91 32.90
CA THR I 197 -7.72 16.12 32.86
C THR I 197 -7.35 17.10 33.97
N ALA I 198 -6.74 16.62 35.06
CA ALA I 198 -6.17 17.52 36.05
C ALA I 198 -5.03 18.34 35.45
N GLU I 199 -4.19 17.69 34.64
CA GLU I 199 -3.12 18.40 33.95
C GLU I 199 -3.68 19.36 32.91
N GLN I 200 -4.74 18.96 32.19
CA GLN I 200 -5.37 19.87 31.23
C GLN I 200 -5.95 21.11 31.93
N THR I 201 -6.69 20.91 33.02
CA THR I 201 -7.29 22.04 33.74
C THR I 201 -6.24 22.92 34.40
N LYS I 202 -5.12 22.33 34.83
CA LYS I 202 -4.05 23.13 35.41
C LYS I 202 -3.34 23.95 34.34
N LEU I 203 -3.01 23.33 33.21
CA LEU I 203 -2.17 24.00 32.23
C LEU I 203 -2.99 24.90 31.30
N TYR I 204 -3.91 24.32 30.55
CA TYR I 204 -4.53 25.03 29.43
C TYR I 204 -5.85 25.68 29.83
N GLY I 205 -6.78 24.90 30.36
CA GLY I 205 -8.07 25.42 30.77
C GLY I 205 -9.10 24.34 31.02
N SER I 206 -10.10 24.66 31.85
CA SER I 206 -11.17 23.73 32.13
C SER I 206 -12.15 23.65 30.96
N GLY I 207 -12.81 22.51 30.85
CA GLY I 207 -13.78 22.27 29.81
C GLY I 207 -13.18 21.45 28.67
N ASN I 208 -14.00 21.28 27.63
CA ASN I 208 -13.54 20.55 26.46
C ASN I 208 -12.51 21.34 25.67
N LYS I 209 -11.60 20.62 25.03
CA LYS I 209 -10.48 21.20 24.32
C LYS I 209 -10.61 20.88 22.84
N LEU I 210 -10.56 21.90 21.99
CA LEU I 210 -10.78 21.71 20.56
C LEU I 210 -9.83 22.62 19.78
N VAL I 211 -9.10 22.04 18.84
CA VAL I 211 -8.20 22.78 17.97
C VAL I 211 -8.44 22.34 16.53
N THR I 212 -8.56 23.31 15.62
CA THR I 212 -8.82 23.05 14.22
C THR I 212 -7.75 23.72 13.36
N VAL I 213 -7.45 23.09 12.23
CA VAL I 213 -6.46 23.57 11.28
C VAL I 213 -7.13 23.61 9.91
N GLY I 214 -7.03 24.76 9.23
CA GLY I 214 -7.68 24.89 7.95
C GLY I 214 -6.82 25.52 6.86
N SER I 215 -6.91 24.98 5.65
CA SER I 215 -6.30 25.55 4.47
C SER I 215 -7.34 25.63 3.36
N SER I 216 -6.88 25.92 2.15
CA SER I 216 -7.77 25.88 0.99
C SER I 216 -8.25 24.47 0.70
N ASN I 217 -7.37 23.48 0.85
CA ASN I 217 -7.70 22.09 0.57
C ASN I 217 -7.73 21.21 1.82
N TYR I 218 -6.74 21.35 2.70
CA TYR I 218 -6.70 20.58 3.93
C TYR I 218 -7.59 21.21 4.98
N GLN I 219 -8.32 20.38 5.71
CA GLN I 219 -9.18 20.85 6.79
C GLN I 219 -9.39 19.68 7.73
N GLN I 220 -9.07 19.86 9.01
CA GLN I 220 -9.21 18.78 9.97
C GLN I 220 -9.35 19.36 11.37
N SER I 221 -10.17 18.71 12.18
CA SER I 221 -10.40 19.10 13.56
C SER I 221 -9.71 18.12 14.48
N PHE I 222 -9.08 18.65 15.54
CA PHE I 222 -8.29 17.83 16.46
C PHE I 222 -8.79 18.02 17.88
N VAL I 223 -8.71 16.95 18.66
CA VAL I 223 -9.09 17.00 20.07
C VAL I 223 -7.99 16.31 20.89
N PRO I 224 -7.57 16.90 22.01
CA PRO I 224 -6.62 16.20 22.89
C PRO I 224 -7.26 14.98 23.56
N SER I 225 -6.42 14.00 23.84
CA SER I 225 -6.85 12.75 24.48
C SER I 225 -6.22 12.62 25.86
N PRO I 226 -6.96 12.85 26.95
CA PRO I 226 -6.42 12.73 28.29
C PRO I 226 -6.57 11.32 28.86
N ARG I 238 3.66 12.33 24.61
CA ARG I 238 2.48 13.06 25.03
C ARG I 238 2.14 14.20 24.09
N ILE I 239 3.03 14.46 23.13
CA ILE I 239 2.79 15.47 22.09
C ILE I 239 3.00 14.81 20.74
N ASP I 240 2.00 14.93 19.86
CA ASP I 240 2.07 14.40 18.51
C ASP I 240 2.08 15.54 17.50
N PHE I 241 2.87 15.37 16.44
CA PHE I 241 3.08 16.41 15.45
C PHE I 241 2.44 16.02 14.12
N HIS I 242 1.91 17.01 13.41
CA HIS I 242 1.13 16.77 12.19
C HIS I 242 1.59 17.75 11.11
N TRP I 243 2.24 17.23 10.08
CA TRP I 243 2.77 18.04 8.99
C TRP I 243 1.69 18.38 7.97
N LEU I 244 1.99 19.39 7.14
CA LEU I 244 1.00 19.99 6.26
C LEU I 244 1.70 20.82 5.19
N MET I 245 1.21 20.73 3.96
CA MET I 245 1.67 21.53 2.82
C MET I 245 0.89 22.84 2.71
N LEU I 246 1.42 23.75 1.91
CA LEU I 246 0.64 24.85 1.34
C LEU I 246 1.06 25.12 -0.09
N ASN I 247 0.09 25.46 -0.93
CA ASN I 247 0.38 25.99 -2.24
C ASN I 247 0.85 27.44 -2.10
N PRO I 248 1.53 27.99 -3.10
CA PRO I 248 1.79 29.43 -3.10
C PRO I 248 0.50 30.23 -3.18
N ASN I 249 0.53 31.42 -2.56
CA ASN I 249 -0.61 32.33 -2.41
C ASN I 249 -1.79 31.68 -1.67
N ASP I 250 -1.50 30.72 -0.79
CA ASP I 250 -2.51 30.11 0.05
C ASP I 250 -2.38 30.64 1.47
N THR I 251 -3.23 30.17 2.37
CA THR I 251 -3.23 30.63 3.75
C THR I 251 -3.63 29.48 4.66
N VAL I 252 -2.68 29.00 5.47
CA VAL I 252 -3.01 28.08 6.55
C VAL I 252 -3.70 28.86 7.66
N THR I 253 -4.74 28.25 8.25
CA THR I 253 -5.49 28.90 9.32
C THR I 253 -5.49 27.98 10.54
N PHE I 254 -4.98 28.48 11.64
CA PHE I 254 -5.02 27.79 12.92
C PHE I 254 -6.16 28.35 13.77
N SER I 255 -6.66 27.51 14.67
CA SER I 255 -7.68 27.93 15.64
C SER I 255 -7.58 26.96 16.82
N PHE I 256 -7.07 27.45 17.94
CA PHE I 256 -6.78 26.61 19.08
C PHE I 256 -7.43 27.14 20.35
N ASN I 257 -7.93 26.22 21.17
CA ASN I 257 -8.58 26.54 22.42
C ASN I 257 -7.85 25.87 23.59
N GLY I 258 -7.05 24.85 23.31
CA GLY I 258 -6.36 24.13 24.37
C GLY I 258 -4.90 23.87 24.09
N ALA I 259 -4.51 22.60 24.14
CA ALA I 259 -3.13 22.20 23.91
C ALA I 259 -2.75 22.47 22.46
N PHE I 260 -1.71 23.30 22.26
CA PHE I 260 -1.26 23.62 20.92
C PHE I 260 0.20 24.06 21.00
N ILE I 261 1.10 23.26 20.43
CA ILE I 261 2.48 23.69 20.25
C ILE I 261 2.51 24.62 19.04
N ALA I 262 2.73 25.90 19.27
CA ALA I 262 2.59 26.85 18.18
C ALA I 262 3.89 26.94 17.39
N PRO I 263 3.83 26.88 16.07
CA PRO I 263 5.04 27.06 15.26
C PRO I 263 5.47 28.52 15.25
N ASP I 264 6.76 28.74 15.04
CA ASP I 264 7.28 30.09 14.85
C ASP I 264 7.94 30.26 13.49
N ARG I 265 8.44 29.18 12.89
CA ARG I 265 9.07 29.23 11.58
C ARG I 265 8.59 28.07 10.72
N ALA I 266 8.58 28.30 9.41
CA ALA I 266 8.14 27.31 8.43
C ALA I 266 9.32 26.87 7.57
N SER I 267 9.42 25.57 7.35
CA SER I 267 10.47 25.04 6.50
C SER I 267 10.07 25.16 5.04
N PHE I 268 11.05 25.47 4.20
CA PHE I 268 10.87 25.54 2.76
C PHE I 268 11.83 24.57 2.09
N LEU I 269 11.49 24.17 0.87
CA LEU I 269 12.37 23.31 0.10
C LEU I 269 13.60 24.09 -0.34
N ARG I 270 14.76 23.41 -0.36
CA ARG I 270 15.99 24.03 -0.83
C ARG I 270 16.54 23.40 -2.10
N GLY I 271 16.68 22.08 -2.13
CA GLY I 271 17.30 21.43 -3.26
C GLY I 271 16.78 20.03 -3.47
N LYS I 272 17.53 19.28 -4.28
CA LYS I 272 17.15 17.91 -4.67
C LYS I 272 18.28 17.01 -4.20
N SER I 273 18.04 16.24 -3.14
CA SER I 273 19.11 15.51 -2.47
C SER I 273 18.76 14.03 -2.34
N MET I 274 19.61 13.32 -1.60
CA MET I 274 19.37 11.94 -1.20
C MET I 274 19.75 11.81 0.27
N GLY I 275 19.19 10.81 0.92
CA GLY I 275 19.39 10.61 2.34
C GLY I 275 19.83 9.19 2.66
N ILE I 276 20.63 9.07 3.72
CA ILE I 276 21.19 7.79 4.14
C ILE I 276 20.74 7.53 5.57
N GLN I 277 20.54 6.27 5.92
CA GLN I 277 20.29 5.84 7.29
C GLN I 277 21.30 4.74 7.59
N SER I 278 22.32 5.04 8.39
CA SER I 278 23.41 4.11 8.61
C SER I 278 23.93 4.27 10.03
N GLY I 279 25.10 3.69 10.28
CA GLY I 279 25.72 3.75 11.60
C GLY I 279 27.23 3.92 11.56
N VAL I 280 27.79 4.12 10.37
CA VAL I 280 29.22 4.34 10.20
C VAL I 280 29.47 5.83 10.06
N GLN I 281 30.68 6.25 10.46
CA GLN I 281 30.99 7.67 10.55
C GLN I 281 31.30 8.26 9.18
N VAL I 282 31.28 9.58 9.12
CA VAL I 282 31.48 10.32 7.88
C VAL I 282 32.97 10.40 7.58
N ASP I 283 33.37 9.99 6.38
CA ASP I 283 34.76 10.09 5.92
C ASP I 283 34.71 10.46 4.45
N ALA I 284 34.77 11.76 4.17
CA ALA I 284 34.62 12.30 2.81
C ALA I 284 35.91 12.07 2.05
N ASP I 285 35.95 11.01 1.24
CA ASP I 285 37.13 10.70 0.46
C ASP I 285 36.80 10.31 -0.97
N CYS I 286 35.55 9.99 -1.25
CA CYS I 286 35.16 9.37 -2.51
C CYS I 286 34.08 10.22 -3.18
N GLU I 287 33.68 9.80 -4.38
CA GLU I 287 32.52 10.36 -5.07
C GLU I 287 31.38 9.37 -4.91
N GLY I 288 30.50 9.62 -3.94
CA GLY I 288 29.52 8.62 -3.53
C GLY I 288 28.18 8.67 -4.23
N ASP I 289 27.78 7.57 -4.86
CA ASP I 289 26.46 7.46 -5.47
C ASP I 289 25.50 6.62 -4.63
N CYS I 290 25.86 5.37 -4.38
CA CYS I 290 24.98 4.41 -3.74
C CYS I 290 25.37 4.19 -2.29
N TYR I 291 24.38 4.06 -1.41
CA TYR I 291 24.62 3.91 0.02
C TYR I 291 23.66 2.87 0.58
N TYR I 292 24.20 1.94 1.38
CA TYR I 292 23.37 1.05 2.19
C TYR I 292 23.47 1.50 3.63
N SER I 293 22.94 0.70 4.56
CA SER I 293 22.92 1.04 5.97
C SER I 293 24.29 0.88 6.66
N GLY I 294 25.37 0.64 5.92
CA GLY I 294 26.67 0.54 6.53
C GLY I 294 27.82 1.09 5.72
N GLY I 295 27.55 1.77 4.62
CA GLY I 295 28.63 2.27 3.81
C GLY I 295 28.18 2.59 2.39
N THR I 296 29.14 2.51 1.47
CA THR I 296 29.01 3.03 0.12
C THR I 296 29.26 1.93 -0.90
N ILE I 297 28.45 1.91 -1.96
CA ILE I 297 28.59 0.82 -2.98
C ILE I 297 29.05 1.44 -4.30
N ILE I 298 29.97 2.41 -4.24
CA ILE I 298 30.52 2.95 -5.49
C ILE I 298 31.25 1.86 -6.26
N SER I 299 30.73 1.58 -7.46
CA SER I 299 31.30 0.66 -8.42
C SER I 299 30.60 0.92 -9.75
N ASN I 300 31.27 0.53 -10.83
CA ASN I 300 30.62 0.55 -12.13
C ASN I 300 29.80 -0.70 -12.38
N LEU I 301 29.86 -1.68 -11.49
CA LEU I 301 29.18 -2.95 -11.68
C LEU I 301 27.67 -2.76 -11.58
N PRO I 302 26.88 -3.33 -12.49
CA PRO I 302 25.44 -3.07 -12.51
C PRO I 302 24.65 -3.78 -11.42
N PHE I 303 25.25 -4.70 -10.67
CA PHE I 303 24.51 -5.50 -9.71
C PHE I 303 25.24 -5.52 -8.37
N GLN I 304 24.47 -5.57 -7.29
CA GLN I 304 25.02 -5.69 -5.95
C GLN I 304 24.55 -6.99 -5.32
N ASN I 305 24.98 -7.22 -4.09
CA ASN I 305 24.41 -8.27 -3.25
C ASN I 305 24.30 -7.83 -1.80
N ILE I 306 24.62 -6.58 -1.49
CA ILE I 306 24.81 -6.17 -0.09
C ILE I 306 23.47 -6.00 0.60
N ASP I 307 22.64 -5.09 0.10
CA ASP I 307 21.36 -4.82 0.74
C ASP I 307 20.38 -4.32 -0.29
N SER I 308 19.15 -4.86 -0.26
CA SER I 308 18.10 -4.50 -1.20
C SER I 308 17.48 -3.14 -0.91
N ARG I 309 17.85 -2.50 0.19
CA ARG I 309 17.30 -1.21 0.58
C ARG I 309 18.31 -0.09 0.37
N ALA I 310 19.11 -0.21 -0.68
CA ALA I 310 20.09 0.81 -1.02
C ALA I 310 19.40 2.04 -1.59
N VAL I 311 20.10 3.17 -1.56
CA VAL I 311 19.50 4.47 -1.89
C VAL I 311 20.49 5.26 -2.74
N GLY I 312 19.96 5.94 -3.75
CA GLY I 312 20.76 6.70 -4.69
C GLY I 312 20.90 5.99 -6.02
N LYS I 313 21.90 6.43 -6.78
CA LYS I 313 22.24 5.77 -8.04
C LYS I 313 22.90 4.44 -7.70
N CYS I 314 22.12 3.37 -7.76
CA CYS I 314 22.51 2.11 -7.15
C CYS I 314 22.46 0.97 -8.15
N PRO I 315 23.27 -0.07 -7.95
CA PRO I 315 23.14 -1.28 -8.75
C PRO I 315 21.88 -2.05 -8.39
N ARG I 316 21.57 -3.05 -9.21
CA ARG I 316 20.37 -3.85 -9.04
C ARG I 316 20.62 -4.98 -8.05
N TYR I 317 19.64 -5.22 -7.19
CA TYR I 317 19.75 -6.30 -6.22
C TYR I 317 19.60 -7.66 -6.90
N VAL I 318 20.13 -8.69 -6.26
CA VAL I 318 20.04 -10.07 -6.75
C VAL I 318 19.92 -10.98 -5.54
N LYS I 319 19.36 -12.17 -5.75
CA LYS I 319 19.30 -13.15 -4.65
C LYS I 319 20.65 -13.79 -4.42
N GLN I 320 21.25 -14.35 -5.46
CA GLN I 320 22.41 -15.20 -5.29
C GLN I 320 23.69 -14.39 -5.07
N ARG I 321 24.80 -15.09 -4.96
CA ARG I 321 26.02 -14.48 -4.45
C ARG I 321 26.76 -13.67 -5.51
N SER I 322 27.22 -14.33 -6.57
CA SER I 322 28.17 -13.67 -7.46
C SER I 322 27.98 -14.23 -8.88
N LEU I 323 27.26 -13.48 -9.70
CA LEU I 323 27.23 -13.76 -11.13
C LEU I 323 28.52 -13.26 -11.76
N LEU I 324 28.79 -13.72 -12.98
CA LEU I 324 30.01 -13.35 -13.69
C LEU I 324 29.69 -13.12 -15.16
N LEU I 325 29.78 -11.88 -15.60
CA LEU I 325 29.65 -11.58 -17.01
C LEU I 325 30.89 -12.07 -17.74
N ALA I 326 30.79 -13.24 -18.37
CA ALA I 326 31.96 -13.96 -18.88
C ALA I 326 32.49 -13.27 -20.12
N THR I 327 33.22 -12.17 -19.89
CA THR I 327 33.89 -11.45 -20.97
C THR I 327 35.12 -12.25 -21.38
N GLY I 328 34.89 -13.21 -22.28
CA GLY I 328 35.95 -14.09 -22.73
C GLY I 328 35.44 -15.34 -23.40
N MET I 329 36.23 -15.89 -24.33
CA MET I 329 35.83 -17.05 -25.09
C MET I 329 35.97 -18.33 -24.27
N LYS I 330 35.58 -19.44 -24.88
CA LYS I 330 35.74 -20.75 -24.25
C LYS I 330 37.21 -21.09 -24.07
N ASN I 331 37.48 -21.81 -22.98
CA ASN I 331 38.83 -22.24 -22.63
C ASN I 331 38.91 -23.76 -22.77
N VAL I 332 39.88 -24.23 -23.54
CA VAL I 332 40.18 -25.66 -23.62
C VAL I 332 41.67 -25.88 -23.34
N PRO I 333 42.06 -25.94 -22.07
CA PRO I 333 43.47 -26.09 -21.74
C PRO I 333 43.97 -27.50 -22.03
N GLU I 334 45.29 -27.61 -22.12
CA GLU I 334 45.94 -28.89 -22.40
C GLU I 334 45.82 -29.85 -21.23
N LEU I 346 24.88 -20.94 -28.42
CA LEU I 346 24.26 -20.83 -29.73
C LEU I 346 25.12 -21.51 -30.79
N PHE I 347 26.24 -20.88 -31.17
CA PHE I 347 27.17 -21.53 -32.09
C PHE I 347 27.80 -22.76 -31.45
N GLY I 348 28.59 -22.55 -30.41
CA GLY I 348 29.26 -23.63 -29.70
C GLY I 348 30.20 -24.46 -30.55
N ALA I 349 30.93 -23.80 -31.46
CA ALA I 349 31.77 -24.49 -32.42
C ALA I 349 33.24 -24.10 -32.28
N ILE I 350 33.74 -24.04 -31.05
CA ILE I 350 35.16 -23.82 -30.82
C ILE I 350 35.96 -25.03 -31.30
N ALA I 351 35.48 -26.24 -31.00
CA ALA I 351 36.17 -27.47 -31.38
C ALA I 351 35.81 -27.79 -32.82
N GLY I 352 36.45 -27.09 -33.75
CA GLY I 352 36.23 -27.31 -35.17
C GLY I 352 37.48 -27.76 -35.89
N PHE I 353 37.99 -26.91 -36.80
CA PHE I 353 39.27 -27.18 -37.44
C PHE I 353 40.40 -27.12 -36.43
N ILE I 354 40.34 -26.17 -35.50
CA ILE I 354 41.29 -26.09 -34.40
C ILE I 354 40.59 -26.61 -33.15
N GLU I 355 41.22 -27.55 -32.45
CA GLU I 355 40.57 -28.25 -31.36
C GLU I 355 41.24 -28.08 -30.01
N ASN I 356 42.48 -27.58 -29.96
CA ASN I 356 43.23 -27.45 -28.72
C ASN I 356 43.66 -26.02 -28.52
N GLY I 357 43.43 -25.47 -27.33
CA GLY I 357 43.89 -24.13 -27.02
C GLY I 357 45.39 -24.09 -26.81
N TRP I 358 46.04 -23.16 -27.51
CA TRP I 358 47.50 -23.07 -27.57
C TRP I 358 47.93 -21.74 -26.94
N GLU I 359 48.60 -21.85 -25.78
CA GLU I 359 48.75 -20.73 -24.86
C GLU I 359 49.83 -19.74 -25.30
N GLY I 360 50.53 -20.00 -26.40
CA GLY I 360 51.69 -19.23 -26.80
C GLY I 360 51.43 -17.82 -27.30
N LEU I 361 50.26 -17.23 -27.04
CA LEU I 361 49.99 -15.88 -27.51
C LEU I 361 50.34 -14.85 -26.44
N ILE I 362 50.67 -13.65 -26.91
CA ILE I 362 50.75 -12.46 -26.07
C ILE I 362 49.79 -11.39 -26.58
N ASP I 363 48.88 -11.76 -27.48
CA ASP I 363 47.94 -10.86 -28.11
C ASP I 363 46.70 -10.67 -27.25
N GLY I 364 45.63 -10.13 -27.84
CA GLY I 364 44.39 -9.94 -27.13
C GLY I 364 43.59 -11.21 -26.96
N TRP I 365 42.30 -11.17 -27.22
CA TRP I 365 41.43 -12.29 -26.90
C TRP I 365 41.34 -13.30 -28.03
N TYR I 366 41.98 -13.03 -29.17
CA TYR I 366 42.12 -13.97 -30.28
C TYR I 366 43.54 -13.78 -30.83
N GLY I 367 43.81 -14.33 -32.01
CA GLY I 367 45.06 -14.00 -32.66
C GLY I 367 45.55 -15.08 -33.61
N PHE I 368 46.67 -14.76 -34.26
CA PHE I 368 47.35 -15.56 -35.26
C PHE I 368 48.38 -16.48 -34.60
N ARG I 369 48.70 -17.59 -35.25
CA ARG I 369 49.78 -18.45 -34.79
C ARG I 369 50.64 -18.83 -35.99
N HIS I 370 51.91 -19.14 -35.74
CA HIS I 370 52.88 -19.39 -36.79
C HIS I 370 53.71 -20.61 -36.40
N GLN I 371 53.40 -21.76 -37.00
CA GLN I 371 54.24 -22.95 -36.94
C GLN I 371 54.35 -23.52 -38.35
N ASN I 372 55.50 -23.28 -39.00
CA ASN I 372 55.72 -23.74 -40.36
C ASN I 372 56.96 -24.60 -40.54
N ALA I 373 57.69 -24.93 -39.47
CA ALA I 373 59.01 -25.56 -39.39
C ALA I 373 60.13 -24.68 -39.93
N GLN I 374 59.84 -23.49 -40.44
CA GLN I 374 60.83 -22.47 -40.75
C GLN I 374 60.90 -21.39 -39.68
N GLY I 375 59.75 -20.94 -39.20
CA GLY I 375 59.70 -20.06 -38.04
C GLY I 375 58.57 -20.49 -37.14
N GLU I 376 58.88 -20.59 -35.85
CA GLU I 376 57.95 -21.17 -34.89
C GLU I 376 57.35 -20.15 -33.92
N GLY I 377 57.85 -18.91 -33.91
CA GLY I 377 57.30 -17.92 -33.01
C GLY I 377 55.97 -17.38 -33.51
N THR I 378 55.05 -17.20 -32.57
CA THR I 378 53.69 -16.79 -32.90
C THR I 378 53.63 -15.33 -33.32
N ALA I 379 52.64 -15.01 -34.14
CA ALA I 379 52.44 -13.67 -34.69
C ALA I 379 51.07 -13.14 -34.28
N ALA I 380 50.68 -12.01 -34.89
CA ALA I 380 49.48 -11.30 -34.49
C ALA I 380 48.49 -11.22 -35.64
N ASP I 381 47.21 -11.09 -35.28
CA ASP I 381 46.12 -10.99 -36.25
C ASP I 381 45.31 -9.73 -35.94
N TYR I 382 46.00 -8.60 -35.82
CA TYR I 382 45.45 -7.38 -35.26
C TYR I 382 44.25 -6.85 -36.05
N LYS I 383 44.21 -7.12 -37.36
CA LYS I 383 43.21 -6.54 -38.26
C LYS I 383 41.79 -6.95 -37.90
N SER I 384 41.61 -8.19 -37.44
CA SER I 384 40.30 -8.67 -37.02
C SER I 384 40.15 -8.77 -35.52
N THR I 385 41.21 -9.12 -34.78
CA THR I 385 41.06 -9.23 -33.34
C THR I 385 40.95 -7.88 -32.67
N GLN I 386 41.43 -6.79 -33.30
CA GLN I 386 41.20 -5.47 -32.72
C GLN I 386 39.75 -5.08 -32.83
N SER I 387 39.10 -5.41 -33.96
CA SER I 387 37.67 -5.22 -34.08
C SER I 387 36.91 -6.10 -33.10
N ALA I 388 37.41 -7.30 -32.84
CA ALA I 388 36.80 -8.18 -31.85
C ALA I 388 36.86 -7.57 -30.44
N ILE I 389 38.02 -7.02 -30.07
CA ILE I 389 38.18 -6.35 -28.78
C ILE I 389 37.30 -5.12 -28.70
N ASP I 390 37.23 -4.34 -29.78
CA ASP I 390 36.41 -3.13 -29.77
C ASP I 390 34.92 -3.45 -29.64
N CYS I 391 34.45 -4.47 -30.36
CA CYS I 391 33.05 -4.88 -30.24
C CYS I 391 32.74 -5.43 -28.85
N ILE I 392 33.63 -6.27 -28.31
CA ILE I 392 33.36 -6.87 -27.02
C ILE I 392 33.55 -5.86 -25.88
N THR I 393 34.36 -4.82 -26.09
CA THR I 393 34.54 -3.76 -25.11
C THR I 393 33.38 -2.78 -25.12
N GLY I 394 32.83 -2.47 -26.29
CA GLY I 394 31.58 -1.71 -26.33
C GLY I 394 30.42 -2.50 -25.75
N LYS I 395 30.43 -3.82 -25.95
CA LYS I 395 29.48 -4.73 -25.32
C LYS I 395 29.57 -4.64 -23.79
N LEU I 396 30.81 -4.71 -23.28
CA LEU I 396 31.06 -4.55 -21.85
C LEU I 396 30.58 -3.20 -21.36
N ASN I 397 30.93 -2.12 -22.07
CA ASN I 397 30.57 -0.78 -21.64
C ASN I 397 29.07 -0.53 -21.70
N ARG I 398 28.36 -1.22 -22.60
CA ARG I 398 26.91 -1.16 -22.62
C ARG I 398 26.31 -1.83 -21.39
N LEU I 399 26.85 -2.99 -21.00
CA LEU I 399 26.30 -3.68 -19.82
C LEU I 399 26.64 -2.95 -18.53
N ILE I 400 27.91 -2.57 -18.36
CA ILE I 400 28.40 -1.87 -17.19
C ILE I 400 27.78 -0.48 -17.03
N GLU I 401 27.25 0.11 -18.10
CA GLU I 401 26.51 1.36 -18.03
C GLU I 401 25.26 1.22 -17.16
N LYS I 402 25.27 1.88 -16.01
CA LYS I 402 24.19 1.80 -15.04
C LYS I 402 23.31 3.04 -15.13
N THR I 403 22.00 2.82 -15.15
CA THR I 403 21.06 3.93 -15.21
C THR I 403 20.95 4.61 -13.85
N ASN I 404 20.35 5.80 -13.86
CA ASN I 404 20.28 6.68 -12.69
C ASN I 404 18.83 6.90 -12.25
N GLN I 405 18.38 6.08 -11.30
CA GLN I 405 17.08 6.25 -10.66
C GLN I 405 17.33 6.63 -9.21
N GLN I 406 16.66 7.68 -8.75
CA GLN I 406 16.92 8.23 -7.42
C GLN I 406 15.79 7.80 -6.49
N PHE I 407 15.89 6.60 -5.96
CA PHE I 407 14.92 6.10 -5.01
C PHE I 407 15.16 6.71 -3.63
N GLU I 408 14.11 6.67 -2.81
CA GLU I 408 14.22 7.02 -1.39
C GLU I 408 14.02 5.77 -0.57
N LEU I 409 14.15 5.90 0.75
CA LEU I 409 13.91 4.79 1.66
C LEU I 409 12.41 4.62 1.82
N ILE I 410 11.85 3.60 1.16
CA ILE I 410 10.44 3.28 1.38
C ILE I 410 10.25 2.68 2.77
N ASP I 411 11.12 1.75 3.16
CA ASP I 411 11.12 1.21 4.51
C ASP I 411 11.95 2.08 5.43
N ASN I 412 12.17 1.58 6.64
CA ASN I 412 12.88 2.34 7.67
C ASN I 412 13.44 1.33 8.67
N GLU I 413 14.77 1.18 8.67
CA GLU I 413 15.39 0.14 9.48
C GLU I 413 15.39 0.45 10.97
N PHE I 414 15.28 1.72 11.35
CA PHE I 414 15.35 2.06 12.77
C PHE I 414 14.01 1.81 13.46
N THR I 415 12.96 2.51 13.03
CA THR I 415 11.61 2.23 13.49
C THR I 415 10.79 1.72 12.30
N GLU I 416 9.99 0.69 12.55
CA GLU I 416 9.33 0.00 11.45
C GLU I 416 8.08 0.77 11.01
N VAL I 417 7.46 0.24 9.95
CA VAL I 417 6.23 0.79 9.42
C VAL I 417 5.08 -0.12 9.81
N GLU I 418 3.86 0.27 9.45
CA GLU I 418 2.68 -0.57 9.66
C GLU I 418 2.83 -1.88 8.90
N LYS I 419 2.35 -2.96 9.52
CA LYS I 419 2.73 -4.31 9.08
C LYS I 419 2.12 -4.67 7.74
N GLN I 420 0.90 -4.21 7.45
CA GLN I 420 0.26 -4.55 6.17
C GLN I 420 0.99 -3.89 5.00
N ILE I 421 1.25 -2.57 5.11
CA ILE I 421 1.99 -1.86 4.08
C ILE I 421 3.41 -2.38 3.99
N GLY I 422 4.00 -2.76 5.13
CA GLY I 422 5.34 -3.34 5.11
C GLY I 422 5.39 -4.68 4.41
N ASN I 423 4.35 -5.50 4.57
CA ASN I 423 4.30 -6.77 3.86
C ASN I 423 4.06 -6.57 2.38
N VAL I 424 3.28 -5.54 2.00
CA VAL I 424 3.13 -5.20 0.59
C VAL I 424 4.47 -4.76 -0.01
N ILE I 425 5.21 -3.92 0.74
CA ILE I 425 6.51 -3.44 0.28
C ILE I 425 7.51 -4.60 0.18
N ASN I 426 7.50 -5.51 1.15
CA ASN I 426 8.42 -6.64 1.11
C ASN I 426 8.06 -7.62 0.00
N TRP I 427 6.76 -7.82 -0.28
CA TRP I 427 6.35 -8.63 -1.42
C TRP I 427 6.86 -8.01 -2.71
N THR I 428 6.67 -6.69 -2.84
CA THR I 428 7.08 -5.98 -4.04
C THR I 428 8.58 -6.02 -4.23
N ARG I 429 9.32 -5.85 -3.12
CA ARG I 429 10.78 -5.86 -3.18
C ARG I 429 11.31 -7.25 -3.52
N ASP I 430 10.74 -8.30 -2.91
CA ASP I 430 11.19 -9.65 -3.24
C ASP I 430 10.80 -10.06 -4.65
N SER I 431 9.66 -9.57 -5.14
CA SER I 431 9.25 -9.88 -6.50
C SER I 431 10.17 -9.22 -7.52
N ILE I 432 10.45 -7.92 -7.32
CA ILE I 432 11.40 -7.21 -8.18
C ILE I 432 12.80 -7.80 -8.04
N THR I 433 13.12 -8.31 -6.85
CA THR I 433 14.39 -9.00 -6.62
C THR I 433 14.48 -10.26 -7.47
N GLU I 434 13.41 -11.06 -7.50
CA GLU I 434 13.38 -12.26 -8.33
C GLU I 434 13.45 -11.91 -9.81
N VAL I 435 12.75 -10.84 -10.22
CA VAL I 435 12.76 -10.43 -11.62
C VAL I 435 14.15 -9.99 -12.05
N TRP I 436 14.82 -9.18 -11.21
CA TRP I 436 16.15 -8.73 -11.58
C TRP I 436 17.18 -9.85 -11.47
N SER I 437 16.97 -10.82 -10.58
CA SER I 437 17.87 -11.97 -10.52
C SER I 437 17.75 -12.83 -11.77
N TYR I 438 16.51 -13.09 -12.20
CA TYR I 438 16.26 -13.83 -13.43
C TYR I 438 16.79 -13.08 -14.64
N ASN I 439 16.63 -11.75 -14.64
CA ASN I 439 17.15 -10.92 -15.73
C ASN I 439 18.67 -10.92 -15.75
N ALA I 440 19.30 -10.91 -14.57
CA ALA I 440 20.76 -10.93 -14.52
C ALA I 440 21.31 -12.27 -14.98
N GLU I 441 20.65 -13.36 -14.60
CA GLU I 441 21.02 -14.68 -15.09
C GLU I 441 20.87 -14.76 -16.60
N LEU I 442 19.79 -14.19 -17.13
CA LEU I 442 19.62 -14.14 -18.58
C LEU I 442 20.66 -13.25 -19.24
N LEU I 443 21.03 -12.14 -18.62
CA LEU I 443 22.04 -11.23 -19.18
C LEU I 443 23.38 -11.92 -19.30
N VAL I 444 23.79 -12.60 -18.23
CA VAL I 444 25.00 -13.42 -18.24
C VAL I 444 24.90 -14.50 -19.30
N ALA I 445 23.70 -15.08 -19.45
CA ALA I 445 23.47 -16.10 -20.48
C ALA I 445 23.70 -15.54 -21.89
N MET I 446 22.85 -14.60 -22.33
CA MET I 446 22.89 -14.12 -23.71
C MET I 446 24.23 -13.48 -24.04
N GLU I 447 24.85 -12.81 -23.07
CA GLU I 447 26.15 -12.27 -23.41
C GLU I 447 27.23 -13.34 -23.42
N ASN I 448 27.07 -14.43 -22.66
CA ASN I 448 28.03 -15.56 -22.71
C ASN I 448 27.97 -16.24 -24.08
N GLN I 449 26.76 -16.56 -24.54
CA GLN I 449 26.56 -17.18 -25.87
C GLN I 449 26.99 -16.18 -26.96
N HIS I 450 26.74 -14.88 -26.75
CA HIS I 450 27.11 -13.90 -27.77
C HIS I 450 28.62 -13.72 -27.87
N THR I 451 29.34 -13.84 -26.76
CA THR I 451 30.79 -13.87 -26.83
C THR I 451 31.28 -15.11 -27.58
N ILE I 452 30.60 -16.24 -27.37
CA ILE I 452 30.96 -17.45 -28.12
C ILE I 452 30.67 -17.29 -29.61
N ASP I 453 29.56 -16.65 -29.97
CA ASP I 453 29.27 -16.40 -31.38
C ASP I 453 30.25 -15.40 -31.97
N LEU I 454 30.72 -14.44 -31.17
CA LEU I 454 31.78 -13.54 -31.63
C LEU I 454 33.07 -14.32 -31.87
N ALA I 455 33.37 -15.28 -31.01
CA ALA I 455 34.55 -16.13 -31.19
C ALA I 455 34.46 -16.93 -32.49
N ASP I 456 33.29 -17.53 -32.74
CA ASP I 456 33.14 -18.30 -33.98
C ASP I 456 33.07 -17.39 -35.20
N SER I 457 32.58 -16.16 -35.03
CA SER I 457 32.59 -15.21 -36.14
C SER I 457 34.01 -14.84 -36.52
N GLU I 458 34.88 -14.66 -35.51
CA GLU I 458 36.30 -14.46 -35.80
C GLU I 458 36.91 -15.69 -36.44
N MET I 459 36.52 -16.88 -35.97
CA MET I 459 37.07 -18.14 -36.50
C MET I 459 36.70 -18.31 -37.97
N ASP I 460 35.43 -18.16 -38.33
CA ASP I 460 35.09 -18.38 -39.72
C ASP I 460 35.36 -17.17 -40.60
N LYS I 461 35.59 -15.97 -40.04
CA LYS I 461 36.08 -14.91 -40.91
C LYS I 461 37.55 -15.14 -41.26
N LEU I 462 38.35 -15.67 -40.34
CA LEU I 462 39.71 -16.08 -40.69
C LEU I 462 39.70 -17.23 -41.70
N TYR I 463 38.81 -18.21 -41.46
CA TYR I 463 38.70 -19.34 -42.37
C TYR I 463 38.21 -18.90 -43.75
N GLU I 464 37.31 -17.92 -43.80
CA GLU I 464 36.80 -17.48 -45.09
C GLU I 464 37.83 -16.63 -45.82
N ARG I 465 38.66 -15.87 -45.09
CA ARG I 465 39.75 -15.14 -45.73
C ARG I 465 40.75 -16.10 -46.37
N VAL I 466 41.20 -17.10 -45.61
CA VAL I 466 42.19 -18.03 -46.14
C VAL I 466 41.57 -18.91 -47.24
N LYS I 467 40.29 -19.28 -47.10
CA LYS I 467 39.67 -20.18 -48.06
C LYS I 467 39.30 -19.47 -49.36
N ARG I 468 38.88 -18.20 -49.30
CA ARG I 468 38.61 -17.48 -50.53
C ARG I 468 39.90 -17.01 -51.20
N GLN I 469 40.96 -16.75 -50.43
CA GLN I 469 42.22 -16.38 -51.08
C GLN I 469 42.99 -17.60 -51.59
N LEU I 470 42.64 -18.80 -51.15
CA LEU I 470 43.24 -20.01 -51.68
C LEU I 470 42.22 -20.79 -52.51
N ARG I 471 42.66 -21.93 -53.05
CA ARG I 471 41.80 -22.69 -53.96
C ARG I 471 42.18 -24.17 -53.83
N GLU I 472 41.84 -24.97 -54.85
CA GLU I 472 41.85 -26.43 -54.79
C GLU I 472 43.24 -27.01 -54.51
N ASN I 473 44.30 -26.30 -54.92
CA ASN I 473 45.66 -26.76 -54.62
C ASN I 473 45.95 -26.69 -53.12
N ALA I 474 45.20 -25.87 -52.39
CA ALA I 474 45.35 -25.69 -50.95
C ALA I 474 44.16 -26.36 -50.27
N GLU I 475 44.38 -27.57 -49.74
CA GLU I 475 43.33 -28.36 -49.13
C GLU I 475 43.81 -28.95 -47.81
N GLU I 476 42.92 -29.02 -46.82
CA GLU I 476 43.26 -29.47 -45.48
C GLU I 476 42.58 -30.80 -45.17
N ASP I 477 43.05 -31.45 -44.08
CA ASP I 477 42.56 -32.76 -43.71
C ASP I 477 42.37 -32.95 -42.20
N GLY I 478 42.35 -31.88 -41.41
CA GLY I 478 42.10 -32.04 -39.99
C GLY I 478 42.85 -31.13 -39.05
N THR I 479 43.98 -30.59 -39.52
CA THR I 479 44.81 -29.68 -38.68
C THR I 479 44.26 -28.25 -38.80
N GLY I 480 43.44 -27.98 -39.81
CA GLY I 480 42.85 -26.65 -40.01
C GLY I 480 43.60 -25.84 -41.05
N CYS I 481 44.84 -26.22 -41.37
CA CYS I 481 45.64 -25.49 -42.38
C CYS I 481 45.71 -26.28 -43.69
N PHE I 482 45.58 -25.57 -44.82
CA PHE I 482 45.57 -26.24 -46.14
C PHE I 482 46.99 -26.66 -46.55
N GLU I 483 47.14 -27.89 -47.07
CA GLU I 483 48.46 -28.36 -47.57
C GLU I 483 48.81 -27.55 -48.83
N ILE I 484 50.05 -27.08 -48.94
CA ILE I 484 50.41 -26.20 -50.05
C ILE I 484 51.19 -27.03 -51.08
N PHE I 485 50.61 -27.22 -52.26
CA PHE I 485 51.24 -28.07 -53.27
C PHE I 485 52.44 -27.38 -53.90
N HIS I 486 52.46 -26.05 -53.93
CA HIS I 486 53.63 -25.31 -54.36
C HIS I 486 54.50 -25.00 -53.14
N LYS I 487 55.48 -24.13 -53.32
CA LYS I 487 56.45 -23.86 -52.26
C LYS I 487 55.84 -22.99 -51.16
N CYS I 488 56.24 -23.27 -49.91
CA CYS I 488 55.94 -22.41 -48.77
C CYS I 488 57.25 -22.23 -48.00
N ASP I 489 57.66 -20.97 -47.85
CA ASP I 489 58.96 -20.65 -47.24
C ASP I 489 58.69 -19.65 -46.13
N ASP I 490 59.75 -18.97 -45.67
CA ASP I 490 59.64 -17.96 -44.62
C ASP I 490 58.78 -16.76 -45.02
N ASP I 491 58.48 -16.58 -46.30
CA ASP I 491 57.55 -15.56 -46.76
C ASP I 491 56.09 -15.92 -46.50
N CYS I 492 55.80 -17.15 -46.07
CA CYS I 492 54.43 -17.54 -45.73
C CYS I 492 53.89 -16.83 -44.49
N MET I 493 54.77 -16.20 -43.69
CA MET I 493 54.30 -15.36 -42.60
C MET I 493 53.63 -14.10 -43.12
N ALA I 494 54.11 -13.55 -44.23
CA ALA I 494 53.51 -12.37 -44.83
C ALA I 494 52.49 -12.70 -45.91
N SER I 495 52.53 -13.91 -46.47
CA SER I 495 51.65 -14.27 -47.58
C SER I 495 50.18 -14.29 -47.13
N ILE I 496 49.90 -14.84 -45.96
CA ILE I 496 48.54 -14.81 -45.45
C ILE I 496 48.25 -13.48 -44.78
N ARG I 497 49.29 -12.82 -44.26
CA ARG I 497 49.09 -11.58 -43.50
C ARG I 497 48.69 -10.43 -44.40
N ASN I 498 49.18 -10.40 -45.64
CA ASN I 498 48.80 -9.33 -46.55
C ASN I 498 47.39 -9.52 -47.09
N ASN I 499 46.85 -10.74 -46.98
CA ASN I 499 45.52 -11.13 -47.47
C ASN I 499 45.37 -10.91 -48.98
N THR I 500 46.49 -10.94 -49.70
CA THR I 500 46.53 -10.68 -51.14
C THR I 500 47.38 -11.73 -51.85
N TYR I 501 47.13 -13.01 -51.55
CA TYR I 501 47.85 -14.07 -52.24
C TYR I 501 47.45 -14.12 -53.71
N ASP I 502 48.42 -14.10 -54.59
CA ASP I 502 48.17 -14.20 -56.03
C ASP I 502 48.32 -15.65 -56.49
N HIS I 503 47.32 -16.14 -57.22
CA HIS I 503 47.34 -17.52 -57.66
C HIS I 503 48.01 -17.67 -59.02
N SER I 504 48.26 -16.55 -59.70
CA SER I 504 48.85 -16.60 -61.03
C SER I 504 50.33 -16.98 -60.97
N LYS I 505 51.02 -16.61 -59.88
CA LYS I 505 52.43 -16.94 -59.76
C LYS I 505 52.62 -18.42 -59.49
N TYR I 506 51.81 -19.01 -58.60
CA TYR I 506 51.86 -20.46 -58.36
C TYR I 506 50.45 -21.03 -58.48
N ARG I 507 50.00 -21.21 -59.72
CA ARG I 507 48.91 -22.12 -60.04
C ARG I 507 49.39 -23.40 -60.71
N GLU I 508 50.28 -23.31 -61.70
CA GLU I 508 50.58 -24.46 -62.56
C GLU I 508 51.42 -25.50 -61.83
N GLU I 509 52.41 -25.05 -61.07
CA GLU I 509 53.27 -25.96 -60.31
C GLU I 509 52.46 -26.71 -59.24
N ALA I 510 51.58 -25.99 -58.55
CA ALA I 510 50.75 -26.61 -57.53
C ALA I 510 49.69 -27.52 -58.13
N MET I 511 49.21 -27.20 -59.35
CA MET I 511 48.29 -28.09 -60.02
C MET I 511 48.98 -29.37 -60.50
N GLN I 512 50.23 -29.26 -60.95
CA GLN I 512 50.96 -30.44 -61.39
C GLN I 512 51.42 -31.30 -60.22
N ASN I 513 51.71 -30.70 -59.07
CA ASN I 513 52.07 -31.48 -57.89
C ASN I 513 50.87 -32.18 -57.29
#